data_9DZV
#
_entry.id   9DZV
#
_cell.length_a   1.00
_cell.length_b   1.00
_cell.length_c   1.00
_cell.angle_alpha   90.00
_cell.angle_beta   90.00
_cell.angle_gamma   90.00
#
_symmetry.space_group_name_H-M   'P 1'
#
loop_
_entity.id
_entity.type
_entity.pdbx_description
1 polymer 'Transcription regulator'
2 polymer 'Phospholipid-transporting ATPase'
3 branched 2-acetamido-2-deoxy-beta-D-glucopyranose-(1-4)-2-acetamido-2-deoxy-beta-D-glucopyranose
4 branched alpha-D-mannopyranose-(1-4)-alpha-D-mannopyranose-(1-6)-[alpha-D-mannopyranose-(1-3)]beta-D-mannopyranose-(1-4)-2-acetamido-2-deoxy-beta-D-glucopyranose-(1-4)-2-acetamido-2-deoxy-beta-D-glucopyranose
5 non-polymer 2-acetamido-2-deoxy-beta-D-glucopyranose
6 non-polymer 'MAGNESIUM ION'
#
loop_
_entity_poly.entity_id
_entity_poly.type
_entity_poly.pdbx_seq_one_letter_code
_entity_poly.pdbx_strand_id
1 'polypeptide(L)'
;MAIFNRKPKARLDGEPAPTEKEKVKWSKRPANTAFKQQRLKAWQPILTPKSVLPTLLIIGIIFAPIGALIVWGSGKVTTI
TLDYTECDVDAPTDGSYQAMPNSAYQYDLATSSSVSESSIASPTWTFSNDSSREVGETARCEIEFEVPYDLGPGLFLYYK
LTNYYQNHRRYSSSFDATQLIGDSRSLSQINGGNCKPITSRDGKPYYPCGLIANSLFNDTFPSVVLLNPTNGAQNQTYNF
SESGIAWGGIKKNYASTLTYISPSDVLPPPNWALKYPNGYVDGFPNLREDEHFQVWMRVAALPTFRKLWARNDGEIMSQG
RYRIVANMNYPVKQFSGTKSIVISTVSWIGGKQPFLGWAYIAAAILCVVLAVAGLIRHLVKPRKLGDMSLLSWNQPNANG
LHHHHHHHHHH
;
B
2 'polypeptide(L)'
;MGASKPPLVPRSKKHNPSWLDRNIVKPLESLAPSKLFARRRSPPVPRSVFINEPLPSEYYDKKGKILRAHHFATNQNVTS
KYTVITFIPKNLFEQFRRVANCFFLAISILQFFPKFSTISPGLVILPLIIVLAITALKDGYEDIKRHQADHRTNHAIVHV
LGGQDYTNQNPMASKDKTFIPAIPLPKRRSKKAKKAEEEAALNMQGRSSSTENFAAEPVPGAEPRGQDELQRMRSQVSNW
DEDPEAGDSPGELGWHRTIWEDVKVGDFVKIYENEQFPADIVICATSEEEDVAYIETKNLDGETNLKSRNGVPGLSHLNT
AEACAKAHLCIDLDAPESNMFRLNGAVINLEEYDEDEQHPIHPITLETTMLRGCVLKNTAWVIGIIVYTGEDTKIIRNAG
ATPSKRSKVEKQMNPQVIINLVILAAIAVVCAIVDHVNEVEWDRQQAYWMLFADTSGDNPNINGLVTFANAFITFQNIVP
ISLYISIEAVRTIQAAFIYWDRDIKYKKDGVTTRTTARSWNLSDDLGQIEYIFSDKTGTLTQNAMIFRQCSVGGKIYTGD
GLPPSHPTITHQHQPPPVHQHDDQDDPIAKSASESDDSDPKKISTEDPDEIKVTLPKEVLATFHDAELDKDLEAHDSEQS
RILHGFFAVLGLCHTVLAAETEPGVIEYKAQSPDEAALVQSAADVGFVFRGRDHNILRMSTPFSDVSDEYELLHVLEFNS
ARKRMSVILRKLDEDGRIFLLCKGADNVIFERLTKDSNQREMREKTDQDLQYFASEGLRTLCLAYRILDPQVYEQWAKEY
HNATVALQDREERIESVSSSIERDLILLGATAIEDKLQDGVPDTISDLKRAGIKVWVATGDKLETAVAIGYTTNLLTKDT
NLIVVREGRHSIGDQLREALEEFFGEDAGLRTTLSRIDSRRNSMDPPRLTRVNTGVRSLVGRDNGTRPGGFSLVIEGHAL
AHCFDDEETEALLLALSTRCNTVICCRVSPLQKAQIVHLIKDNLGVMCLAIGDGANDVSMIQAADVGVGISGEEGLQAVN
SSDYAIAQFRYLKRLLLVHGHWSYFRNSSMILNFFYKNIIGIGVLFWFMIYCGWSTTYVFAYVYLLFWNVFWTLVPVIAI
GLFDRNIDDETLMALPELYRASREGKYFGLMRFAYYIFEGVYQSAVIYFFLNYTYVTTTARGDGYDVYMYEMSTTQAIGA
VMVANLFSGLNIDAWTGWVWFAIWFGPFLIWVFTAVYSVIPPSSFYTGVYGNDVFLFRSAAYWFGWPFVTIIALLPRYLI
KTFRQNIFPNDVDTMRLVRKYHPEVDLYNHPMLGGKLAPKKDEDESDYGEEPFDGPEGRRSSIKMANLRHSHGAFGRGDQ
AGDMELGMGRKSLGNRPGLRSSMDSSRFGIHSGARGSTVDMSTGLEQPPSRGFGFTMEEGGVAIQRMQSRLSQTSSHASR
SRWPRFNNNSSSSHPFETKPPSSMSKLRSRAGSILTRKRADTTDTRNSDDKSLSSPVKTGFFGRHMPGQNHGQHEGRSMG
TPLKSETGRGDNWEEEELEDESLGRGFGVGQNMAPPEIPRMDYKDDDDKI
;
A
#
loop_
_chem_comp.id
_chem_comp.type
_chem_comp.name
_chem_comp.formula
BMA D-saccharide, beta linking beta-D-mannopyranose 'C6 H12 O6'
MAN D-saccharide, alpha linking alpha-D-mannopyranose 'C6 H12 O6'
MG non-polymer 'MAGNESIUM ION' 'Mg 2'
NAG D-saccharide, beta linking 2-acetamido-2-deoxy-beta-D-glucopyranose 'C8 H15 N O6'
#
# COMPACT_ATOMS: atom_id res chain seq x y z
N THR A 48 32.87 -1.97 1.64
CA THR A 48 34.25 -1.51 1.55
C THR A 48 35.15 -2.30 2.50
N PRO A 49 36.31 -2.72 2.00
CA PRO A 49 37.23 -3.47 2.87
C PRO A 49 37.68 -2.69 4.10
N LYS A 50 37.86 -1.37 3.95
CA LYS A 50 38.30 -0.54 5.06
C LYS A 50 37.29 -0.48 6.19
N SER A 51 36.03 -0.83 5.91
CA SER A 51 35.00 -0.84 6.94
C SER A 51 34.61 -2.24 7.40
N VAL A 52 35.06 -3.29 6.72
CA VAL A 52 34.71 -4.64 7.08
C VAL A 52 35.87 -5.41 7.72
N LEU A 53 37.10 -5.17 7.29
CA LEU A 53 38.22 -5.88 7.93
C LEU A 53 38.53 -5.32 9.31
N PRO A 54 38.70 -4.00 9.47
CA PRO A 54 38.92 -3.48 10.83
C PRO A 54 37.79 -3.79 11.79
N THR A 55 36.55 -3.79 11.31
CA THR A 55 35.42 -4.11 12.18
C THR A 55 35.52 -5.54 12.71
N LEU A 56 35.79 -6.50 11.82
CA LEU A 56 35.93 -7.88 12.25
C LEU A 56 37.12 -8.05 13.19
N LEU A 57 38.23 -7.38 12.89
CA LEU A 57 39.40 -7.50 13.74
C LEU A 57 39.11 -6.96 15.14
N ILE A 58 38.44 -5.81 15.23
CA ILE A 58 38.10 -5.24 16.54
C ILE A 58 37.12 -6.15 17.27
N ILE A 59 36.15 -6.72 16.54
CA ILE A 59 35.17 -7.59 17.17
C ILE A 59 35.85 -8.82 17.76
N GLY A 60 36.79 -9.41 17.03
CA GLY A 60 37.53 -10.55 17.56
C GLY A 60 38.40 -10.18 18.75
N ILE A 61 39.10 -9.04 18.66
CA ILE A 61 39.97 -8.61 19.74
C ILE A 61 39.17 -8.30 21.00
N ILE A 62 37.91 -7.92 20.85
CA ILE A 62 37.07 -7.70 22.01
C ILE A 62 36.48 -9.01 22.52
N PHE A 63 36.11 -9.91 21.60
CA PHE A 63 35.45 -11.15 22.00
C PHE A 63 36.38 -12.07 22.76
N ALA A 64 37.65 -12.17 22.34
CA ALA A 64 38.55 -13.14 22.97
C ALA A 64 38.72 -12.91 24.47
N PRO A 65 39.02 -11.69 24.97
CA PRO A 65 39.14 -11.53 26.42
C PRO A 65 37.86 -11.80 27.19
N ILE A 66 36.71 -11.43 26.63
CA ILE A 66 35.44 -11.68 27.31
C ILE A 66 35.19 -13.18 27.44
N GLY A 67 35.42 -13.92 26.36
CA GLY A 67 35.28 -15.36 26.42
C GLY A 67 36.24 -16.00 27.40
N ALA A 68 37.49 -15.52 27.41
CA ALA A 68 38.47 -16.05 28.36
C ALA A 68 38.03 -15.79 29.80
N LEU A 69 37.53 -14.58 30.08
CA LEU A 69 37.07 -14.26 31.42
C LEU A 69 35.89 -15.13 31.83
N ILE A 70 34.93 -15.34 30.93
CA ILE A 70 33.78 -16.16 31.26
C ILE A 70 34.21 -17.61 31.51
N VAL A 71 35.10 -18.14 30.67
CA VAL A 71 35.57 -19.51 30.86
C VAL A 71 36.31 -19.65 32.18
N TRP A 72 37.16 -18.67 32.51
CA TRP A 72 37.89 -18.72 33.78
C TRP A 72 36.93 -18.67 34.98
N GLY A 73 35.95 -17.77 34.92
CA GLY A 73 34.99 -17.68 36.02
C GLY A 73 34.17 -18.95 36.17
N SER A 74 33.78 -19.57 35.07
CA SER A 74 33.06 -20.84 35.14
C SER A 74 33.97 -21.94 35.68
N GLY A 75 35.25 -21.92 35.30
CA GLY A 75 36.18 -22.90 35.81
C GLY A 75 36.40 -22.81 37.30
N LYS A 76 36.35 -21.59 37.86
CA LYS A 76 36.50 -21.45 39.29
C LYS A 76 35.20 -21.73 40.03
N VAL A 77 34.56 -22.87 39.72
CA VAL A 77 33.30 -23.28 40.34
C VAL A 77 33.33 -24.79 40.51
N THR A 78 32.84 -25.28 41.64
CA THR A 78 32.70 -26.70 41.91
C THR A 78 31.23 -27.10 41.86
N THR A 79 30.98 -28.33 41.42
CA THR A 79 29.62 -28.85 41.35
C THR A 79 29.65 -30.36 41.58
N ILE A 80 28.84 -30.83 42.52
CA ILE A 80 28.69 -32.25 42.83
C ILE A 80 27.23 -32.62 42.61
N THR A 81 26.99 -33.59 41.75
CA THR A 81 25.65 -34.04 41.42
C THR A 81 25.47 -35.48 41.90
N LEU A 82 24.40 -35.73 42.64
CA LEU A 82 24.09 -37.05 43.16
C LEU A 82 22.65 -37.40 42.82
N ASP A 83 22.44 -38.53 42.15
CA ASP A 83 21.12 -38.99 41.75
C ASP A 83 20.61 -39.98 42.79
N TYR A 84 19.45 -39.69 43.38
CA TYR A 84 18.87 -40.52 44.42
C TYR A 84 17.47 -41.01 44.06
N THR A 85 17.13 -40.98 42.77
CA THR A 85 15.79 -41.41 42.35
C THR A 85 15.62 -42.91 42.50
N GLU A 86 16.59 -43.69 42.02
CA GLU A 86 16.53 -45.15 42.08
C GLU A 86 17.06 -45.70 43.40
N CYS A 87 17.10 -44.88 44.45
CA CYS A 87 17.53 -45.32 45.76
C CYS A 87 16.52 -46.23 46.43
N ASP A 88 15.28 -46.32 45.91
CA ASP A 88 14.26 -47.14 46.53
C ASP A 88 14.47 -48.62 46.24
N VAL A 89 14.95 -48.96 45.04
CA VAL A 89 15.01 -50.34 44.60
C VAL A 89 16.43 -50.90 44.61
N ASP A 90 17.46 -50.06 44.38
CA ASP A 90 18.82 -50.57 44.25
C ASP A 90 19.64 -50.43 45.52
N ALA A 91 19.36 -49.44 46.36
CA ALA A 91 20.14 -49.24 47.56
C ALA A 91 19.93 -50.42 48.53
N PRO A 92 20.93 -50.74 49.35
CA PRO A 92 20.78 -51.85 50.30
C PRO A 92 19.85 -51.44 51.44
N THR A 93 18.90 -52.32 51.75
CA THR A 93 17.84 -52.05 52.71
C THR A 93 18.07 -52.79 54.02
N ASP A 94 19.32 -52.89 54.44
CA ASP A 94 19.65 -53.57 55.70
C ASP A 94 20.38 -52.68 56.70
N GLY A 95 21.19 -51.74 56.24
CA GLY A 95 21.92 -50.87 57.14
C GLY A 95 23.35 -50.64 56.66
N SER A 96 23.79 -51.48 55.72
CA SER A 96 25.12 -51.34 55.15
C SER A 96 25.09 -50.33 54.01
N TYR A 97 26.18 -50.23 53.26
CA TYR A 97 26.30 -49.32 52.14
C TYR A 97 26.78 -50.06 50.90
N GLN A 98 26.43 -49.51 49.74
CA GLN A 98 26.88 -50.05 48.46
C GLN A 98 27.26 -48.88 47.56
N ALA A 99 28.35 -49.05 46.83
CA ALA A 99 28.82 -47.99 45.93
C ALA A 99 27.77 -47.68 44.89
N MET A 100 27.51 -46.39 44.69
CA MET A 100 26.48 -45.97 43.75
C MET A 100 26.89 -46.30 42.32
N PRO A 101 25.93 -46.52 41.43
CA PRO A 101 26.27 -46.77 40.03
C PRO A 101 27.01 -45.58 39.43
N ASN A 102 27.87 -45.87 38.44
CA ASN A 102 28.70 -44.82 37.85
C ASN A 102 27.84 -43.74 37.21
N SER A 103 26.77 -44.13 36.53
CA SER A 103 25.87 -43.15 35.91
C SER A 103 24.82 -42.66 36.91
N ALA A 104 25.27 -42.28 38.09
CA ALA A 104 24.43 -41.68 39.11
C ALA A 104 25.02 -40.39 39.66
N TYR A 105 26.34 -40.31 39.80
CA TYR A 105 27.02 -39.17 40.37
C TYR A 105 27.95 -38.55 39.34
N GLN A 106 28.01 -37.22 39.32
CA GLN A 106 28.88 -36.49 38.43
C GLN A 106 29.63 -35.42 39.22
N TYR A 107 30.94 -35.38 39.06
CA TYR A 107 31.80 -34.41 39.72
C TYR A 107 32.29 -33.39 38.70
N ASP A 108 32.07 -32.11 39.00
CA ASP A 108 32.54 -31.01 38.17
C ASP A 108 33.48 -30.16 39.03
N LEU A 109 34.76 -30.53 39.05
CA LEU A 109 35.73 -29.86 39.89
C LEU A 109 36.25 -28.58 39.22
N ALA A 110 36.92 -27.77 40.01
CA ALA A 110 37.48 -26.52 39.52
C ALA A 110 38.74 -26.78 38.71
N THR A 111 39.12 -25.79 37.90
CA THR A 111 40.32 -25.91 37.08
C THR A 111 41.58 -25.94 37.94
N SER A 112 41.62 -25.13 39.00
CA SER A 112 42.80 -25.05 39.84
C SER A 112 42.99 -26.28 40.72
N SER A 113 41.98 -27.14 40.86
CA SER A 113 42.11 -28.32 41.70
C SER A 113 43.00 -29.35 41.02
N SER A 114 43.99 -29.85 41.77
CA SER A 114 44.89 -30.86 41.24
C SER A 114 44.30 -32.26 41.26
N VAL A 115 43.23 -32.48 42.02
CA VAL A 115 42.66 -33.82 42.14
C VAL A 115 41.92 -34.16 40.85
N SER A 116 42.23 -35.33 40.29
CA SER A 116 41.57 -35.78 39.07
C SER A 116 40.19 -36.37 39.39
N GLU A 117 39.34 -36.41 38.37
CA GLU A 117 37.99 -36.92 38.55
C GLU A 117 38.00 -38.40 38.91
N SER A 118 38.87 -39.18 38.28
CA SER A 118 38.93 -40.61 38.54
C SER A 118 39.55 -40.95 39.89
N SER A 119 40.12 -39.96 40.58
CA SER A 119 40.74 -40.18 41.88
C SER A 119 39.77 -40.01 43.03
N ILE A 120 38.49 -39.75 42.74
CA ILE A 120 37.48 -39.55 43.78
C ILE A 120 36.79 -40.89 44.04
N ALA A 121 36.70 -41.27 45.31
CA ALA A 121 36.06 -42.51 45.67
C ALA A 121 34.58 -42.48 45.29
N SER A 122 34.07 -43.62 44.85
CA SER A 122 32.68 -43.71 44.42
C SER A 122 31.76 -43.52 45.61
N PRO A 123 30.76 -42.65 45.52
CA PRO A 123 29.82 -42.48 46.64
C PRO A 123 29.00 -43.74 46.88
N THR A 124 28.58 -43.90 48.13
CA THR A 124 27.76 -45.02 48.55
C THR A 124 26.42 -44.52 49.07
N TRP A 125 25.46 -45.43 49.20
CA TRP A 125 24.12 -45.06 49.62
C TRP A 125 23.48 -46.20 50.40
N THR A 126 22.41 -45.86 51.12
CA THR A 126 21.61 -46.84 51.83
C THR A 126 20.17 -46.37 51.84
N PHE A 127 19.25 -47.33 51.97
CA PHE A 127 17.82 -47.07 51.99
C PHE A 127 17.21 -47.57 53.29
N SER A 128 16.32 -46.75 53.86
CA SER A 128 15.61 -47.11 55.08
C SER A 128 14.15 -46.71 54.94
N ASN A 129 13.25 -47.66 55.20
CA ASN A 129 11.80 -47.42 55.15
C ASN A 129 11.21 -48.05 56.41
N ASP A 130 11.13 -47.26 57.48
CA ASP A 130 10.55 -47.70 58.75
C ASP A 130 9.37 -46.81 59.08
N SER A 131 8.20 -47.43 59.23
CA SER A 131 6.95 -46.69 59.45
C SER A 131 6.74 -46.42 60.94
N SER A 132 7.73 -45.75 61.54
CA SER A 132 7.64 -45.37 62.94
C SER A 132 8.07 -43.93 63.18
N ARG A 133 8.12 -43.11 62.14
CA ARG A 133 8.50 -41.72 62.24
C ARG A 133 7.37 -40.84 61.70
N GLU A 134 7.59 -39.53 61.75
CA GLU A 134 6.56 -38.59 61.33
C GLU A 134 6.34 -38.65 59.82
N VAL A 135 5.18 -38.15 59.40
CA VAL A 135 4.84 -38.15 57.98
C VAL A 135 5.77 -37.20 57.24
N GLY A 136 6.28 -37.66 56.10
CA GLY A 136 7.24 -36.91 55.31
C GLY A 136 8.67 -37.35 55.51
N GLU A 137 8.97 -38.05 56.60
CA GLU A 137 10.29 -38.64 56.84
C GLU A 137 10.07 -40.10 57.21
N THR A 138 9.92 -40.95 56.19
CA THR A 138 9.74 -42.37 56.42
C THR A 138 10.67 -43.16 55.51
N ALA A 139 10.97 -42.60 54.34
CA ALA A 139 11.86 -43.23 53.37
C ALA A 139 13.09 -42.33 53.23
N ARG A 140 14.11 -42.61 54.03
CA ARG A 140 15.35 -41.84 54.01
C ARG A 140 16.37 -42.54 53.12
N CYS A 141 16.96 -41.77 52.20
CA CYS A 141 18.06 -42.23 51.38
C CYS A 141 19.30 -41.45 51.78
N GLU A 142 20.27 -42.14 52.39
CA GLU A 142 21.49 -41.51 52.86
C GLU A 142 22.59 -41.75 51.84
N ILE A 143 23.16 -40.67 51.33
CA ILE A 143 24.22 -40.72 50.33
C ILE A 143 25.50 -40.19 50.96
N GLU A 144 26.56 -41.00 50.92
CA GLU A 144 27.87 -40.59 51.40
C GLU A 144 28.73 -40.20 50.20
N PHE A 145 29.16 -38.94 50.18
CA PHE A 145 29.96 -38.42 49.08
C PHE A 145 31.20 -37.75 49.63
N GLU A 146 32.26 -37.75 48.82
CA GLU A 146 33.55 -37.22 49.21
C GLU A 146 33.86 -35.94 48.44
N VAL A 147 34.26 -34.91 49.15
CA VAL A 147 34.63 -33.63 48.55
C VAL A 147 36.16 -33.60 48.41
N PRO A 148 36.69 -33.53 47.18
CA PRO A 148 38.14 -33.65 47.03
C PRO A 148 38.94 -32.46 47.54
N TYR A 149 38.40 -31.25 47.45
CA TYR A 149 39.12 -30.06 47.87
C TYR A 149 38.18 -29.10 48.55
N ASP A 150 38.74 -28.22 49.38
CA ASP A 150 37.96 -27.30 50.17
C ASP A 150 37.14 -26.38 49.27
N LEU A 151 35.82 -26.50 49.38
CA LEU A 151 34.92 -25.62 48.63
C LEU A 151 34.86 -24.27 49.33
N GLY A 152 35.00 -23.20 48.54
CA GLY A 152 35.07 -21.87 49.08
C GLY A 152 33.76 -21.42 49.70
N PRO A 153 33.78 -20.28 50.39
CA PRO A 153 32.57 -19.78 51.02
C PRO A 153 31.51 -19.42 49.98
N GLY A 154 30.25 -19.55 50.38
CA GLY A 154 29.15 -19.32 49.46
C GLY A 154 28.77 -20.59 48.73
N LEU A 155 28.45 -21.63 49.47
CA LEU A 155 28.08 -22.92 48.91
C LEU A 155 26.56 -23.07 48.90
N PHE A 156 26.02 -23.50 47.77
CA PHE A 156 24.58 -23.59 47.57
C PHE A 156 24.17 -25.03 47.31
N LEU A 157 22.95 -25.37 47.72
CA LEU A 157 22.40 -26.71 47.54
C LEU A 157 21.14 -26.62 46.69
N TYR A 158 21.08 -27.43 45.64
CA TYR A 158 19.96 -27.45 44.71
C TYR A 158 19.43 -28.86 44.57
N TYR A 159 18.17 -28.98 44.16
CA TYR A 159 17.60 -30.24 43.75
C TYR A 159 17.21 -30.15 42.28
N LYS A 160 17.66 -31.13 41.50
CA LYS A 160 17.49 -31.11 40.05
C LYS A 160 16.44 -32.13 39.64
N LEU A 161 15.46 -31.69 38.84
CA LEU A 161 14.43 -32.56 38.31
C LEU A 161 14.56 -32.66 36.81
N THR A 162 14.38 -33.87 36.28
CA THR A 162 14.45 -34.13 34.86
C THR A 162 13.10 -34.61 34.35
N ASN A 163 12.79 -34.26 33.10
CA ASN A 163 11.52 -34.61 32.46
C ASN A 163 10.33 -34.10 33.26
N TYR A 164 10.47 -32.94 33.89
CA TYR A 164 9.40 -32.29 34.63
C TYR A 164 9.02 -31.02 33.89
N TYR A 165 7.83 -31.00 33.30
CA TYR A 165 7.42 -29.92 32.41
C TYR A 165 6.60 -28.91 33.19
N GLN A 166 7.30 -28.07 33.97
CA GLN A 166 6.65 -26.93 34.59
C GLN A 166 6.24 -25.89 33.56
N ASN A 167 6.87 -25.89 32.39
CA ASN A 167 6.60 -24.90 31.36
C ASN A 167 5.40 -25.26 30.51
N HIS A 168 4.75 -26.40 30.75
CA HIS A 168 3.59 -26.79 29.97
C HIS A 168 2.47 -25.78 30.16
N ARG A 169 1.64 -25.63 29.12
CA ARG A 169 0.57 -24.63 29.17
C ARG A 169 -0.43 -24.93 30.29
N ARG A 170 -0.77 -26.21 30.47
CA ARG A 170 -1.69 -26.58 31.54
C ARG A 170 -1.13 -26.29 32.92
N TYR A 171 0.19 -26.12 33.03
CA TYR A 171 0.86 -25.96 34.31
C TYR A 171 1.37 -24.54 34.56
N SER A 172 1.89 -23.87 33.54
CA SER A 172 2.54 -22.58 33.75
C SER A 172 1.56 -21.54 34.27
N SER A 173 0.36 -21.49 33.70
CA SER A 173 -0.64 -20.50 34.08
C SER A 173 -1.60 -21.00 35.14
N SER A 174 -1.39 -22.20 35.68
CA SER A 174 -2.33 -22.82 36.60
C SER A 174 -2.07 -22.32 38.02
N PHE A 175 -2.36 -21.05 38.23
CA PHE A 175 -2.30 -20.46 39.57
C PHE A 175 -3.14 -19.19 39.57
N ASP A 176 -3.72 -18.89 40.73
CA ASP A 176 -4.56 -17.71 40.90
C ASP A 176 -3.76 -16.67 41.67
N ALA A 177 -3.36 -15.59 40.97
CA ALA A 177 -2.57 -14.56 41.61
C ALA A 177 -3.34 -13.84 42.71
N THR A 178 -4.62 -13.56 42.47
CA THR A 178 -5.40 -12.77 43.42
C THR A 178 -5.74 -13.57 44.68
N GLN A 179 -5.93 -14.88 44.56
CA GLN A 179 -6.11 -15.70 45.76
C GLN A 179 -4.84 -15.75 46.58
N LEU A 180 -3.68 -15.85 45.91
CA LEU A 180 -2.41 -15.94 46.63
C LEU A 180 -2.07 -14.61 47.30
N ILE A 181 -2.40 -13.49 46.65
CA ILE A 181 -2.14 -12.18 47.26
C ILE A 181 -3.06 -11.90 48.44
N GLY A 182 -4.12 -12.68 48.61
CA GLY A 182 -4.97 -12.58 49.77
C GLY A 182 -6.18 -11.67 49.63
N ASP A 183 -6.40 -11.10 48.45
CA ASP A 183 -7.57 -10.25 48.25
C ASP A 183 -8.84 -11.10 48.31
N SER A 184 -9.95 -10.44 48.70
CA SER A 184 -11.22 -11.14 48.84
C SER A 184 -11.79 -11.50 47.48
N ARG A 185 -11.53 -12.72 47.03
CA ARG A 185 -12.02 -13.20 45.74
C ARG A 185 -13.14 -14.21 45.97
N SER A 186 -14.27 -13.99 45.32
CA SER A 186 -15.45 -14.83 45.54
C SER A 186 -15.24 -16.22 44.96
N LEU A 187 -16.09 -17.15 45.40
CA LEU A 187 -15.99 -18.54 44.97
C LEU A 187 -16.23 -18.66 43.47
N SER A 188 -17.19 -17.91 42.93
CA SER A 188 -17.46 -17.97 41.49
C SER A 188 -16.25 -17.50 40.70
N GLN A 189 -15.55 -16.48 41.20
CA GLN A 189 -14.34 -16.02 40.54
C GLN A 189 -13.23 -17.08 40.60
N ILE A 190 -13.16 -17.82 41.70
CA ILE A 190 -12.21 -18.92 41.78
C ILE A 190 -12.53 -19.98 40.75
N ASN A 191 -13.83 -20.30 40.59
CA ASN A 191 -14.22 -21.26 39.56
C ASN A 191 -13.87 -20.73 38.17
N GLY A 192 -14.02 -19.43 37.95
CA GLY A 192 -13.70 -18.82 36.68
C GLY A 192 -12.27 -18.33 36.54
N GLY A 193 -11.41 -18.60 37.51
CA GLY A 193 -10.03 -18.15 37.46
C GLY A 193 -9.15 -19.08 36.65
N ASN A 194 -7.85 -18.80 36.70
CA ASN A 194 -6.87 -19.59 35.96
C ASN A 194 -6.61 -20.95 36.61
N CYS A 195 -7.11 -21.17 37.83
CA CYS A 195 -7.01 -22.47 38.50
C CYS A 195 -8.07 -23.43 37.96
N LYS A 196 -8.03 -23.64 36.64
CA LYS A 196 -9.08 -24.42 35.97
C LYS A 196 -9.16 -25.86 36.44
N PRO A 197 -8.08 -26.64 36.50
CA PRO A 197 -8.26 -28.07 36.84
C PRO A 197 -8.55 -28.32 38.30
N ILE A 198 -7.95 -27.54 39.20
CA ILE A 198 -8.12 -27.71 40.64
C ILE A 198 -8.64 -26.39 41.18
N THR A 199 -9.97 -26.25 41.26
CA THR A 199 -10.59 -25.01 41.68
C THR A 199 -11.34 -25.14 43.00
N SER A 200 -12.30 -26.06 43.11
CA SER A 200 -13.09 -26.21 44.32
C SER A 200 -13.83 -27.53 44.25
N ARG A 201 -14.31 -27.99 45.40
CA ARG A 201 -15.13 -29.18 45.49
C ARG A 201 -16.07 -29.05 46.66
N ASP A 202 -17.35 -29.36 46.44
CA ASP A 202 -18.40 -29.28 47.46
C ASP A 202 -18.51 -27.88 48.04
N GLY A 203 -18.26 -26.85 47.22
CA GLY A 203 -18.40 -25.49 47.66
C GLY A 203 -17.28 -24.98 48.56
N LYS A 204 -16.19 -25.71 48.68
CA LYS A 204 -15.05 -25.31 49.51
C LYS A 204 -13.82 -25.11 48.63
N PRO A 205 -13.49 -23.88 48.26
CA PRO A 205 -12.34 -23.66 47.38
C PRO A 205 -11.02 -23.97 48.07
N TYR A 206 -10.04 -24.37 47.27
CA TYR A 206 -8.70 -24.61 47.77
C TYR A 206 -7.96 -23.28 47.92
N TYR A 207 -7.20 -23.15 49.01
CA TYR A 207 -6.38 -21.94 49.17
C TYR A 207 -5.26 -21.91 48.13
N PRO A 208 -4.28 -22.84 48.13
CA PRO A 208 -3.37 -22.92 46.98
C PRO A 208 -4.00 -23.77 45.89
N CYS A 209 -4.46 -23.13 44.83
CA CYS A 209 -5.15 -23.85 43.77
C CYS A 209 -4.21 -24.04 42.58
N GLY A 210 -4.75 -24.57 41.50
CA GLY A 210 -3.96 -24.80 40.31
C GLY A 210 -3.11 -26.04 40.44
N LEU A 211 -2.29 -26.25 39.40
CA LEU A 211 -1.42 -27.43 39.35
C LEU A 211 -0.05 -27.18 39.95
N ILE A 212 0.42 -25.93 39.96
CA ILE A 212 1.75 -25.65 40.49
C ILE A 212 1.78 -25.91 41.99
N ALA A 213 0.79 -25.39 42.72
CA ALA A 213 0.78 -25.56 44.17
C ALA A 213 0.51 -27.00 44.57
N ASN A 214 -0.29 -27.72 43.79
CA ASN A 214 -0.63 -29.10 44.12
C ASN A 214 0.60 -30.01 44.04
N SER A 215 1.56 -29.68 43.19
CA SER A 215 2.75 -30.50 42.97
C SER A 215 3.97 -29.95 43.67
N LEU A 216 3.79 -29.38 44.86
CA LEU A 216 4.92 -28.84 45.60
C LEU A 216 5.90 -29.96 45.96
N PHE A 217 7.19 -29.68 45.76
CA PHE A 217 8.24 -30.65 46.04
C PHE A 217 8.31 -30.92 47.53
N ASN A 218 7.86 -32.09 47.95
CA ASN A 218 7.82 -32.46 49.37
C ASN A 218 8.95 -33.40 49.76
N ASP A 219 10.12 -33.20 49.16
CA ASP A 219 11.31 -34.00 49.45
C ASP A 219 12.34 -33.09 50.11
N THR A 220 12.83 -33.49 51.27
CA THR A 220 13.71 -32.65 52.07
C THR A 220 15.04 -33.36 52.34
N PHE A 221 16.07 -32.55 52.59
CA PHE A 221 17.41 -33.04 52.90
C PHE A 221 17.90 -32.36 54.17
N PRO A 222 17.37 -32.74 55.33
CA PRO A 222 17.68 -31.97 56.55
C PRO A 222 18.96 -32.42 57.26
N SER A 223 20.02 -32.70 56.50
CA SER A 223 21.34 -32.95 57.09
C SER A 223 22.42 -33.05 56.03
N VAL A 224 23.55 -32.38 56.26
CA VAL A 224 24.79 -32.61 55.50
C VAL A 224 25.92 -32.61 56.52
N VAL A 225 26.36 -33.79 56.94
CA VAL A 225 27.25 -33.95 58.08
C VAL A 225 28.63 -34.40 57.59
N LEU A 226 29.67 -33.77 58.12
CA LEU A 226 31.04 -34.19 57.85
C LEU A 226 31.39 -35.37 58.74
N LEU A 227 31.74 -36.49 58.11
CA LEU A 227 31.98 -37.73 58.84
C LEU A 227 33.40 -37.88 59.37
N ASN A 228 34.31 -36.99 58.99
CA ASN A 228 35.71 -37.07 59.44
C ASN A 228 36.31 -35.68 59.48
N PRO A 229 35.97 -34.89 60.51
CA PRO A 229 36.59 -33.57 60.64
C PRO A 229 37.95 -33.65 61.33
N THR A 230 38.55 -32.49 61.62
CA THR A 230 39.87 -32.43 62.23
C THR A 230 39.85 -32.05 63.70
N ASN A 231 38.95 -31.18 64.13
CA ASN A 231 38.93 -30.67 65.51
C ASN A 231 37.99 -31.50 66.38
N GLY A 232 38.26 -32.81 66.43
CA GLY A 232 37.40 -33.68 67.20
C GLY A 232 36.01 -33.73 66.61
N ALA A 233 35.02 -34.02 67.47
CA ALA A 233 33.60 -33.98 67.09
C ALA A 233 33.35 -34.88 65.87
N GLN A 234 33.49 -36.19 66.11
CA GLN A 234 33.60 -37.21 65.09
C GLN A 234 32.65 -37.00 63.91
N ASN A 235 31.49 -36.38 64.15
CA ASN A 235 30.62 -35.95 63.07
C ASN A 235 30.28 -34.48 63.26
N GLN A 236 30.51 -33.68 62.23
CA GLN A 236 30.20 -32.26 62.23
C GLN A 236 29.19 -31.97 61.13
N THR A 237 28.13 -31.25 61.48
CA THR A 237 27.06 -30.94 60.54
C THR A 237 27.39 -29.65 59.81
N TYR A 238 27.44 -29.72 58.47
CA TYR A 238 27.61 -28.53 57.65
C TYR A 238 26.27 -27.81 57.57
N ASN A 239 26.14 -26.71 58.32
CA ASN A 239 24.83 -26.10 58.55
C ASN A 239 24.33 -25.42 57.29
N PHE A 240 23.28 -25.99 56.69
CA PHE A 240 22.57 -25.35 55.60
C PHE A 240 21.37 -24.59 56.15
N SER A 241 21.18 -23.36 55.68
CA SER A 241 20.10 -22.51 56.14
C SER A 241 19.01 -22.45 55.08
N GLU A 242 17.78 -22.79 55.47
CA GLU A 242 16.64 -22.79 54.57
C GLU A 242 15.99 -21.41 54.46
N SER A 243 16.70 -20.36 54.86
CA SER A 243 16.23 -18.99 54.71
C SER A 243 17.11 -18.27 53.71
N GLY A 244 16.50 -17.35 52.97
CA GLY A 244 17.19 -16.68 51.89
C GLY A 244 17.24 -17.47 50.60
N ILE A 245 16.54 -18.60 50.53
CA ILE A 245 16.52 -19.40 49.31
C ILE A 245 15.93 -18.59 48.15
N ALA A 246 14.82 -17.91 48.41
CA ALA A 246 14.15 -17.09 47.42
C ALA A 246 14.44 -15.62 47.67
N TRP A 247 14.43 -14.84 46.59
CA TRP A 247 14.64 -13.40 46.72
C TRP A 247 13.51 -12.78 47.53
N GLY A 248 13.84 -11.72 48.26
CA GLY A 248 12.86 -11.10 49.13
C GLY A 248 11.88 -10.20 48.40
N GLY A 249 11.42 -10.65 47.24
CA GLY A 249 10.41 -9.92 46.49
C GLY A 249 9.32 -10.85 46.02
N ILE A 250 9.54 -12.15 46.15
CA ILE A 250 8.50 -13.12 45.80
C ILE A 250 7.54 -13.32 46.96
N LYS A 251 8.00 -13.08 48.19
CA LYS A 251 7.12 -13.23 49.36
C LYS A 251 6.02 -12.20 49.38
N LYS A 252 6.19 -11.08 48.65
CA LYS A 252 5.16 -10.04 48.66
C LYS A 252 3.89 -10.52 47.96
N ASN A 253 4.02 -11.25 46.86
CA ASN A 253 2.87 -11.70 46.10
C ASN A 253 2.24 -12.97 46.65
N TYR A 254 2.53 -13.33 47.90
CA TYR A 254 1.84 -14.40 48.60
C TYR A 254 1.42 -13.90 49.97
N ALA A 255 0.15 -14.10 50.30
CA ALA A 255 -0.39 -13.65 51.58
C ALA A 255 -0.18 -14.72 52.65
N SER A 256 -0.06 -14.26 53.89
CA SER A 256 0.15 -15.19 55.00
C SER A 256 -1.15 -15.86 55.42
N THR A 257 -2.13 -15.05 55.84
CA THR A 257 -3.41 -15.57 56.31
C THR A 257 -4.54 -14.84 55.59
N LEU A 258 -5.49 -15.60 55.06
CA LEU A 258 -6.67 -15.03 54.43
C LEU A 258 -7.70 -14.64 55.49
N THR A 259 -8.41 -13.55 55.23
CA THR A 259 -9.31 -12.96 56.22
C THR A 259 -10.79 -13.08 55.88
N TYR A 260 -11.13 -13.31 54.62
CA TYR A 260 -12.53 -13.32 54.20
C TYR A 260 -13.15 -14.72 54.26
N ILE A 261 -12.37 -15.76 54.58
CA ILE A 261 -12.87 -17.11 54.73
C ILE A 261 -12.39 -17.65 56.06
N SER A 262 -13.28 -18.30 56.80
CA SER A 262 -12.88 -18.97 58.02
C SER A 262 -11.96 -20.15 57.69
N PRO A 263 -11.02 -20.48 58.58
CA PRO A 263 -10.09 -21.58 58.27
C PRO A 263 -10.70 -22.95 58.43
N SER A 264 -11.93 -23.12 57.96
CA SER A 264 -12.55 -24.43 57.86
C SER A 264 -13.32 -24.64 56.56
N ASP A 265 -13.63 -23.59 55.80
CA ASP A 265 -14.33 -23.70 54.52
C ASP A 265 -13.36 -23.78 53.35
N VAL A 266 -12.07 -23.87 53.62
CA VAL A 266 -11.04 -24.00 52.59
C VAL A 266 -10.46 -25.40 52.67
N LEU A 267 -10.46 -26.10 51.54
CA LEU A 267 -9.86 -27.42 51.60
C LEU A 267 -8.43 -27.40 51.11
N PRO A 268 -7.56 -28.25 51.65
CA PRO A 268 -6.20 -28.37 51.14
C PRO A 268 -6.20 -29.00 49.76
N PRO A 269 -5.17 -28.75 48.95
CA PRO A 269 -5.12 -29.33 47.60
C PRO A 269 -5.10 -30.85 47.68
N PRO A 270 -5.47 -31.53 46.58
CA PRO A 270 -5.59 -32.99 46.65
C PRO A 270 -4.32 -33.70 47.08
N ASN A 271 -3.16 -33.21 46.68
CA ASN A 271 -1.91 -33.86 47.02
C ASN A 271 -1.34 -33.40 48.36
N TRP A 272 -1.91 -32.38 48.97
CA TRP A 272 -1.52 -31.99 50.32
C TRP A 272 -2.38 -32.69 51.36
N ALA A 273 -2.49 -34.01 51.23
CA ALA A 273 -3.31 -34.83 52.13
C ALA A 273 -2.49 -35.45 53.25
N LEU A 274 -1.25 -35.86 52.97
CA LEU A 274 -0.41 -36.40 54.04
C LEU A 274 0.07 -35.29 54.97
N LYS A 275 0.39 -34.12 54.42
CA LYS A 275 0.80 -33.00 55.28
C LYS A 275 -0.36 -32.50 56.12
N TYR A 276 -1.56 -32.40 55.52
CA TYR A 276 -2.76 -31.96 56.22
C TYR A 276 -3.82 -33.06 56.07
N PRO A 277 -3.91 -33.99 57.03
CA PRO A 277 -4.84 -35.10 56.88
C PRO A 277 -6.29 -34.71 57.17
N ASN A 278 -6.49 -33.79 58.10
CA ASN A 278 -7.83 -33.37 58.52
C ASN A 278 -8.06 -31.90 58.20
N GLY A 279 -7.61 -31.47 57.02
CA GLY A 279 -7.78 -30.09 56.62
C GLY A 279 -6.86 -29.16 57.38
N TYR A 280 -7.09 -27.87 57.18
CA TYR A 280 -6.33 -26.83 57.86
C TYR A 280 -6.89 -26.66 59.27
N VAL A 281 -6.23 -27.26 60.26
CA VAL A 281 -6.69 -27.22 61.64
C VAL A 281 -5.92 -26.16 62.41
N ASP A 282 -4.68 -25.92 62.00
CA ASP A 282 -3.83 -24.93 62.65
C ASP A 282 -3.96 -23.55 62.03
N GLY A 283 -4.85 -23.37 61.07
CA GLY A 283 -5.00 -22.11 60.36
C GLY A 283 -4.51 -22.22 58.93
N PHE A 284 -4.64 -21.11 58.22
CA PHE A 284 -4.16 -21.07 56.85
C PHE A 284 -2.66 -21.27 56.81
N PRO A 285 -2.14 -22.07 55.87
CA PRO A 285 -0.69 -22.21 55.74
C PRO A 285 -0.06 -20.86 55.40
N ASN A 286 1.09 -20.59 56.02
CA ASN A 286 1.80 -19.33 55.81
C ASN A 286 2.70 -19.48 54.59
N LEU A 287 2.07 -19.32 53.41
CA LEU A 287 2.81 -19.44 52.16
C LEU A 287 3.86 -18.35 52.01
N ARG A 288 3.62 -17.18 52.60
CA ARG A 288 4.62 -16.12 52.56
C ARG A 288 5.89 -16.51 53.31
N GLU A 289 5.74 -17.11 54.49
CA GLU A 289 6.88 -17.35 55.37
C GLU A 289 7.70 -18.58 54.99
N ASP A 290 7.24 -19.41 54.06
CA ASP A 290 8.00 -20.56 53.63
C ASP A 290 8.59 -20.27 52.25
N GLU A 291 9.88 -20.57 52.10
CA GLU A 291 10.61 -20.23 50.87
C GLU A 291 10.50 -21.31 49.81
N HIS A 292 10.29 -22.56 50.21
CA HIS A 292 10.23 -23.66 49.25
C HIS A 292 9.05 -23.49 48.30
N PHE A 293 7.88 -23.11 48.83
CA PHE A 293 6.71 -22.90 47.99
C PHE A 293 6.94 -21.75 47.01
N GLN A 294 7.56 -20.66 47.48
CA GLN A 294 7.83 -19.53 46.61
C GLN A 294 8.81 -19.90 45.50
N VAL A 295 9.84 -20.68 45.84
CA VAL A 295 10.80 -21.13 44.83
C VAL A 295 10.12 -22.04 43.82
N TRP A 296 9.30 -22.97 44.29
CA TRP A 296 8.63 -23.89 43.38
C TRP A 296 7.66 -23.17 42.46
N MET A 297 6.95 -22.18 42.98
CA MET A 297 5.96 -21.46 42.18
C MET A 297 6.64 -20.40 41.32
N ARG A 298 7.66 -20.82 40.57
CA ARG A 298 8.32 -19.96 39.58
C ARG A 298 8.65 -20.89 38.40
N VAL A 299 7.86 -20.78 37.34
CA VAL A 299 7.91 -21.74 36.25
C VAL A 299 9.31 -21.78 35.65
N ALA A 300 9.87 -22.99 35.58
CA ALA A 300 11.19 -23.19 35.01
C ALA A 300 11.14 -23.13 33.49
N ALA A 301 12.27 -22.75 32.89
CA ALA A 301 12.33 -22.59 31.45
C ALA A 301 12.41 -23.92 30.71
N LEU A 302 13.06 -24.91 31.29
CA LEU A 302 13.33 -26.18 30.63
C LEU A 302 12.85 -27.34 31.48
N PRO A 303 12.59 -28.50 30.86
CA PRO A 303 12.21 -29.68 31.67
C PRO A 303 13.24 -30.05 32.72
N THR A 304 14.52 -29.92 32.41
CA THR A 304 15.59 -30.19 33.37
C THR A 304 15.93 -28.88 34.06
N PHE A 305 15.53 -28.75 35.32
CA PHE A 305 15.71 -27.50 36.04
C PHE A 305 16.24 -27.76 37.44
N ARG A 306 16.92 -26.75 37.99
CA ARG A 306 17.46 -26.80 39.34
C ARG A 306 16.83 -25.69 40.15
N LYS A 307 16.35 -26.04 41.34
CA LYS A 307 15.77 -25.07 42.26
C LYS A 307 16.53 -25.11 43.58
N LEU A 308 16.85 -23.91 44.09
CA LEU A 308 17.66 -23.82 45.30
C LEU A 308 16.92 -24.41 46.49
N TRP A 309 17.68 -25.10 47.35
CA TRP A 309 17.14 -25.72 48.56
C TRP A 309 18.23 -25.56 49.62
N ALA A 310 18.09 -24.55 50.47
CA ALA A 310 19.03 -24.21 51.52
C ALA A 310 20.34 -23.66 50.94
N ARG A 311 20.95 -22.72 51.63
CA ARG A 311 22.18 -22.08 51.17
C ARG A 311 23.08 -21.79 52.36
N ASN A 312 24.37 -21.66 52.07
CA ASN A 312 25.35 -21.28 53.08
C ASN A 312 26.26 -20.21 52.51
N ASP A 313 26.60 -19.22 53.32
CA ASP A 313 27.38 -18.07 52.88
C ASP A 313 28.71 -17.95 53.59
N GLY A 314 28.73 -18.03 54.91
CA GLY A 314 29.93 -17.76 55.68
C GLY A 314 30.67 -18.97 56.18
N GLU A 315 30.40 -20.14 55.61
CA GLU A 315 31.05 -21.38 56.03
C GLU A 315 31.72 -22.02 54.83
N ILE A 316 32.86 -22.67 55.08
CA ILE A 316 33.66 -23.31 54.04
C ILE A 316 33.56 -24.81 54.20
N MET A 317 33.22 -25.51 53.12
CA MET A 317 33.12 -26.95 53.16
C MET A 317 34.51 -27.56 53.16
N SER A 318 34.80 -28.39 54.16
CA SER A 318 36.13 -28.94 54.31
C SER A 318 36.35 -30.08 53.30
N GLN A 319 37.50 -30.72 53.39
CA GLN A 319 37.84 -31.86 52.55
C GLN A 319 37.59 -33.13 53.33
N GLY A 320 36.72 -34.00 52.79
CA GLY A 320 36.41 -35.24 53.46
C GLY A 320 35.17 -35.86 52.87
N ARG A 321 34.72 -36.94 53.52
CA ARG A 321 33.53 -37.67 53.10
C ARG A 321 32.35 -37.25 53.95
N TYR A 322 31.28 -36.82 53.29
CA TYR A 322 30.08 -36.35 53.96
C TYR A 322 29.00 -37.44 53.92
N ARG A 323 27.82 -37.10 54.44
CA ARG A 323 26.66 -37.98 54.38
C ARG A 323 25.40 -37.12 54.42
N ILE A 324 24.64 -37.14 53.33
CA ILE A 324 23.43 -36.34 53.20
C ILE A 324 22.22 -37.27 53.22
N VAL A 325 21.22 -36.90 54.01
CA VAL A 325 20.01 -37.70 54.16
C VAL A 325 18.92 -37.09 53.31
N ALA A 326 18.37 -37.88 52.38
CA ALA A 326 17.29 -37.45 51.51
C ALA A 326 16.03 -38.21 51.88
N ASN A 327 14.95 -37.47 52.17
CA ASN A 327 13.67 -38.06 52.56
C ASN A 327 12.84 -38.25 51.30
N MET A 328 12.93 -39.42 50.70
CA MET A 328 12.27 -39.70 49.43
C MET A 328 10.76 -39.80 49.66
N ASN A 329 10.03 -38.76 49.25
CA ASN A 329 8.59 -38.72 49.34
C ASN A 329 7.91 -38.30 48.05
N TYR A 330 8.65 -37.79 47.06
CA TYR A 330 8.08 -37.25 45.84
C TYR A 330 8.35 -38.19 44.69
N PRO A 331 7.37 -38.97 44.24
CA PRO A 331 7.62 -39.93 43.15
C PRO A 331 7.78 -39.24 41.82
N VAL A 332 8.83 -39.61 41.10
CA VAL A 332 9.11 -39.05 39.78
C VAL A 332 9.35 -40.18 38.79
N LYS A 333 9.51 -41.41 39.30
CA LYS A 333 9.77 -42.55 38.43
C LYS A 333 8.59 -42.87 37.52
N GLN A 334 7.39 -42.38 37.85
CA GLN A 334 6.21 -42.71 37.05
C GLN A 334 6.31 -42.15 35.64
N PHE A 335 6.78 -40.91 35.51
CA PHE A 335 6.95 -40.26 34.20
C PHE A 335 8.41 -40.19 33.80
N SER A 336 9.19 -41.20 34.19
CA SER A 336 10.59 -41.33 33.80
C SER A 336 11.41 -40.11 34.20
N GLY A 337 11.14 -39.58 35.39
CA GLY A 337 11.89 -38.47 35.92
C GLY A 337 12.96 -38.92 36.90
N THR A 338 14.02 -38.12 37.00
CA THR A 338 15.14 -38.42 37.89
C THR A 338 15.42 -37.21 38.75
N LYS A 339 15.35 -37.39 40.06
CA LYS A 339 15.74 -36.36 41.00
C LYS A 339 17.26 -36.36 41.17
N SER A 340 17.77 -35.26 41.72
CA SER A 340 19.21 -35.15 41.94
C SER A 340 19.47 -34.15 43.05
N ILE A 341 20.67 -34.25 43.63
CA ILE A 341 21.16 -33.33 44.64
C ILE A 341 22.39 -32.63 44.08
N VAL A 342 22.34 -31.31 43.99
CA VAL A 342 23.41 -30.53 43.39
C VAL A 342 23.98 -29.60 44.46
N ILE A 343 25.26 -29.74 44.74
CA ILE A 343 25.99 -28.84 45.63
C ILE A 343 27.00 -28.09 44.79
N SER A 344 26.83 -26.77 44.69
CA SER A 344 27.65 -25.97 43.79
C SER A 344 28.08 -24.69 44.48
N THR A 345 29.22 -24.16 44.02
CA THR A 345 29.73 -22.87 44.47
C THR A 345 29.37 -21.81 43.43
N VAL A 346 29.58 -20.55 43.79
CA VAL A 346 29.15 -19.42 42.98
C VAL A 346 30.37 -18.57 42.61
N SER A 347 30.39 -18.12 41.36
CA SER A 347 31.38 -17.17 40.85
C SER A 347 30.63 -15.93 40.37
N TRP A 348 31.38 -15.02 39.72
CA TRP A 348 30.77 -13.78 39.26
C TRP A 348 29.69 -14.02 38.22
N ILE A 349 29.94 -14.93 37.27
CA ILE A 349 28.92 -15.24 36.27
C ILE A 349 27.76 -16.02 36.90
N GLY A 350 28.08 -16.93 37.81
CA GLY A 350 27.05 -17.75 38.43
C GLY A 350 27.44 -19.22 38.50
N GLY A 351 26.64 -20.07 37.88
CA GLY A 351 26.91 -21.49 37.90
C GLY A 351 27.98 -21.90 36.93
N LYS A 352 28.34 -23.19 36.99
CA LYS A 352 29.41 -23.73 36.15
C LYS A 352 28.82 -24.09 34.79
N GLN A 353 28.60 -23.05 33.97
CA GLN A 353 28.15 -23.22 32.59
C GLN A 353 29.07 -22.40 31.69
N PRO A 354 30.17 -22.99 31.24
CA PRO A 354 31.11 -22.29 30.35
C PRO A 354 30.73 -22.35 28.89
N PHE A 355 29.46 -22.07 28.59
CA PHE A 355 29.00 -22.08 27.20
C PHE A 355 29.17 -20.72 26.54
N LEU A 356 28.81 -19.65 27.24
CA LEU A 356 28.92 -18.32 26.66
C LEU A 356 30.37 -17.95 26.39
N GLY A 357 31.27 -18.34 27.29
CA GLY A 357 32.68 -18.04 27.08
C GLY A 357 33.26 -18.73 25.87
N TRP A 358 32.98 -20.02 25.73
CA TRP A 358 33.48 -20.75 24.57
C TRP A 358 32.80 -20.30 23.29
N ALA A 359 31.53 -19.88 23.37
CA ALA A 359 30.88 -19.29 22.20
C ALA A 359 31.57 -17.99 21.80
N TYR A 360 31.93 -17.16 22.78
CA TYR A 360 32.70 -15.95 22.48
C TYR A 360 34.04 -16.29 21.84
N ILE A 361 34.72 -17.32 22.36
CA ILE A 361 36.01 -17.70 21.79
C ILE A 361 35.85 -18.18 20.35
N ALA A 362 34.83 -18.99 20.09
CA ALA A 362 34.58 -19.46 18.73
C ALA A 362 34.26 -18.30 17.79
N ALA A 363 33.45 -17.35 18.27
CA ALA A 363 33.15 -16.18 17.45
C ALA A 363 34.41 -15.36 17.17
N ALA A 364 35.27 -15.20 18.17
CA ALA A 364 36.51 -14.47 17.97
C ALA A 364 37.41 -15.16 16.95
N ILE A 365 37.51 -16.49 17.03
CA ILE A 365 38.32 -17.24 16.07
C ILE A 365 37.75 -17.09 14.67
N LEU A 366 36.42 -17.19 14.53
CA LEU A 366 35.81 -17.04 13.21
C LEU A 366 36.03 -15.63 12.66
N CYS A 367 35.90 -14.61 13.51
CA CYS A 367 36.13 -13.25 13.07
C CYS A 367 37.58 -13.04 12.64
N VAL A 368 38.52 -13.61 13.39
CA VAL A 368 39.93 -13.50 13.03
C VAL A 368 40.19 -14.17 11.69
N VAL A 369 39.62 -15.36 11.48
CA VAL A 369 39.82 -16.07 10.22
C VAL A 369 39.26 -15.25 9.06
N LEU A 370 38.04 -14.73 9.22
CA LEU A 370 37.44 -13.95 8.15
C LEU A 370 38.23 -12.67 7.87
N ALA A 371 38.70 -12.00 8.93
CA ALA A 371 39.47 -10.78 8.74
C ALA A 371 40.80 -11.06 8.04
N VAL A 372 41.48 -12.14 8.42
CA VAL A 372 42.73 -12.48 7.77
C VAL A 372 42.49 -12.83 6.30
N ALA A 373 41.42 -13.58 6.01
CA ALA A 373 41.12 -13.92 4.62
C ALA A 373 40.81 -12.67 3.82
N GLY A 374 40.04 -11.74 4.38
CA GLY A 374 39.76 -10.50 3.67
C GLY A 374 41.00 -9.66 3.45
N LEU A 375 41.89 -9.61 4.44
CA LEU A 375 43.14 -8.87 4.27
C LEU A 375 44.01 -9.50 3.18
N ILE A 376 44.05 -10.83 3.14
CA ILE A 376 44.80 -11.52 2.09
C ILE A 376 44.21 -11.21 0.72
N ARG A 377 42.88 -11.24 0.61
CA ARG A 377 42.25 -10.91 -0.67
C ARG A 377 42.53 -9.47 -1.07
N HIS A 378 42.53 -8.54 -0.11
CA HIS A 378 42.84 -7.15 -0.42
C HIS A 378 44.27 -7.00 -0.89
N LEU A 379 45.21 -7.71 -0.27
CA LEU A 379 46.61 -7.61 -0.66
C LEU A 379 46.90 -8.36 -1.96
N VAL A 380 46.03 -9.29 -2.37
CA VAL A 380 46.23 -10.02 -3.62
C VAL A 380 45.66 -9.21 -4.77
N LYS A 381 44.36 -8.92 -4.72
CA LYS A 381 43.66 -8.18 -5.78
C LYS A 381 42.95 -7.00 -5.16
N PRO A 382 43.63 -5.86 -5.02
CA PRO A 382 43.01 -4.65 -4.44
C PRO A 382 42.08 -3.95 -5.42
N ARG A 383 40.83 -4.42 -5.48
CA ARG A 383 39.83 -3.81 -6.34
C ARG A 383 39.61 -2.35 -5.94
N LYS A 384 39.62 -1.46 -6.93
CA LYS A 384 39.53 -0.03 -6.69
C LYS A 384 38.11 0.38 -6.32
N LEU A 385 38.02 1.49 -5.60
CA LEU A 385 36.73 2.06 -5.22
C LEU A 385 36.24 2.98 -6.34
N GLY A 386 34.93 2.99 -6.55
CA GLY A 386 34.36 3.76 -7.64
C GLY A 386 34.75 3.25 -9.01
N ASP A 387 34.77 1.94 -9.19
CA ASP A 387 35.19 1.34 -10.46
C ASP A 387 34.04 1.44 -11.46
N MET A 388 34.24 2.22 -12.53
CA MET A 388 33.22 2.46 -13.54
C MET A 388 33.38 1.57 -14.76
N SER A 389 33.87 0.35 -14.57
CA SER A 389 34.00 -0.60 -15.66
C SER A 389 33.01 -1.75 -15.60
N LEU A 390 32.45 -2.04 -14.43
CA LEU A 390 31.47 -3.11 -14.28
C LEU A 390 30.03 -2.62 -14.45
N LEU A 391 29.83 -1.35 -14.80
CA LEU A 391 28.50 -0.83 -15.03
C LEU A 391 27.87 -1.47 -16.26
N SER A 392 26.54 -1.50 -16.28
CA SER A 392 25.83 -2.18 -17.37
C SER A 392 26.11 -1.53 -18.71
N TRP A 393 26.15 -0.21 -18.76
CA TRP A 393 26.44 0.50 -20.00
C TRP A 393 27.94 0.69 -20.24
N ASN A 394 28.79 0.21 -19.33
CA ASN A 394 30.23 0.22 -19.54
C ASN A 394 30.78 -1.14 -19.93
N GLN A 395 30.20 -2.22 -19.43
CA GLN A 395 30.66 -3.56 -19.79
C GLN A 395 30.38 -3.84 -21.26
N PRO A 396 31.35 -4.40 -22.00
CA PRO A 396 31.18 -4.72 -23.42
C PRO A 396 30.28 -5.93 -23.64
N PRO B 44 -39.90 -0.54 -15.83
CA PRO B 44 -40.61 0.67 -15.41
C PRO B 44 -40.78 1.67 -16.55
N VAL B 45 -41.22 1.17 -17.71
CA VAL B 45 -41.36 2.03 -18.89
C VAL B 45 -42.40 3.13 -18.70
N PRO B 46 -43.62 2.85 -18.24
CA PRO B 46 -44.64 3.92 -18.23
C PRO B 46 -44.73 4.66 -16.90
N ARG B 47 -44.96 5.98 -17.01
CA ARG B 47 -45.22 6.84 -15.87
C ARG B 47 -46.27 7.87 -16.26
N SER B 48 -47.23 8.10 -15.37
CA SER B 48 -48.33 9.03 -15.61
C SER B 48 -48.17 10.25 -14.73
N VAL B 49 -48.34 11.44 -15.32
CA VAL B 49 -48.03 12.70 -14.64
C VAL B 49 -49.18 13.69 -14.83
N PHE B 50 -49.18 14.73 -13.99
CA PHE B 50 -49.97 15.95 -14.18
C PHE B 50 -51.47 15.66 -14.20
N ILE B 51 -51.98 15.27 -13.03
CA ILE B 51 -53.43 15.19 -12.85
C ILE B 51 -54.04 16.58 -12.67
N ASN B 52 -53.64 17.28 -11.61
CA ASN B 52 -54.18 18.60 -11.28
C ASN B 52 -53.20 19.28 -10.32
N GLU B 53 -52.69 20.45 -10.71
CA GLU B 53 -51.80 21.27 -9.90
C GLU B 53 -50.45 20.59 -9.70
N PRO B 54 -49.36 21.34 -9.49
CA PRO B 54 -48.10 20.71 -9.08
C PRO B 54 -48.20 20.01 -7.74
N LEU B 55 -47.10 19.41 -7.28
CA LEU B 55 -47.10 18.56 -6.09
C LEU B 55 -48.06 17.40 -6.29
N PRO B 56 -47.71 16.43 -7.13
CA PRO B 56 -48.66 15.36 -7.48
C PRO B 56 -48.97 14.44 -6.32
N SER B 57 -49.87 14.88 -5.43
CA SER B 57 -50.21 14.10 -4.24
C SER B 57 -50.80 12.74 -4.62
N GLU B 58 -51.68 12.70 -5.61
CA GLU B 58 -52.40 11.49 -5.94
C GLU B 58 -52.51 11.31 -7.44
N TYR B 59 -52.06 10.15 -7.94
CA TYR B 59 -52.32 9.71 -9.30
C TYR B 59 -53.19 8.45 -9.32
N TYR B 60 -52.75 7.38 -8.65
CA TYR B 60 -53.49 6.14 -8.52
C TYR B 60 -52.78 5.29 -7.47
N ASP B 61 -53.44 4.20 -7.09
CA ASP B 61 -53.00 3.30 -6.01
C ASP B 61 -52.64 4.09 -4.76
N LYS B 62 -51.78 3.54 -3.91
CA LYS B 62 -51.36 4.24 -2.69
C LYS B 62 -49.88 4.58 -2.68
N LYS B 63 -49.00 3.58 -2.73
CA LYS B 63 -47.56 3.77 -2.63
C LYS B 63 -46.89 2.42 -2.72
N GLY B 64 -45.56 2.43 -2.76
CA GLY B 64 -44.75 1.24 -2.57
C GLY B 64 -44.46 0.43 -3.82
N LYS B 65 -45.16 0.68 -4.92
CA LYS B 65 -44.96 -0.10 -6.14
C LYS B 65 -44.49 0.72 -7.32
N ILE B 66 -45.01 1.94 -7.47
CA ILE B 66 -44.63 2.78 -8.60
C ILE B 66 -43.41 3.65 -8.31
N LEU B 67 -43.09 3.87 -7.04
CA LEU B 67 -41.96 4.70 -6.63
C LEU B 67 -42.11 6.12 -7.19
N ARG B 68 -43.16 6.78 -6.72
CA ARG B 68 -43.57 8.07 -7.24
C ARG B 68 -44.03 8.95 -6.09
N ALA B 69 -44.04 10.27 -6.35
CA ALA B 69 -44.50 11.28 -5.39
C ALA B 69 -43.66 11.24 -4.11
N HIS B 70 -42.39 11.61 -4.31
CA HIS B 70 -41.40 11.69 -3.22
C HIS B 70 -41.21 10.33 -2.55
N HIS B 71 -41.25 9.27 -3.34
CA HIS B 71 -40.97 7.92 -2.86
C HIS B 71 -39.49 7.58 -2.93
N PHE B 72 -38.62 8.60 -2.96
CA PHE B 72 -37.17 8.42 -3.05
C PHE B 72 -36.76 7.69 -4.33
N ALA B 73 -37.54 7.87 -5.41
CA ALA B 73 -37.15 7.36 -6.71
C ALA B 73 -35.96 8.11 -7.28
N THR B 74 -35.69 9.32 -6.79
CA THR B 74 -34.51 10.08 -7.19
C THR B 74 -33.92 10.77 -5.97
N ASN B 75 -32.63 11.03 -6.03
CA ASN B 75 -31.91 11.68 -4.95
C ASN B 75 -30.63 12.28 -5.52
N GLN B 76 -30.02 13.17 -4.75
CA GLN B 76 -28.79 13.80 -5.18
C GLN B 76 -27.71 12.75 -5.41
N ASN B 77 -26.87 13.01 -6.41
CA ASN B 77 -25.82 12.05 -6.76
C ASN B 77 -24.91 11.80 -5.57
N VAL B 78 -24.66 10.52 -5.28
CA VAL B 78 -23.86 10.15 -4.13
C VAL B 78 -22.52 9.60 -4.60
N THR B 79 -21.52 10.48 -4.71
CA THR B 79 -20.16 10.05 -4.97
C THR B 79 -19.42 9.64 -3.71
N SER B 80 -20.02 9.85 -2.55
CA SER B 80 -19.41 9.49 -1.27
C SER B 80 -19.56 7.98 -1.03
N LYS B 81 -19.24 7.53 0.17
CA LYS B 81 -19.26 6.12 0.51
C LYS B 81 -20.52 5.69 1.25
N TYR B 82 -20.85 6.35 2.35
CA TYR B 82 -21.93 5.91 3.22
C TYR B 82 -22.59 7.13 3.86
N THR B 83 -23.61 6.86 4.66
CA THR B 83 -24.30 7.89 5.41
C THR B 83 -23.63 8.09 6.77
N VAL B 84 -23.97 9.20 7.42
CA VAL B 84 -23.44 9.48 8.76
C VAL B 84 -23.94 8.43 9.75
N ILE B 85 -25.22 8.08 9.67
CA ILE B 85 -25.79 7.10 10.59
C ILE B 85 -25.26 5.71 10.28
N THR B 86 -25.15 5.37 8.99
CA THR B 86 -24.72 4.04 8.57
C THR B 86 -23.21 3.94 8.34
N PHE B 87 -22.44 4.90 8.85
CA PHE B 87 -20.99 4.85 8.70
C PHE B 87 -20.39 3.65 9.41
N ILE B 88 -20.86 3.36 10.63
CA ILE B 88 -20.28 2.27 11.42
C ILE B 88 -20.40 0.92 10.74
N PRO B 89 -21.58 0.48 10.28
CA PRO B 89 -21.65 -0.87 9.68
C PRO B 89 -20.81 -1.03 8.43
N LYS B 90 -20.89 -0.08 7.49
CA LYS B 90 -20.12 -0.19 6.27
C LYS B 90 -18.62 -0.10 6.55
N ASN B 91 -18.21 0.79 7.45
CA ASN B 91 -16.81 0.88 7.80
C ASN B 91 -16.30 -0.41 8.42
N LEU B 92 -17.06 -0.99 9.34
CA LEU B 92 -16.65 -2.24 9.98
C LEU B 92 -16.56 -3.37 8.97
N PHE B 93 -17.53 -3.45 8.05
CA PHE B 93 -17.48 -4.50 7.03
C PHE B 93 -16.26 -4.33 6.13
N GLU B 94 -15.99 -3.09 5.71
CA GLU B 94 -14.83 -2.85 4.84
C GLU B 94 -13.53 -3.19 5.55
N GLN B 95 -13.43 -2.86 6.84
CA GLN B 95 -12.21 -3.18 7.58
C GLN B 95 -12.05 -4.67 7.81
N PHE B 96 -13.16 -5.37 8.13
CA PHE B 96 -13.08 -6.80 8.42
C PHE B 96 -13.07 -7.66 7.17
N ARG B 97 -13.23 -7.08 5.99
CA ARG B 97 -13.05 -7.84 4.76
C ARG B 97 -11.57 -8.01 4.39
N ARG B 98 -10.66 -7.73 5.31
CA ARG B 98 -9.23 -7.84 5.07
C ARG B 98 -8.64 -9.13 5.64
N VAL B 99 -9.49 -10.07 6.05
CA VAL B 99 -9.06 -11.39 6.54
C VAL B 99 -8.26 -11.26 7.83
N ALA B 100 -7.17 -10.49 7.79
CA ALA B 100 -6.32 -10.35 8.96
C ALA B 100 -7.08 -9.73 10.13
N ASN B 101 -7.89 -8.70 9.86
CA ASN B 101 -8.66 -8.06 10.93
C ASN B 101 -9.68 -9.01 11.54
N CYS B 102 -10.35 -9.81 10.69
CA CYS B 102 -11.27 -10.81 11.22
C CYS B 102 -10.54 -11.84 12.06
N PHE B 103 -9.33 -12.21 11.65
CA PHE B 103 -8.52 -13.13 12.46
C PHE B 103 -8.20 -12.53 13.82
N PHE B 104 -7.85 -11.24 13.86
CA PHE B 104 -7.54 -10.59 15.12
C PHE B 104 -8.78 -10.52 16.01
N LEU B 105 -9.94 -10.21 15.41
CA LEU B 105 -11.17 -10.18 16.19
C LEU B 105 -11.50 -11.57 16.74
N ALA B 106 -11.30 -12.61 15.93
CA ALA B 106 -11.53 -13.97 16.42
C ALA B 106 -10.59 -14.32 17.55
N ILE B 107 -9.33 -13.90 17.45
CA ILE B 107 -8.36 -14.15 18.51
C ILE B 107 -8.78 -13.46 19.79
N SER B 108 -9.21 -12.20 19.70
CA SER B 108 -9.64 -11.48 20.89
C SER B 108 -10.89 -12.10 21.50
N ILE B 109 -11.85 -12.51 20.66
CA ILE B 109 -13.07 -13.13 21.18
C ILE B 109 -12.74 -14.46 21.84
N LEU B 110 -11.80 -15.21 21.27
CA LEU B 110 -11.33 -16.44 21.91
C LEU B 110 -10.68 -16.13 23.25
N GLN B 111 -9.91 -15.04 23.32
CA GLN B 111 -9.33 -14.60 24.58
C GLN B 111 -10.40 -14.23 25.60
N PHE B 112 -11.55 -13.76 25.14
CA PHE B 112 -12.62 -13.37 26.06
C PHE B 112 -13.08 -14.55 26.91
N PHE B 113 -13.21 -15.73 26.32
CA PHE B 113 -13.64 -16.89 27.06
C PHE B 113 -12.58 -17.28 28.09
N PRO B 114 -13.00 -17.77 29.27
CA PRO B 114 -12.02 -18.11 30.32
C PRO B 114 -11.08 -19.23 29.93
N LYS B 115 -11.45 -20.07 28.97
CA LYS B 115 -10.58 -21.19 28.58
C LYS B 115 -9.30 -20.72 27.90
N PHE B 116 -9.32 -19.54 27.29
CA PHE B 116 -8.17 -19.03 26.55
C PHE B 116 -7.67 -17.69 27.09
N SER B 117 -8.16 -17.27 28.25
CA SER B 117 -7.87 -15.94 28.77
C SER B 117 -6.55 -15.92 29.53
N THR B 118 -5.79 -14.84 29.34
CA THR B 118 -4.54 -14.62 30.06
C THR B 118 -4.58 -13.36 30.92
N ILE B 119 -4.92 -12.21 30.34
CA ILE B 119 -4.99 -10.95 31.07
C ILE B 119 -6.31 -10.27 30.77
N SER B 120 -6.49 -9.04 31.27
CA SER B 120 -7.75 -8.33 31.09
C SER B 120 -7.99 -8.08 29.60
N PRO B 121 -9.25 -8.14 29.15
CA PRO B 121 -9.53 -7.99 27.71
C PRO B 121 -9.11 -6.65 27.13
N GLY B 122 -9.00 -5.61 27.96
CA GLY B 122 -8.62 -4.30 27.42
C GLY B 122 -7.25 -4.30 26.77
N LEU B 123 -6.27 -4.92 27.42
CA LEU B 123 -4.92 -4.96 26.88
C LEU B 123 -4.88 -5.72 25.56
N VAL B 124 -5.55 -6.87 25.49
CA VAL B 124 -5.49 -7.68 24.27
C VAL B 124 -6.28 -7.00 23.14
N ILE B 125 -7.32 -6.23 23.47
CA ILE B 125 -8.12 -5.60 22.44
C ILE B 125 -7.58 -4.24 22.01
N LEU B 126 -6.67 -3.65 22.80
CA LEU B 126 -6.16 -2.32 22.47
C LEU B 126 -5.54 -2.21 21.09
N PRO B 127 -4.62 -3.10 20.67
CA PRO B 127 -4.03 -2.94 19.33
C PRO B 127 -5.05 -3.03 18.20
N LEU B 128 -6.00 -3.96 18.29
CA LEU B 128 -7.02 -4.07 17.26
C LEU B 128 -7.90 -2.83 17.22
N ILE B 129 -8.27 -2.31 18.39
CA ILE B 129 -9.08 -1.10 18.44
C ILE B 129 -8.33 0.08 17.83
N ILE B 130 -7.04 0.20 18.13
CA ILE B 130 -6.25 1.29 17.58
C ILE B 130 -6.16 1.17 16.05
N VAL B 131 -5.93 -0.04 15.54
CA VAL B 131 -5.84 -0.24 14.09
C VAL B 131 -7.17 0.11 13.43
N LEU B 132 -8.28 -0.35 14.01
CA LEU B 132 -9.59 -0.05 13.45
C LEU B 132 -9.85 1.44 13.47
N ALA B 133 -9.49 2.12 14.56
CA ALA B 133 -9.72 3.56 14.65
C ALA B 133 -8.91 4.32 13.61
N ILE B 134 -7.65 3.95 13.42
CA ILE B 134 -6.80 4.65 12.45
C ILE B 134 -7.33 4.44 11.04
N THR B 135 -7.68 3.19 10.69
CA THR B 135 -8.22 2.92 9.37
C THR B 135 -9.53 3.66 9.15
N ALA B 136 -10.40 3.68 10.16
CA ALA B 136 -11.67 4.38 10.05
C ALA B 136 -11.46 5.87 9.85
N LEU B 137 -10.51 6.46 10.58
CA LEU B 137 -10.22 7.88 10.39
C LEU B 137 -9.70 8.16 8.99
N LYS B 138 -8.84 7.28 8.48
CA LYS B 138 -8.29 7.47 7.13
C LYS B 138 -9.41 7.43 6.08
N ASP B 139 -10.22 6.37 6.10
CA ASP B 139 -11.28 6.27 5.10
C ASP B 139 -12.33 7.35 5.29
N GLY B 140 -12.57 7.79 6.53
CA GLY B 140 -13.47 8.90 6.76
C GLY B 140 -12.94 10.20 6.20
N TYR B 141 -11.64 10.42 6.30
CA TYR B 141 -11.05 11.62 5.71
C TYR B 141 -11.19 11.60 4.19
N GLU B 142 -10.92 10.45 3.57
CA GLU B 142 -11.09 10.36 2.12
C GLU B 142 -12.55 10.57 1.72
N ASP B 143 -13.48 9.95 2.47
CA ASP B 143 -14.90 10.11 2.17
C ASP B 143 -15.36 11.54 2.40
N ILE B 144 -14.80 12.23 3.40
CA ILE B 144 -15.16 13.63 3.64
C ILE B 144 -14.66 14.50 2.50
N LYS B 145 -13.46 14.22 1.98
CA LYS B 145 -12.98 14.94 0.81
C LYS B 145 -13.93 14.75 -0.38
N ARG B 146 -14.30 13.50 -0.65
CA ARG B 146 -15.21 13.24 -1.76
C ARG B 146 -16.57 13.90 -1.54
N HIS B 147 -17.08 13.83 -0.32
CA HIS B 147 -18.39 14.42 0.00
C HIS B 147 -18.36 15.93 -0.13
N GLN B 148 -17.28 16.57 0.30
CA GLN B 148 -17.15 18.02 0.14
C GLN B 148 -17.10 18.40 -1.34
N ALA B 149 -16.37 17.61 -2.14
CA ALA B 149 -16.35 17.87 -3.58
C ALA B 149 -17.75 17.74 -4.17
N ASP B 150 -18.48 16.70 -3.79
CA ASP B 150 -19.83 16.49 -4.31
C ASP B 150 -20.77 17.62 -3.86
N HIS B 151 -20.64 18.05 -2.61
CA HIS B 151 -21.49 19.13 -2.10
C HIS B 151 -21.21 20.43 -2.84
N ARG B 152 -19.94 20.74 -3.11
CA ARG B 152 -19.61 21.92 -3.89
C ARG B 152 -20.16 21.81 -5.30
N THR B 153 -20.10 20.61 -5.89
CA THR B 153 -20.66 20.42 -7.23
C THR B 153 -22.17 20.62 -7.24
N ASN B 154 -22.83 20.11 -6.19
CA ASN B 154 -24.32 20.14 -6.13
C ASN B 154 -24.80 21.47 -5.56
N HIS B 155 -26.11 21.59 -5.29
CA HIS B 155 -26.69 22.83 -4.69
C HIS B 155 -26.73 23.94 -5.75
N ALA B 156 -26.72 23.57 -7.04
CA ALA B 156 -26.85 24.58 -8.11
C ALA B 156 -28.25 25.20 -8.04
N ILE B 157 -28.33 26.53 -7.97
CA ILE B 157 -29.64 27.22 -7.83
C ILE B 157 -30.56 26.77 -8.99
N VAL B 158 -31.79 26.36 -8.67
CA VAL B 158 -32.74 25.96 -9.70
C VAL B 158 -34.05 26.70 -9.45
N HIS B 159 -34.60 27.31 -10.49
CA HIS B 159 -35.81 28.14 -10.36
C HIS B 159 -37.05 27.34 -10.75
N VAL B 160 -37.46 26.44 -9.85
CA VAL B 160 -38.72 25.74 -9.99
C VAL B 160 -39.77 26.52 -9.21
N LEU B 161 -40.77 27.04 -9.91
CA LEU B 161 -41.79 27.88 -9.31
C LEU B 161 -43.15 27.20 -9.38
N GLY B 162 -44.09 27.73 -8.60
CA GLY B 162 -45.43 27.21 -8.55
C GLY B 162 -45.69 26.36 -7.32
N GLY B 163 -46.33 26.94 -6.31
CA GLY B 163 -46.67 26.21 -5.11
C GLY B 163 -47.88 26.80 -4.39
N GLN B 164 -48.88 25.96 -4.14
CA GLN B 164 -50.10 26.39 -3.46
C GLN B 164 -50.94 25.19 -3.04
N GLY B 251 -47.58 31.32 -0.04
CA GLY B 251 -48.95 31.52 -0.45
C GLY B 251 -49.28 30.86 -1.78
N GLU B 252 -50.09 31.53 -2.58
CA GLU B 252 -50.46 30.98 -3.88
C GLU B 252 -49.26 30.95 -4.83
N LEU B 253 -48.43 31.99 -4.80
CA LEU B 253 -47.23 32.05 -5.63
C LEU B 253 -46.10 32.65 -4.81
N GLY B 254 -44.92 32.05 -4.93
CA GLY B 254 -43.76 32.56 -4.22
C GLY B 254 -42.69 31.49 -4.10
N TRP B 255 -41.83 31.65 -3.09
CA TRP B 255 -40.78 30.69 -2.79
C TRP B 255 -39.84 30.50 -3.97
N HIS B 256 -40.11 29.48 -4.77
CA HIS B 256 -39.34 29.07 -5.96
C HIS B 256 -37.85 29.04 -5.61
N ARG B 257 -37.00 29.25 -6.60
CA ARG B 257 -35.53 29.20 -6.49
C ARG B 257 -35.09 28.07 -5.55
N THR B 258 -35.49 26.86 -5.91
CA THR B 258 -35.24 25.69 -5.09
C THR B 258 -33.79 25.22 -5.26
N ILE B 259 -33.42 24.21 -4.48
CA ILE B 259 -32.09 23.64 -4.51
C ILE B 259 -31.95 22.78 -5.77
N TRP B 260 -30.73 22.34 -6.08
CA TRP B 260 -30.51 21.53 -7.27
C TRP B 260 -31.33 20.25 -7.25
N GLU B 261 -31.64 19.73 -6.06
CA GLU B 261 -32.49 18.55 -5.96
C GLU B 261 -33.92 18.94 -6.29
N ASP B 262 -34.30 18.80 -7.55
CA ASP B 262 -35.62 19.21 -8.00
C ASP B 262 -36.69 18.29 -7.42
N VAL B 263 -37.91 18.83 -7.29
CA VAL B 263 -39.02 18.12 -6.67
C VAL B 263 -39.52 17.06 -7.65
N LYS B 264 -39.11 15.83 -7.43
CA LYS B 264 -39.58 14.65 -8.16
C LYS B 264 -39.68 14.87 -9.66
N VAL B 265 -40.80 14.48 -10.25
CA VAL B 265 -41.05 14.66 -11.67
C VAL B 265 -42.39 15.36 -11.85
N GLY B 266 -42.79 16.15 -10.85
CA GLY B 266 -44.11 16.75 -10.88
C GLY B 266 -44.15 18.26 -10.80
N ASP B 267 -43.15 18.93 -11.37
CA ASP B 267 -43.12 20.38 -11.36
C ASP B 267 -42.43 20.88 -12.63
N PHE B 268 -42.49 22.19 -12.85
CA PHE B 268 -41.90 22.83 -14.00
C PHE B 268 -40.98 23.97 -13.57
N VAL B 269 -40.02 24.29 -14.43
CA VAL B 269 -39.02 25.31 -14.15
C VAL B 269 -38.83 26.17 -15.39
N LYS B 270 -38.87 27.49 -15.21
CA LYS B 270 -38.51 28.45 -16.24
C LYS B 270 -37.08 28.90 -15.96
N ILE B 271 -36.12 28.10 -16.39
CA ILE B 271 -34.72 28.31 -16.04
C ILE B 271 -34.16 29.46 -16.86
N TYR B 272 -33.52 30.42 -16.20
CA TYR B 272 -33.04 31.63 -16.84
C TYR B 272 -31.80 31.33 -17.69
N GLU B 273 -31.25 32.40 -18.26
CA GLU B 273 -30.07 32.29 -19.12
C GLU B 273 -28.83 31.97 -18.30
N ASN B 274 -27.90 31.24 -18.92
CA ASN B 274 -26.60 30.92 -18.33
C ASN B 274 -26.76 30.12 -17.04
N GLU B 275 -27.68 29.16 -17.05
CA GLU B 275 -27.91 28.29 -15.90
C GLU B 275 -27.92 26.84 -16.36
N GLN B 276 -27.26 25.98 -15.58
CA GLN B 276 -27.15 24.58 -15.92
C GLN B 276 -28.45 23.83 -15.66
N PHE B 277 -28.72 22.84 -16.50
CA PHE B 277 -29.93 22.04 -16.35
C PHE B 277 -29.77 21.04 -15.22
N PRO B 278 -30.70 21.00 -14.26
CA PRO B 278 -30.61 20.03 -13.18
C PRO B 278 -31.04 18.63 -13.60
N ALA B 279 -32.00 18.55 -14.53
CA ALA B 279 -32.51 17.25 -14.97
C ALA B 279 -33.13 17.44 -16.35
N ASP B 280 -33.52 16.32 -16.95
CA ASP B 280 -34.16 16.40 -18.26
C ASP B 280 -35.54 17.02 -18.13
N ILE B 281 -36.06 17.53 -19.25
CA ILE B 281 -37.22 18.41 -19.22
C ILE B 281 -37.85 18.42 -20.60
N VAL B 282 -39.15 18.74 -20.65
CA VAL B 282 -39.96 18.66 -21.85
C VAL B 282 -40.44 20.07 -22.21
N ILE B 283 -39.53 21.04 -22.11
CA ILE B 283 -39.82 22.48 -22.16
C ILE B 283 -40.89 22.81 -23.17
N CYS B 284 -41.91 23.55 -22.74
CA CYS B 284 -43.07 23.88 -23.55
C CYS B 284 -42.95 25.25 -24.22
N ALA B 285 -42.64 26.29 -23.45
CA ALA B 285 -42.56 27.65 -23.95
C ALA B 285 -41.17 28.23 -23.68
N THR B 286 -40.97 29.46 -24.14
CA THR B 286 -39.68 30.12 -24.06
C THR B 286 -39.90 31.63 -23.97
N SER B 287 -38.98 32.30 -23.26
CA SER B 287 -39.04 33.76 -23.20
C SER B 287 -38.90 34.39 -24.58
N GLU B 288 -37.97 33.90 -25.38
CA GLU B 288 -37.73 34.45 -26.70
C GLU B 288 -38.83 34.01 -27.66
N GLU B 289 -38.70 34.45 -28.92
CA GLU B 289 -39.69 34.11 -29.93
C GLU B 289 -39.82 32.60 -30.06
N GLU B 290 -41.08 32.13 -30.11
CA GLU B 290 -41.38 30.71 -30.18
C GLU B 290 -40.79 29.97 -28.98
N ASP B 291 -40.75 28.65 -29.05
CA ASP B 291 -40.19 27.81 -27.99
C ASP B 291 -38.87 27.20 -28.42
N VAL B 292 -38.08 27.96 -29.18
CA VAL B 292 -36.75 27.51 -29.58
C VAL B 292 -35.77 27.75 -28.46
N ALA B 293 -34.79 26.85 -28.31
CA ALA B 293 -33.83 26.95 -27.23
C ALA B 293 -32.49 26.40 -27.71
N TYR B 294 -31.44 26.75 -26.96
CA TYR B 294 -30.09 26.29 -27.25
C TYR B 294 -29.41 25.93 -25.94
N ILE B 295 -28.72 24.79 -25.93
CA ILE B 295 -28.20 24.24 -24.68
C ILE B 295 -26.70 23.97 -24.70
N GLU B 296 -26.04 23.85 -25.86
CA GLU B 296 -24.60 23.69 -25.95
C GLU B 296 -24.11 22.52 -25.09
N THR B 297 -24.47 21.32 -25.52
CA THR B 297 -24.13 20.12 -24.75
C THR B 297 -22.63 19.95 -24.77
N LYS B 298 -21.98 20.40 -23.69
CA LYS B 298 -20.52 20.39 -23.57
C LYS B 298 -20.01 19.23 -22.73
N ASN B 299 -20.73 18.86 -21.68
CA ASN B 299 -20.38 17.71 -20.87
C ASN B 299 -20.79 16.39 -21.49
N LEU B 300 -21.52 16.43 -22.62
CA LEU B 300 -21.89 15.23 -23.35
C LEU B 300 -21.42 15.22 -24.79
N ASP B 301 -21.00 16.36 -25.33
CA ASP B 301 -20.54 16.47 -26.72
C ASP B 301 -19.72 17.74 -26.83
N GLY B 302 -19.39 18.13 -28.06
CA GLY B 302 -18.62 19.34 -28.28
C GLY B 302 -19.26 20.33 -29.23
N GLU B 303 -20.19 19.85 -30.05
CA GLU B 303 -20.83 20.67 -31.05
C GLU B 303 -21.93 21.53 -30.43
N THR B 304 -22.40 22.51 -31.21
CA THR B 304 -23.48 23.37 -30.76
C THR B 304 -24.78 22.57 -30.65
N ASN B 305 -25.84 23.23 -30.17
CA ASN B 305 -27.12 22.58 -29.97
C ASN B 305 -28.26 23.54 -30.27
N LEU B 306 -29.39 22.97 -30.66
CA LEU B 306 -30.59 23.74 -30.97
C LEU B 306 -31.81 22.85 -30.77
N LYS B 307 -32.97 23.49 -30.70
CA LYS B 307 -34.24 22.80 -30.46
C LYS B 307 -35.18 22.99 -31.64
N SER B 308 -36.30 22.29 -31.59
CA SER B 308 -37.30 22.32 -32.65
C SER B 308 -38.71 22.44 -32.08
N ARG B 309 -38.88 23.31 -31.08
CA ARG B 309 -40.18 23.66 -30.49
C ARG B 309 -40.86 22.46 -29.82
N ASN B 310 -41.97 22.72 -29.11
CA ASN B 310 -42.72 21.69 -28.42
C ASN B 310 -43.90 21.19 -29.25
N GLY B 311 -44.80 22.09 -29.63
CA GLY B 311 -45.91 21.71 -30.48
C GLY B 311 -47.27 22.14 -29.99
N VAL B 312 -48.15 21.16 -29.75
CA VAL B 312 -49.55 21.48 -29.41
C VAL B 312 -49.67 22.28 -28.13
N PRO B 313 -48.96 21.96 -27.02
CA PRO B 313 -49.05 22.81 -25.83
C PRO B 313 -48.77 24.27 -26.15
N GLY B 314 -47.59 24.56 -26.68
CA GLY B 314 -47.26 25.86 -27.25
C GLY B 314 -47.80 27.07 -26.51
N LEU B 315 -48.59 27.89 -27.22
CA LEU B 315 -49.18 29.08 -26.60
C LEU B 315 -50.19 28.71 -25.53
N SER B 316 -50.88 27.58 -25.70
CA SER B 316 -51.80 27.12 -24.65
C SER B 316 -51.04 26.78 -23.38
N HIS B 317 -49.76 26.42 -23.50
CA HIS B 317 -48.94 26.11 -22.35
C HIS B 317 -48.17 27.35 -21.90
N LEU B 318 -48.89 28.44 -21.63
CA LEU B 318 -48.24 29.66 -21.15
C LEU B 318 -47.60 29.41 -19.78
N ASN B 319 -46.56 30.18 -19.49
CA ASN B 319 -45.82 30.09 -18.25
C ASN B 319 -46.35 31.11 -17.24
N THR B 320 -45.62 31.24 -16.13
CA THR B 320 -45.90 32.24 -15.11
C THR B 320 -47.31 32.11 -14.57
N ALA B 321 -47.58 30.99 -13.89
CA ALA B 321 -48.81 30.63 -13.20
C ALA B 321 -49.92 30.20 -14.15
N GLU B 322 -49.73 30.31 -15.46
CA GLU B 322 -50.72 29.75 -16.38
C GLU B 322 -50.66 28.23 -16.39
N ALA B 323 -49.47 27.65 -16.21
CA ALA B 323 -49.36 26.20 -16.07
C ALA B 323 -50.00 25.73 -14.78
N CYS B 324 -49.93 26.53 -13.71
CA CYS B 324 -50.59 26.17 -12.46
C CYS B 324 -52.10 26.29 -12.58
N ALA B 325 -52.59 27.39 -13.18
CA ALA B 325 -54.02 27.59 -13.33
C ALA B 325 -54.63 26.53 -14.23
N LYS B 326 -53.96 26.20 -15.32
CA LYS B 326 -54.44 25.15 -16.21
C LYS B 326 -54.02 23.78 -15.68
N ALA B 327 -54.67 22.75 -16.20
CA ALA B 327 -54.37 21.37 -15.79
C ALA B 327 -54.73 20.46 -16.97
N HIS B 328 -53.71 20.06 -17.73
CA HIS B 328 -53.90 19.19 -18.88
C HIS B 328 -52.66 18.31 -19.02
N LEU B 329 -52.61 17.53 -20.10
CA LEU B 329 -51.44 16.76 -20.51
C LEU B 329 -51.21 15.55 -19.61
N CYS B 330 -50.88 14.41 -20.22
CA CYS B 330 -50.52 13.19 -19.50
C CYS B 330 -49.22 12.67 -20.08
N ILE B 331 -48.10 12.99 -19.42
CA ILE B 331 -46.79 12.68 -19.96
C ILE B 331 -46.59 11.18 -20.07
N ASP B 332 -46.05 10.74 -21.20
CA ASP B 332 -45.75 9.33 -21.45
C ASP B 332 -44.27 9.17 -21.75
N LEU B 333 -43.69 8.08 -21.25
CA LEU B 333 -42.26 7.84 -21.37
C LEU B 333 -42.03 6.48 -22.02
N ASP B 334 -40.87 6.33 -22.65
CA ASP B 334 -40.54 5.14 -23.43
C ASP B 334 -39.56 4.22 -22.71
N ALA B 335 -38.39 4.72 -22.32
CA ALA B 335 -37.36 3.89 -21.69
C ALA B 335 -36.49 4.76 -20.79
N PRO B 336 -36.74 4.74 -19.48
CA PRO B 336 -35.90 5.54 -18.57
C PRO B 336 -34.47 5.04 -18.46
N GLU B 337 -34.19 3.81 -18.88
CA GLU B 337 -32.86 3.24 -18.68
C GLU B 337 -31.81 3.94 -19.54
N SER B 338 -31.95 3.87 -20.87
CA SER B 338 -30.96 4.39 -21.79
C SER B 338 -31.63 5.31 -22.79
N ASN B 339 -31.39 6.61 -22.66
CA ASN B 339 -31.90 7.61 -23.62
C ASN B 339 -30.77 8.57 -23.94
N MET B 340 -29.98 8.23 -24.96
CA MET B 340 -28.95 9.11 -25.49
C MET B 340 -29.14 9.20 -26.99
N PHE B 341 -29.28 10.44 -27.49
CA PHE B 341 -29.61 10.72 -28.88
C PHE B 341 -31.01 10.21 -29.23
N ARG B 342 -31.76 9.73 -28.24
CA ARG B 342 -33.12 9.26 -28.47
C ARG B 342 -33.86 9.27 -27.13
N LEU B 343 -34.77 10.22 -26.97
CA LEU B 343 -35.56 10.39 -25.75
C LEU B 343 -37.03 10.58 -26.12
N ASN B 344 -37.54 9.70 -26.97
CA ASN B 344 -38.90 9.83 -27.47
C ASN B 344 -39.92 9.67 -26.34
N GLY B 345 -41.06 10.32 -26.51
CA GLY B 345 -42.11 10.27 -25.52
C GLY B 345 -43.44 10.66 -26.13
N ALA B 346 -44.42 10.85 -25.26
CA ALA B 346 -45.77 11.22 -25.70
C ALA B 346 -46.48 11.94 -24.56
N VAL B 347 -47.57 12.61 -24.91
CA VAL B 347 -48.39 13.31 -23.92
C VAL B 347 -49.79 13.47 -24.50
N ILE B 348 -50.78 13.37 -23.62
CA ILE B 348 -52.19 13.47 -24.00
C ILE B 348 -52.89 14.41 -23.03
N ASN B 349 -53.59 15.40 -23.56
CA ASN B 349 -54.30 16.39 -22.75
C ASN B 349 -55.80 16.08 -22.75
N LEU B 350 -56.58 16.97 -22.14
CA LEU B 350 -58.02 16.81 -22.10
C LEU B 350 -58.72 17.97 -22.80
N ILE B 361 -52.82 12.73 -28.30
CA ILE B 361 -51.46 12.21 -28.45
C ILE B 361 -50.57 13.24 -29.12
N HIS B 362 -49.38 13.44 -28.56
CA HIS B 362 -48.44 14.42 -29.07
C HIS B 362 -47.04 13.83 -29.10
N PRO B 363 -46.30 13.96 -30.20
CA PRO B 363 -44.99 13.30 -30.35
C PRO B 363 -43.83 14.04 -29.67
N ILE B 364 -43.66 13.77 -28.38
CA ILE B 364 -42.49 14.29 -27.66
C ILE B 364 -41.24 13.58 -28.17
N THR B 365 -40.25 14.36 -28.58
CA THR B 365 -39.03 13.83 -29.19
C THR B 365 -37.81 14.35 -28.45
N LEU B 366 -36.64 13.85 -28.86
CA LEU B 366 -35.39 14.32 -28.26
C LEU B 366 -35.18 15.80 -28.49
N GLU B 367 -35.42 16.27 -29.71
CA GLU B 367 -35.28 17.70 -30.01
C GLU B 367 -36.30 18.53 -29.24
N THR B 368 -37.33 17.92 -28.67
CA THR B 368 -38.22 18.60 -27.75
C THR B 368 -37.75 18.50 -26.31
N THR B 369 -37.01 17.45 -25.97
CA THR B 369 -36.62 17.15 -24.60
C THR B 369 -35.16 17.47 -24.39
N MET B 370 -34.88 18.43 -23.51
CA MET B 370 -33.51 18.69 -23.08
C MET B 370 -33.05 17.57 -22.14
N LEU B 371 -31.80 17.13 -22.29
CA LEU B 371 -31.36 15.94 -21.53
C LEU B 371 -30.72 16.27 -20.18
N ARG B 372 -29.55 16.92 -20.17
CA ARG B 372 -28.85 17.13 -18.91
C ARG B 372 -27.62 18.01 -19.04
N GLY B 373 -27.32 18.78 -17.99
CA GLY B 373 -26.04 19.43 -17.82
C GLY B 373 -25.58 20.28 -18.99
N CYS B 374 -26.53 20.88 -19.71
CA CYS B 374 -26.23 21.64 -20.91
C CYS B 374 -26.80 23.04 -20.76
N VAL B 375 -25.98 24.05 -21.01
CA VAL B 375 -26.37 25.45 -20.85
C VAL B 375 -25.72 26.27 -21.96
N LEU B 376 -26.53 26.73 -22.91
CA LEU B 376 -26.16 27.81 -23.82
C LEU B 376 -27.03 29.03 -23.58
N LYS B 377 -28.34 28.85 -23.66
CA LYS B 377 -29.31 29.89 -23.36
C LYS B 377 -29.05 31.15 -24.19
N ASN B 378 -29.00 30.95 -25.51
CA ASN B 378 -29.00 32.08 -26.42
C ASN B 378 -30.30 32.88 -26.31
N THR B 379 -31.34 32.27 -25.74
CA THR B 379 -32.58 32.94 -25.41
C THR B 379 -32.49 33.48 -23.98
N ALA B 380 -33.61 33.91 -23.42
CA ALA B 380 -33.63 34.44 -22.05
C ALA B 380 -33.92 33.34 -21.03
N TRP B 381 -35.08 32.69 -21.14
CA TRP B 381 -35.41 31.57 -20.25
C TRP B 381 -36.41 30.65 -20.94
N VAL B 382 -36.40 29.39 -20.52
CA VAL B 382 -37.24 28.34 -21.08
C VAL B 382 -37.98 27.64 -19.96
N ILE B 383 -39.27 27.37 -20.18
CA ILE B 383 -40.17 26.84 -19.15
C ILE B 383 -40.69 25.49 -19.60
N GLY B 384 -40.61 24.50 -18.71
CA GLY B 384 -41.11 23.17 -19.01
C GLY B 384 -41.12 22.30 -17.77
N ILE B 385 -41.82 21.17 -17.88
CA ILE B 385 -42.07 20.27 -16.77
C ILE B 385 -40.93 19.28 -16.63
N ILE B 386 -40.53 19.02 -15.39
CA ILE B 386 -39.46 18.05 -15.11
C ILE B 386 -40.04 16.65 -15.10
N VAL B 387 -39.44 15.75 -15.87
CA VAL B 387 -39.84 14.35 -15.94
C VAL B 387 -38.59 13.49 -15.76
N TYR B 388 -38.76 12.17 -15.91
CA TYR B 388 -37.68 11.19 -15.86
C TYR B 388 -36.75 11.38 -14.67
N THR B 389 -35.51 11.77 -14.93
CA THR B 389 -34.54 11.89 -13.86
C THR B 389 -34.87 13.04 -12.94
N GLY B 390 -34.66 12.84 -11.65
CA GLY B 390 -34.65 13.94 -10.72
C GLY B 390 -33.22 14.44 -10.58
N GLU B 391 -32.32 13.53 -10.19
CA GLU B 391 -30.90 13.82 -10.21
C GLU B 391 -30.02 12.68 -10.72
N ASP B 392 -30.45 11.43 -10.64
CA ASP B 392 -29.55 10.29 -10.82
C ASP B 392 -30.19 9.21 -11.70
N THR B 393 -30.72 9.60 -12.86
CA THR B 393 -31.34 8.58 -13.70
C THR B 393 -30.90 8.64 -15.16
N LYS B 394 -30.46 9.81 -15.65
CA LYS B 394 -30.17 9.95 -17.08
C LYS B 394 -28.69 10.11 -17.38
N ILE B 395 -28.04 11.15 -16.87
CA ILE B 395 -26.66 11.41 -17.30
C ILE B 395 -25.70 10.51 -16.55
N ILE B 396 -25.97 10.26 -15.27
CA ILE B 396 -25.14 9.32 -14.51
C ILE B 396 -25.31 7.92 -15.05
N ARG B 397 -26.51 7.59 -15.55
CA ARG B 397 -26.68 6.34 -16.28
C ARG B 397 -25.85 6.34 -17.55
N ASN B 398 -25.80 7.47 -18.25
CA ASN B 398 -25.03 7.54 -19.49
C ASN B 398 -23.54 7.30 -19.23
N ALA B 399 -23.00 7.91 -18.18
CA ALA B 399 -21.58 7.77 -17.88
C ALA B 399 -21.35 8.10 -16.41
N GLY B 400 -20.16 7.71 -15.92
CA GLY B 400 -19.79 7.98 -14.56
C GLY B 400 -19.41 6.75 -13.75
N ALA B 401 -18.95 5.70 -14.42
CA ALA B 401 -18.54 4.46 -13.76
C ALA B 401 -17.05 4.56 -13.45
N THR B 402 -16.73 4.93 -12.21
CA THR B 402 -15.34 5.11 -11.80
C THR B 402 -14.86 3.88 -11.05
N PRO B 403 -13.87 3.16 -11.56
CA PRO B 403 -13.34 1.99 -10.85
C PRO B 403 -12.34 2.42 -9.78
N SER B 404 -11.84 1.42 -9.04
CA SER B 404 -10.82 1.61 -8.03
C SER B 404 -9.56 0.85 -8.42
N LYS B 405 -8.41 1.39 -8.02
CA LYS B 405 -7.12 0.85 -8.44
C LYS B 405 -6.27 0.51 -7.22
N ARG B 406 -5.45 -0.52 -7.37
CA ARG B 406 -4.52 -0.94 -6.33
C ARG B 406 -3.15 -1.17 -6.96
N SER B 407 -2.11 -0.96 -6.14
CA SER B 407 -0.75 -1.07 -6.62
C SER B 407 -0.38 -2.52 -6.88
N LYS B 408 0.64 -2.71 -7.72
CA LYS B 408 1.17 -4.04 -7.97
C LYS B 408 1.82 -4.61 -6.72
N VAL B 409 2.40 -3.75 -5.87
CA VAL B 409 3.08 -4.22 -4.67
C VAL B 409 2.08 -4.86 -3.72
N GLU B 410 0.87 -4.31 -3.62
CA GLU B 410 -0.15 -4.91 -2.76
C GLU B 410 -0.59 -6.27 -3.28
N LYS B 411 -0.77 -6.39 -4.60
CA LYS B 411 -1.16 -7.67 -5.18
C LYS B 411 -0.06 -8.71 -5.03
N GLN B 412 1.21 -8.29 -5.02
CA GLN B 412 2.30 -9.22 -4.72
C GLN B 412 2.38 -9.51 -3.22
N MET B 413 1.92 -8.57 -2.39
CA MET B 413 1.99 -8.75 -0.95
C MET B 413 0.94 -9.76 -0.46
N ASN B 414 -0.22 -9.78 -1.10
CA ASN B 414 -1.28 -10.70 -0.67
C ASN B 414 -0.83 -12.16 -0.59
N PRO B 415 -0.13 -12.72 -1.58
CA PRO B 415 0.36 -14.10 -1.43
C PRO B 415 1.29 -14.27 -0.24
N GLN B 416 2.07 -13.24 0.12
CA GLN B 416 2.94 -13.37 1.28
C GLN B 416 2.14 -13.45 2.57
N VAL B 417 1.05 -12.67 2.66
CA VAL B 417 0.16 -12.78 3.81
C VAL B 417 -0.46 -14.17 3.87
N ILE B 418 -0.86 -14.70 2.70
CA ILE B 418 -1.42 -16.05 2.67
C ILE B 418 -0.40 -17.08 3.14
N ILE B 419 0.87 -16.91 2.72
CA ILE B 419 1.91 -17.84 3.13
C ILE B 419 2.14 -17.77 4.63
N ASN B 420 2.14 -16.56 5.20
CA ASN B 420 2.30 -16.44 6.64
C ASN B 420 1.15 -17.10 7.39
N LEU B 421 -0.08 -16.93 6.89
CA LEU B 421 -1.22 -17.59 7.53
C LEU B 421 -1.10 -19.11 7.43
N VAL B 422 -0.63 -19.61 6.29
CA VAL B 422 -0.43 -21.06 6.13
C VAL B 422 0.62 -21.56 7.11
N ILE B 423 1.70 -20.79 7.30
CA ILE B 423 2.72 -21.17 8.26
C ILE B 423 2.16 -21.22 9.66
N LEU B 424 1.34 -20.22 10.02
CA LEU B 424 0.70 -20.23 11.34
C LEU B 424 -0.19 -21.45 11.52
N ALA B 425 -0.98 -21.79 10.49
CA ALA B 425 -1.86 -22.96 10.58
C ALA B 425 -1.06 -24.25 10.71
N ALA B 426 0.04 -24.37 9.96
CA ALA B 426 0.87 -25.56 10.05
C ALA B 426 1.50 -25.69 11.43
N ILE B 427 2.00 -24.59 11.98
CA ILE B 427 2.54 -24.62 13.35
C ILE B 427 1.46 -25.06 14.31
N ALA B 428 0.25 -24.52 14.15
CA ALA B 428 -0.85 -24.87 15.05
C ALA B 428 -1.17 -26.36 14.99
N VAL B 429 -1.26 -26.92 13.79
CA VAL B 429 -1.66 -28.32 13.67
C VAL B 429 -0.56 -29.25 14.18
N VAL B 430 0.71 -28.92 13.89
CA VAL B 430 1.81 -29.74 14.40
C VAL B 430 1.84 -29.71 15.92
N CYS B 431 1.68 -28.51 16.50
CA CYS B 431 1.64 -28.39 17.95
C CYS B 431 0.47 -29.18 18.53
N ALA B 432 -0.69 -29.12 17.87
CA ALA B 432 -1.85 -29.86 18.36
C ALA B 432 -1.58 -31.35 18.37
N ILE B 433 -1.00 -31.89 17.30
CA ILE B 433 -0.76 -33.33 17.22
C ILE B 433 0.24 -33.76 18.30
N VAL B 434 1.37 -33.05 18.38
CA VAL B 434 2.40 -33.46 19.34
C VAL B 434 1.90 -33.29 20.76
N ASP B 435 1.16 -32.22 21.04
CA ASP B 435 0.63 -32.01 22.38
C ASP B 435 -0.39 -33.08 22.74
N HIS B 436 -1.23 -33.49 21.79
CA HIS B 436 -2.18 -34.57 22.08
C HIS B 436 -1.44 -35.86 22.42
N VAL B 437 -0.42 -36.20 21.63
CA VAL B 437 0.32 -37.43 21.90
C VAL B 437 0.96 -37.37 23.29
N ASN B 438 1.62 -36.25 23.60
CA ASN B 438 2.32 -36.13 24.87
C ASN B 438 1.34 -36.11 26.04
N GLU B 439 0.17 -35.49 25.86
CA GLU B 439 -0.82 -35.43 26.94
C GLU B 439 -1.44 -36.79 27.18
N VAL B 440 -1.67 -37.57 26.13
CA VAL B 440 -2.13 -38.94 26.32
C VAL B 440 -1.08 -39.74 27.10
N GLU B 441 0.19 -39.59 26.73
CA GLU B 441 1.25 -40.32 27.43
C GLU B 441 1.34 -39.90 28.89
N TRP B 442 1.25 -38.60 29.16
CA TRP B 442 1.38 -38.08 30.52
C TRP B 442 0.11 -38.25 31.35
N ASP B 443 -1.03 -38.57 30.74
CA ASP B 443 -2.23 -38.85 31.49
C ASP B 443 -2.45 -40.34 31.72
N ARG B 444 -1.89 -41.21 30.87
CA ARG B 444 -1.88 -42.63 31.17
C ARG B 444 -1.11 -42.90 32.45
N GLN B 445 0.11 -42.37 32.54
CA GLN B 445 0.91 -42.42 33.75
C GLN B 445 0.80 -41.06 34.41
N GLN B 446 0.08 -40.99 35.53
CA GLN B 446 -0.31 -39.71 36.11
C GLN B 446 0.90 -38.84 36.41
N ALA B 447 1.06 -37.76 35.65
CA ALA B 447 2.08 -36.75 35.89
C ALA B 447 1.51 -35.70 36.83
N TYR B 448 2.20 -34.58 36.98
CA TYR B 448 1.71 -33.49 37.81
C TYR B 448 1.12 -32.34 37.01
N TRP B 449 1.43 -32.25 35.72
CA TRP B 449 0.85 -31.24 34.84
C TRP B 449 -0.29 -31.79 34.00
N MET B 450 -0.65 -33.06 34.17
CA MET B 450 -1.79 -33.64 33.48
C MET B 450 -2.81 -34.23 34.46
N LEU B 451 -2.74 -33.84 35.72
CA LEU B 451 -3.73 -34.28 36.70
C LEU B 451 -5.08 -33.65 36.39
N PHE B 452 -6.15 -34.38 36.73
CA PHE B 452 -7.52 -33.91 36.59
C PHE B 452 -7.85 -33.54 35.15
N ALA B 453 -7.74 -34.54 34.27
CA ALA B 453 -8.15 -34.41 32.88
C ALA B 453 -9.38 -35.24 32.57
N ASP B 454 -10.05 -35.79 33.58
CA ASP B 454 -11.21 -36.65 33.38
C ASP B 454 -12.50 -35.83 33.40
N THR B 455 -12.55 -34.81 32.55
CA THR B 455 -13.76 -34.02 32.38
C THR B 455 -14.13 -33.96 30.90
N SER B 456 -15.10 -33.13 30.55
CA SER B 456 -15.49 -32.96 29.16
C SER B 456 -14.77 -31.81 28.48
N GLY B 457 -14.21 -30.88 29.25
CA GLY B 457 -13.48 -29.76 28.67
C GLY B 457 -12.01 -29.78 29.01
N ASP B 458 -11.52 -30.90 29.53
CA ASP B 458 -10.12 -31.03 29.89
C ASP B 458 -9.51 -32.36 29.48
N ASN B 459 -10.24 -33.22 28.78
CA ASN B 459 -9.67 -34.46 28.28
C ASN B 459 -8.64 -34.17 27.19
N PRO B 460 -7.71 -35.09 26.96
CA PRO B 460 -6.62 -34.81 26.00
C PRO B 460 -7.08 -34.51 24.58
N ASN B 461 -8.28 -34.93 24.17
CA ASN B 461 -8.77 -34.62 22.83
C ASN B 461 -9.20 -33.16 22.73
N ILE B 462 -10.11 -32.74 23.60
CA ILE B 462 -10.45 -31.34 23.66
C ILE B 462 -9.25 -30.52 24.08
N ASN B 463 -8.29 -31.13 24.79
CA ASN B 463 -7.03 -30.45 25.07
C ASN B 463 -6.23 -30.23 23.78
N GLY B 464 -6.28 -31.18 22.85
CA GLY B 464 -5.65 -30.95 21.55
C GLY B 464 -6.33 -29.83 20.77
N LEU B 465 -7.66 -29.79 20.81
CA LEU B 465 -8.36 -28.68 20.17
C LEU B 465 -8.00 -27.35 20.80
N VAL B 466 -7.93 -27.30 22.14
CA VAL B 466 -7.53 -26.08 22.83
C VAL B 466 -6.09 -25.73 22.50
N THR B 467 -5.23 -26.73 22.29
CA THR B 467 -3.86 -26.46 21.87
C THR B 467 -3.82 -25.84 20.48
N PHE B 468 -4.68 -26.31 19.57
CA PHE B 468 -4.82 -25.67 18.27
C PHE B 468 -5.19 -24.20 18.44
N ALA B 469 -6.22 -23.93 19.23
CA ALA B 469 -6.68 -22.56 19.43
C ALA B 469 -5.61 -21.69 20.07
N ASN B 470 -4.89 -22.24 21.06
CA ASN B 470 -3.87 -21.46 21.75
C ASN B 470 -2.62 -21.29 20.91
N ALA B 471 -2.35 -22.20 19.99
CA ALA B 471 -1.30 -21.98 19.00
C ALA B 471 -1.67 -20.82 18.09
N PHE B 472 -2.95 -20.74 17.70
CA PHE B 472 -3.39 -19.58 16.93
C PHE B 472 -3.28 -18.30 17.75
N ILE B 473 -3.57 -18.37 19.05
CA ILE B 473 -3.55 -17.17 19.88
C ILE B 473 -2.14 -16.79 20.33
N THR B 474 -1.17 -17.69 20.24
CA THR B 474 0.17 -17.44 20.75
C THR B 474 1.09 -16.83 19.70
N PHE B 475 0.98 -17.28 18.46
CA PHE B 475 1.79 -16.77 17.36
C PHE B 475 1.05 -15.71 16.55
N GLN B 476 0.25 -14.87 17.22
CA GLN B 476 -0.58 -13.89 16.53
C GLN B 476 0.23 -12.82 15.81
N ASN B 477 1.53 -12.70 16.07
CA ASN B 477 2.32 -11.68 15.40
C ASN B 477 2.68 -12.03 13.96
N ILE B 478 2.53 -13.30 13.57
CA ILE B 478 2.92 -13.67 12.20
C ILE B 478 1.97 -13.06 11.19
N VAL B 479 0.68 -13.02 11.51
CA VAL B 479 -0.30 -12.40 10.60
C VAL B 479 -0.19 -10.88 10.73
N PRO B 480 0.00 -10.16 9.62
CA PRO B 480 0.28 -8.71 9.71
C PRO B 480 -0.90 -7.95 10.30
N ILE B 481 -0.65 -7.28 11.42
CA ILE B 481 -1.69 -6.50 12.09
C ILE B 481 -1.59 -5.05 11.66
N SER B 482 -0.47 -4.41 11.99
CA SER B 482 -0.25 -3.01 11.69
C SER B 482 0.47 -2.78 10.37
N LEU B 483 0.69 -3.84 9.59
CA LEU B 483 1.35 -3.68 8.30
C LEU B 483 0.51 -2.82 7.37
N TYR B 484 -0.80 -3.07 7.31
CA TYR B 484 -1.64 -2.37 6.35
C TYR B 484 -1.78 -0.89 6.70
N ILE B 485 -2.02 -0.57 7.97
CA ILE B 485 -2.14 0.83 8.35
C ILE B 485 -0.83 1.57 8.14
N SER B 486 0.29 0.93 8.46
CA SER B 486 1.60 1.56 8.26
C SER B 486 1.86 1.79 6.78
N ILE B 487 1.52 0.82 5.94
CA ILE B 487 1.73 0.97 4.50
C ILE B 487 0.85 2.09 3.96
N GLU B 488 -0.41 2.16 4.39
CA GLU B 488 -1.28 3.23 3.94
C GLU B 488 -0.76 4.60 4.36
N ALA B 489 -0.28 4.71 5.60
CA ALA B 489 0.27 5.98 6.06
C ALA B 489 1.51 6.36 5.27
N VAL B 490 2.38 5.39 4.98
CA VAL B 490 3.60 5.66 4.23
C VAL B 490 3.25 6.11 2.82
N ARG B 491 2.28 5.46 2.19
CA ARG B 491 1.86 5.87 0.85
C ARG B 491 1.26 7.26 0.86
N THR B 492 0.46 7.59 1.88
CA THR B 492 -0.09 8.94 1.98
C THR B 492 1.02 9.98 2.13
N ILE B 493 2.02 9.69 2.95
CA ILE B 493 3.12 10.63 3.13
C ILE B 493 3.95 10.75 1.85
N GLN B 494 4.10 9.65 1.12
CA GLN B 494 4.80 9.72 -0.17
C GLN B 494 4.03 10.58 -1.17
N ALA B 495 2.70 10.46 -1.17
CA ALA B 495 1.89 11.34 -2.01
C ALA B 495 2.05 12.79 -1.60
N ALA B 496 2.12 13.05 -0.29
CA ALA B 496 2.34 14.40 0.19
C ALA B 496 3.70 14.94 -0.26
N PHE B 497 4.72 14.09 -0.24
CA PHE B 497 6.03 14.48 -0.77
C PHE B 497 5.95 14.80 -2.25
N ILE B 498 5.17 14.00 -2.99
CA ILE B 498 4.96 14.30 -4.41
C ILE B 498 4.31 15.67 -4.58
N TYR B 499 3.37 16.01 -3.70
CA TYR B 499 2.73 17.31 -3.74
C TYR B 499 3.74 18.43 -3.49
N TRP B 500 4.35 18.43 -2.30
CA TRP B 500 5.18 19.55 -1.86
C TRP B 500 6.48 19.68 -2.63
N ASP B 501 6.75 18.83 -3.61
CA ASP B 501 7.98 18.97 -4.39
C ASP B 501 7.95 20.27 -5.18
N ARG B 502 9.04 21.02 -5.09
CA ARG B 502 9.15 22.30 -5.78
C ARG B 502 9.72 22.17 -7.20
N ASP B 503 10.19 20.99 -7.58
CA ASP B 503 10.70 20.77 -8.93
C ASP B 503 9.62 20.37 -9.92
N ILE B 504 8.41 20.05 -9.44
CA ILE B 504 7.32 19.68 -10.32
C ILE B 504 6.14 20.61 -10.11
N LYS B 505 6.43 21.86 -9.73
CA LYS B 505 5.42 22.89 -9.56
C LYS B 505 5.57 23.93 -10.66
N TYR B 506 4.45 24.26 -11.31
CA TYR B 506 4.45 25.16 -12.45
C TYR B 506 3.90 26.52 -12.02
N LYS B 507 4.65 27.57 -12.29
CA LYS B 507 4.22 28.94 -12.04
C LYS B 507 4.14 29.69 -13.37
N LYS B 508 2.98 30.29 -13.64
CA LYS B 508 2.78 31.02 -14.88
C LYS B 508 1.54 31.88 -14.75
N ASP B 509 1.65 33.15 -15.14
CA ASP B 509 0.52 34.09 -15.16
C ASP B 509 -0.15 34.17 -13.79
N GLY B 510 0.64 34.15 -12.74
CA GLY B 510 0.11 34.22 -11.39
C GLY B 510 -0.30 32.90 -10.78
N VAL B 511 -1.08 32.10 -11.51
CA VAL B 511 -1.50 30.80 -11.00
C VAL B 511 -0.28 29.88 -10.89
N THR B 512 -0.32 28.99 -9.92
CA THR B 512 0.80 28.09 -9.62
C THR B 512 0.26 26.68 -9.42
N THR B 513 0.23 25.91 -10.51
CA THR B 513 -0.27 24.54 -10.45
C THR B 513 0.74 23.64 -9.74
N ARG B 514 0.24 22.74 -8.91
CA ARG B 514 1.06 21.80 -8.15
C ARG B 514 0.72 20.38 -8.56
N THR B 515 1.72 19.51 -8.54
CA THR B 515 1.50 18.12 -8.91
C THR B 515 0.72 17.39 -7.82
N THR B 516 -0.59 17.33 -7.97
CA THR B 516 -1.44 16.73 -6.97
C THR B 516 -1.54 15.22 -7.18
N ALA B 517 -1.50 14.48 -6.06
CA ALA B 517 -1.65 13.04 -6.07
C ALA B 517 -3.11 12.74 -5.74
N ARG B 518 -3.93 12.66 -6.79
CA ARG B 518 -5.36 12.45 -6.60
C ARG B 518 -5.65 11.08 -6.01
N SER B 519 -4.79 10.10 -6.27
CA SER B 519 -4.89 8.79 -5.66
C SER B 519 -3.86 8.68 -4.54
N TRP B 520 -4.35 8.50 -3.31
CA TRP B 520 -3.45 8.39 -2.15
C TRP B 520 -2.72 7.06 -2.10
N ASN B 521 -2.88 6.24 -3.14
CA ASN B 521 -2.09 5.04 -3.33
C ASN B 521 -1.47 5.10 -4.72
N LEU B 522 -0.91 3.98 -5.18
CA LEU B 522 -0.24 3.88 -6.49
C LEU B 522 1.01 4.73 -6.58
N SER B 523 1.57 5.15 -5.45
CA SER B 523 2.81 5.91 -5.48
C SER B 523 4.00 5.06 -5.88
N ASP B 524 3.88 3.74 -5.77
CA ASP B 524 4.97 2.83 -6.10
C ASP B 524 4.88 2.25 -7.50
N ASP B 525 3.73 2.38 -8.16
CA ASP B 525 3.61 1.91 -9.54
C ASP B 525 4.23 2.89 -10.54
N LEU B 526 4.52 4.12 -10.13
CA LEU B 526 5.23 5.03 -11.00
C LEU B 526 6.66 4.57 -11.25
N GLY B 527 7.25 3.86 -10.31
CA GLY B 527 8.60 3.34 -10.47
C GLY B 527 8.71 2.07 -11.26
N GLN B 528 7.58 1.46 -11.63
CA GLN B 528 7.59 0.22 -12.40
C GLN B 528 6.96 0.41 -13.77
N ILE B 529 6.93 1.65 -14.27
CA ILE B 529 6.30 1.92 -15.56
C ILE B 529 7.17 1.36 -16.67
N GLU B 530 6.54 0.56 -17.54
CA GLU B 530 7.22 0.03 -18.71
C GLU B 530 6.65 0.55 -20.02
N TYR B 531 5.46 1.14 -20.00
CA TYR B 531 4.86 1.74 -21.19
C TYR B 531 4.21 3.06 -20.82
N ILE B 532 4.37 4.05 -21.70
CA ILE B 532 3.73 5.36 -21.54
C ILE B 532 2.99 5.68 -22.82
N PHE B 533 1.70 5.99 -22.70
CA PHE B 533 0.87 6.39 -23.82
C PHE B 533 0.46 7.84 -23.62
N SER B 534 0.66 8.66 -24.66
CA SER B 534 0.40 10.09 -24.55
C SER B 534 -0.35 10.58 -25.77
N ASP B 535 -1.11 11.66 -25.59
CA ASP B 535 -1.74 12.38 -26.69
C ASP B 535 -0.98 13.67 -26.93
N LYS B 536 -0.67 13.94 -28.19
CA LYS B 536 0.22 15.05 -28.51
C LYS B 536 -0.37 16.39 -28.09
N THR B 537 -1.53 16.74 -28.63
CA THR B 537 -2.11 18.05 -28.37
C THR B 537 -2.56 18.15 -26.92
N GLY B 538 -2.11 19.20 -26.24
CA GLY B 538 -2.46 19.44 -24.86
C GLY B 538 -1.51 18.85 -23.85
N THR B 539 -0.70 17.87 -24.26
CA THR B 539 0.27 17.25 -23.36
C THR B 539 1.71 17.51 -23.80
N LEU B 540 2.06 17.17 -25.04
CA LEU B 540 3.37 17.50 -25.58
C LEU B 540 3.42 18.90 -26.15
N THR B 541 2.28 19.59 -26.24
CA THR B 541 2.20 20.93 -26.79
C THR B 541 1.51 21.85 -25.79
N GLN B 542 1.73 23.15 -25.96
CA GLN B 542 1.16 24.14 -25.07
C GLN B 542 -0.28 24.50 -25.42
N ASN B 543 -0.83 23.92 -26.49
CA ASN B 543 -2.19 24.19 -26.95
C ASN B 543 -2.41 25.66 -27.30
N ALA B 544 -1.32 26.40 -27.49
CA ALA B 544 -1.36 27.80 -27.90
C ALA B 544 -0.46 27.92 -29.12
N MET B 545 -1.02 27.66 -30.30
CA MET B 545 -0.26 27.66 -31.53
C MET B 545 -0.23 29.05 -32.15
N ILE B 546 0.86 29.33 -32.88
CA ILE B 546 1.09 30.62 -33.51
C ILE B 546 1.34 30.42 -34.99
N PHE B 547 0.70 31.24 -35.81
CA PHE B 547 0.85 31.14 -37.26
C PHE B 547 2.30 31.31 -37.67
N ARG B 548 2.79 30.42 -38.53
CA ARG B 548 4.17 30.48 -39.01
C ARG B 548 4.24 30.77 -40.50
N GLN B 549 3.60 29.96 -41.34
CA GLN B 549 3.68 30.10 -42.79
C GLN B 549 2.29 30.10 -43.39
N CYS B 550 2.07 30.98 -44.36
CA CYS B 550 0.80 31.08 -45.07
C CYS B 550 1.06 30.96 -46.56
N SER B 551 0.29 30.10 -47.23
CA SER B 551 0.41 29.90 -48.67
C SER B 551 -0.77 30.52 -49.37
N VAL B 552 -0.50 31.34 -50.38
CA VAL B 552 -1.54 32.00 -51.17
C VAL B 552 -1.20 31.75 -52.63
N GLY B 553 -1.79 30.71 -53.21
CA GLY B 553 -1.60 30.40 -54.61
C GLY B 553 -0.34 29.62 -54.93
N GLY B 554 0.81 30.28 -54.94
CA GLY B 554 2.01 29.59 -55.36
C GLY B 554 3.31 29.98 -54.66
N LYS B 555 3.24 30.90 -53.70
CA LYS B 555 4.46 31.41 -53.07
C LYS B 555 4.41 31.21 -51.57
N ILE B 556 5.45 30.57 -51.03
CA ILE B 556 5.57 30.39 -49.60
C ILE B 556 5.88 31.72 -48.92
N TYR B 557 5.60 31.79 -47.63
CA TYR B 557 5.94 32.95 -46.82
C TYR B 557 6.57 32.49 -45.50
N THR B 558 7.66 33.14 -45.12
CA THR B 558 8.36 32.79 -43.89
C THR B 558 8.59 34.02 -43.03
N HIS B 624 2.67 37.05 -35.81
CA HIS B 624 3.63 38.09 -36.16
C HIS B 624 4.02 37.98 -37.63
N ASP B 625 3.16 37.36 -38.43
CA ASP B 625 3.43 37.14 -39.84
C ASP B 625 3.31 38.46 -40.59
N ALA B 626 4.44 39.00 -41.05
CA ALA B 626 4.46 40.20 -41.88
C ALA B 626 4.90 39.90 -43.29
N GLU B 627 6.09 39.34 -43.47
CA GLU B 627 6.57 38.75 -44.72
C GLU B 627 6.45 39.73 -45.89
N LEU B 628 6.32 39.19 -47.10
CA LEU B 628 6.27 39.96 -48.33
C LEU B 628 4.84 40.29 -48.76
N ASP B 629 3.83 39.85 -48.01
CA ASP B 629 2.46 40.17 -48.35
C ASP B 629 2.24 41.68 -48.43
N LYS B 630 2.90 42.43 -47.55
CA LYS B 630 2.85 43.88 -47.65
C LYS B 630 3.53 44.36 -48.93
N ASP B 631 4.63 43.73 -49.31
CA ASP B 631 5.36 44.10 -50.51
C ASP B 631 4.73 43.56 -51.79
N LEU B 632 3.78 42.62 -51.68
CA LEU B 632 3.14 42.06 -52.86
C LEU B 632 1.76 42.64 -53.12
N GLU B 633 1.07 43.11 -52.09
CA GLU B 633 -0.28 43.64 -52.26
C GLU B 633 -0.20 44.95 -53.03
N ALA B 634 -0.46 44.88 -54.33
CA ALA B 634 -0.31 46.06 -55.19
C ALA B 634 -1.46 46.20 -56.19
N HIS B 635 -2.58 45.51 -55.97
CA HIS B 635 -3.80 45.68 -56.75
C HIS B 635 -3.61 45.22 -58.19
N ASP B 636 -4.71 45.21 -58.96
CA ASP B 636 -4.73 44.95 -60.40
C ASP B 636 -3.90 43.72 -60.79
N SER B 637 -4.11 42.63 -60.05
CA SER B 637 -3.50 41.36 -60.39
C SER B 637 -4.32 40.23 -59.79
N GLU B 638 -4.32 39.08 -60.46
CA GLU B 638 -5.08 37.93 -59.98
C GLU B 638 -4.54 37.44 -58.64
N GLN B 639 -3.21 37.50 -58.46
CA GLN B 639 -2.62 37.11 -57.19
C GLN B 639 -3.10 38.01 -56.06
N SER B 640 -3.22 39.31 -56.33
CA SER B 640 -3.71 40.23 -55.31
C SER B 640 -5.16 39.92 -54.94
N ARG B 641 -6.00 39.61 -55.94
CA ARG B 641 -7.38 39.25 -55.66
C ARG B 641 -7.46 37.98 -54.83
N ILE B 642 -6.64 36.99 -55.16
CA ILE B 642 -6.63 35.75 -54.39
C ILE B 642 -6.17 36.03 -52.96
N LEU B 643 -5.19 36.92 -52.79
CA LEU B 643 -4.74 37.28 -51.45
C LEU B 643 -5.85 37.96 -50.66
N HIS B 644 -6.59 38.86 -51.29
CA HIS B 644 -7.71 39.51 -50.62
C HIS B 644 -8.74 38.49 -50.19
N GLY B 645 -9.08 37.55 -51.08
CA GLY B 645 -10.04 36.53 -50.73
C GLY B 645 -9.56 35.61 -49.62
N PHE B 646 -8.28 35.25 -49.66
CA PHE B 646 -7.68 34.41 -48.62
C PHE B 646 -7.77 35.08 -47.26
N PHE B 647 -7.37 36.36 -47.21
CA PHE B 647 -7.43 37.07 -45.94
C PHE B 647 -8.86 37.28 -45.48
N ALA B 648 -9.79 37.51 -46.41
CA ALA B 648 -11.19 37.67 -46.02
C ALA B 648 -11.75 36.40 -45.42
N VAL B 649 -11.50 35.26 -46.07
CA VAL B 649 -12.02 34.00 -45.55
C VAL B 649 -11.32 33.61 -44.27
N LEU B 650 -10.09 34.08 -44.07
CA LEU B 650 -9.42 33.81 -42.79
C LEU B 650 -9.95 34.71 -41.67
N GLY B 651 -10.35 35.94 -42.01
CA GLY B 651 -10.79 36.88 -40.99
C GLY B 651 -12.27 36.92 -40.70
N LEU B 652 -13.11 36.32 -41.55
CA LEU B 652 -14.54 36.28 -41.32
C LEU B 652 -15.05 34.90 -40.95
N CYS B 653 -14.57 33.85 -41.61
CA CYS B 653 -15.09 32.50 -41.43
C CYS B 653 -14.60 31.95 -40.10
N HIS B 654 -15.35 32.24 -39.04
CA HIS B 654 -15.00 31.80 -37.70
C HIS B 654 -16.23 32.01 -36.81
N THR B 655 -16.04 31.85 -35.50
CA THR B 655 -17.02 32.20 -34.49
C THR B 655 -16.39 33.07 -33.42
N VAL B 656 -15.31 33.79 -33.78
CA VAL B 656 -14.56 34.55 -32.81
C VAL B 656 -15.34 35.79 -32.39
N LEU B 657 -15.27 36.12 -31.11
CA LEU B 657 -15.82 37.35 -30.56
C LEU B 657 -14.68 38.33 -30.29
N ALA B 658 -14.83 39.55 -30.76
CA ALA B 658 -13.77 40.57 -30.65
C ALA B 658 -14.15 41.63 -29.64
N ALA B 659 -13.15 42.12 -28.92
CA ALA B 659 -13.32 43.17 -27.92
C ALA B 659 -12.77 44.47 -28.47
N GLU B 660 -13.62 45.48 -28.57
CA GLU B 660 -13.25 46.78 -29.12
C GLU B 660 -13.03 47.84 -28.05
N THR B 661 -12.92 47.43 -26.78
CA THR B 661 -12.76 48.41 -25.70
C THR B 661 -11.44 49.17 -25.79
N GLU B 662 -10.48 48.66 -26.55
CA GLU B 662 -9.21 49.34 -26.78
C GLU B 662 -9.08 49.64 -28.27
N PRO B 663 -9.42 50.84 -28.72
CA PRO B 663 -9.31 51.16 -30.15
C PRO B 663 -7.89 50.99 -30.64
N GLY B 664 -7.76 50.46 -31.86
CA GLY B 664 -6.47 50.14 -32.44
C GLY B 664 -5.97 48.77 -32.07
N VAL B 665 -6.11 48.38 -30.80
CA VAL B 665 -5.68 47.06 -30.37
C VAL B 665 -6.70 46.01 -30.79
N ILE B 666 -7.93 46.13 -30.29
CA ILE B 666 -9.03 45.23 -30.63
C ILE B 666 -8.62 43.78 -30.35
N GLU B 667 -8.55 43.43 -29.08
CA GLU B 667 -8.17 42.06 -28.71
C GLU B 667 -9.29 41.09 -29.05
N TYR B 668 -8.88 39.88 -29.45
CA TYR B 668 -9.82 38.84 -29.84
C TYR B 668 -9.85 37.73 -28.80
N LYS B 669 -11.06 37.29 -28.45
CA LYS B 669 -11.27 36.24 -27.46
C LYS B 669 -12.06 35.12 -28.13
N ALA B 670 -11.36 34.18 -28.76
CA ALA B 670 -11.99 33.08 -29.44
C ALA B 670 -12.16 31.90 -28.48
N GLN B 671 -12.70 30.80 -29.00
CA GLN B 671 -12.91 29.59 -28.22
C GLN B 671 -11.82 28.56 -28.48
N SER B 672 -11.64 28.17 -29.73
CA SER B 672 -10.56 27.24 -30.07
C SER B 672 -9.29 28.02 -30.42
N PRO B 673 -8.13 27.51 -30.03
CA PRO B 673 -6.88 28.26 -30.27
C PRO B 673 -6.58 28.51 -31.74
N ASP B 674 -6.94 27.58 -32.62
CA ASP B 674 -6.63 27.76 -34.04
C ASP B 674 -7.32 28.98 -34.61
N GLU B 675 -8.61 29.18 -34.27
CA GLU B 675 -9.34 30.33 -34.78
C GLU B 675 -8.75 31.63 -34.26
N ALA B 676 -8.38 31.67 -32.98
CA ALA B 676 -7.78 32.86 -32.41
C ALA B 676 -6.47 33.19 -33.11
N ALA B 677 -5.63 32.18 -33.32
CA ALA B 677 -4.34 32.41 -33.98
C ALA B 677 -4.55 32.91 -35.40
N LEU B 678 -5.47 32.27 -36.15
CA LEU B 678 -5.68 32.67 -37.53
C LEU B 678 -6.23 34.09 -37.64
N VAL B 679 -7.20 34.44 -36.77
CA VAL B 679 -7.80 35.77 -36.83
C VAL B 679 -6.79 36.82 -36.44
N GLN B 680 -6.01 36.57 -35.37
CA GLN B 680 -5.01 37.55 -34.96
C GLN B 680 -3.94 37.72 -36.03
N SER B 681 -3.52 36.63 -36.67
CA SER B 681 -2.53 36.73 -37.73
C SER B 681 -3.09 37.51 -38.93
N ALA B 682 -4.34 37.26 -39.30
CA ALA B 682 -4.95 38.01 -40.38
C ALA B 682 -5.03 39.48 -40.05
N ALA B 683 -5.37 39.82 -38.79
CA ALA B 683 -5.42 41.21 -38.38
C ALA B 683 -4.04 41.85 -38.46
N ASP B 684 -3.00 41.11 -38.03
CA ASP B 684 -1.65 41.65 -38.06
C ASP B 684 -1.10 41.76 -39.48
N VAL B 685 -1.66 41.01 -40.43
CA VAL B 685 -1.17 41.01 -41.79
C VAL B 685 -2.11 41.78 -42.72
N GLY B 686 -2.89 42.71 -42.18
CA GLY B 686 -3.85 43.43 -42.99
C GLY B 686 -5.27 43.37 -42.46
N PHE B 687 -6.14 42.64 -43.17
CA PHE B 687 -7.56 42.57 -42.88
C PHE B 687 -7.83 42.30 -41.40
N VAL B 688 -8.49 43.24 -40.75
CA VAL B 688 -8.79 43.17 -39.31
C VAL B 688 -10.28 42.95 -39.15
N PHE B 689 -10.64 41.90 -38.42
CA PHE B 689 -12.05 41.62 -38.13
C PHE B 689 -12.55 42.69 -37.16
N ARG B 690 -13.33 43.64 -37.67
CA ARG B 690 -13.73 44.78 -36.87
C ARG B 690 -14.62 44.35 -35.71
N GLY B 691 -15.57 43.46 -35.95
CA GLY B 691 -16.42 42.97 -34.88
C GLY B 691 -17.72 42.44 -35.41
N ARG B 692 -18.49 41.85 -34.49
CA ARG B 692 -19.80 41.29 -34.78
C ARG B 692 -20.79 41.71 -33.69
N ASP B 693 -20.80 43.00 -33.37
CA ASP B 693 -21.66 43.50 -32.31
C ASP B 693 -23.13 43.30 -32.64
N HIS B 694 -23.51 43.54 -33.89
CA HIS B 694 -24.87 43.37 -34.37
C HIS B 694 -24.91 42.20 -35.35
N ASN B 695 -26.08 41.99 -35.95
CA ASN B 695 -26.22 40.98 -37.00
C ASN B 695 -25.27 41.27 -38.16
N ILE B 696 -24.91 42.54 -38.34
CA ILE B 696 -23.97 42.93 -39.39
C ILE B 696 -22.57 42.97 -38.79
N LEU B 697 -21.64 42.28 -39.43
CA LEU B 697 -20.24 42.26 -39.02
C LEU B 697 -19.41 43.09 -39.99
N ARG B 698 -18.28 43.59 -39.50
CA ARG B 698 -17.46 44.55 -40.23
C ARG B 698 -16.04 44.05 -40.39
N MET B 699 -15.38 44.52 -41.45
CA MET B 699 -14.01 44.16 -41.77
C MET B 699 -13.19 45.43 -41.91
N SER B 700 -11.89 45.33 -41.66
CA SER B 700 -11.00 46.48 -41.62
C SER B 700 -9.83 46.29 -42.58
N THR B 701 -10.13 45.94 -43.82
CA THR B 701 -9.10 45.92 -44.85
C THR B 701 -8.46 47.30 -44.95
N PRO B 702 -7.14 47.36 -45.22
CA PRO B 702 -6.45 48.65 -45.08
C PRO B 702 -6.80 49.67 -46.15
N PHE B 703 -8.09 49.85 -46.40
CA PHE B 703 -8.60 50.97 -47.17
C PHE B 703 -9.75 51.68 -46.46
N SER B 704 -10.63 50.93 -45.81
CA SER B 704 -11.81 51.48 -45.13
C SER B 704 -12.29 50.43 -44.13
N ASP B 705 -13.52 50.61 -43.65
CA ASP B 705 -14.11 49.69 -42.67
C ASP B 705 -15.31 48.96 -43.27
N VAL B 706 -15.16 48.44 -44.49
CA VAL B 706 -16.24 47.77 -45.21
C VAL B 706 -16.80 46.63 -44.37
N SER B 707 -18.09 46.33 -44.53
CA SER B 707 -18.78 45.39 -43.67
C SER B 707 -19.60 44.42 -44.51
N ASP B 708 -19.72 43.19 -44.00
CA ASP B 708 -20.51 42.14 -44.61
C ASP B 708 -21.81 41.96 -43.83
N GLU B 709 -22.61 40.98 -44.26
CA GLU B 709 -23.86 40.64 -43.60
C GLU B 709 -23.85 39.18 -43.23
N TYR B 710 -24.31 38.87 -42.02
CA TYR B 710 -24.33 37.52 -41.50
C TYR B 710 -25.73 36.94 -41.62
N GLU B 711 -25.86 35.82 -42.34
CA GLU B 711 -27.16 35.20 -42.57
C GLU B 711 -27.27 33.83 -41.91
N LEU B 712 -26.38 32.89 -42.25
CA LEU B 712 -26.51 31.50 -41.84
C LEU B 712 -25.12 30.97 -41.51
N LEU B 713 -24.77 30.99 -40.22
CA LEU B 713 -23.50 30.45 -39.77
C LEU B 713 -23.58 28.94 -39.76
N HIS B 714 -22.92 28.29 -40.71
CA HIS B 714 -22.80 26.84 -40.69
C HIS B 714 -21.78 26.49 -39.60
N VAL B 715 -22.30 26.43 -38.38
CA VAL B 715 -21.49 26.44 -37.16
C VAL B 715 -20.98 25.04 -36.86
N LEU B 716 -21.07 24.15 -37.86
CA LEU B 716 -20.71 22.74 -37.71
C LEU B 716 -19.49 22.52 -36.81
N GLU B 717 -18.43 23.29 -37.05
CA GLU B 717 -17.27 23.36 -36.16
C GLU B 717 -16.78 21.98 -35.73
N PHE B 718 -16.30 21.24 -36.73
CA PHE B 718 -15.56 20.00 -36.51
C PHE B 718 -16.42 18.91 -35.89
N ASN B 719 -15.78 17.79 -35.53
CA ASN B 719 -16.42 16.64 -34.89
C ASN B 719 -17.42 15.96 -35.82
N SER B 720 -17.86 14.76 -35.45
CA SER B 720 -18.81 13.96 -36.23
C SER B 720 -18.32 13.73 -37.65
N ALA B 721 -17.00 13.57 -37.81
CA ALA B 721 -16.35 13.42 -39.11
C ALA B 721 -16.64 14.56 -40.06
N ARG B 722 -17.13 15.69 -39.55
CA ARG B 722 -17.48 16.86 -40.35
C ARG B 722 -16.66 18.03 -39.83
N LYS B 723 -15.46 18.21 -40.39
CA LYS B 723 -14.52 19.21 -39.92
C LYS B 723 -14.61 20.54 -40.65
N ARG B 724 -15.58 20.70 -41.55
CA ARG B 724 -15.80 21.98 -42.20
C ARG B 724 -16.46 22.96 -41.22
N MET B 725 -16.17 24.24 -41.41
CA MET B 725 -16.70 25.29 -40.54
C MET B 725 -17.13 26.49 -41.37
N SER B 726 -17.86 26.24 -42.46
CA SER B 726 -18.19 27.29 -43.41
C SER B 726 -19.18 28.28 -42.81
N VAL B 727 -19.40 29.37 -43.54
CA VAL B 727 -20.37 30.39 -43.13
C VAL B 727 -20.79 31.20 -44.35
N ILE B 728 -22.09 31.41 -44.51
CA ILE B 728 -22.62 32.18 -45.63
C ILE B 728 -22.64 33.66 -45.24
N LEU B 729 -22.07 34.51 -46.10
CA LEU B 729 -22.00 35.94 -45.84
C LEU B 729 -22.34 36.70 -47.11
N ARG B 730 -22.81 37.94 -46.92
CA ARG B 730 -23.14 38.82 -48.03
C ARG B 730 -22.50 40.18 -47.80
N LYS B 731 -21.77 40.66 -48.79
CA LYS B 731 -21.16 41.99 -48.71
C LYS B 731 -22.24 43.05 -48.89
N LEU B 732 -22.09 44.16 -48.16
CA LEU B 732 -23.00 45.28 -48.28
C LEU B 732 -22.73 46.16 -49.50
N ASP B 733 -21.97 45.66 -50.46
CA ASP B 733 -21.71 46.39 -51.68
C ASP B 733 -22.99 46.54 -52.50
N GLU B 734 -22.98 47.51 -53.42
CA GLU B 734 -24.17 47.76 -54.23
C GLU B 734 -24.57 46.55 -55.06
N ASP B 735 -23.63 45.65 -55.35
CA ASP B 735 -23.98 44.39 -55.99
C ASP B 735 -24.69 43.46 -55.01
N GLY B 736 -24.24 43.45 -53.76
CA GLY B 736 -24.86 42.62 -52.74
C GLY B 736 -24.81 41.15 -53.05
N ARG B 737 -23.69 40.66 -53.56
CA ARG B 737 -23.58 39.26 -53.95
C ARG B 737 -23.54 38.35 -52.73
N ILE B 738 -23.91 37.10 -52.95
CA ILE B 738 -23.93 36.07 -51.91
C ILE B 738 -22.77 35.13 -52.19
N PHE B 739 -21.78 35.11 -51.29
CA PHE B 739 -20.64 34.24 -51.43
C PHE B 739 -20.43 33.46 -50.14
N LEU B 740 -19.79 32.31 -50.27
CA LEU B 740 -19.60 31.38 -49.16
C LEU B 740 -18.13 31.34 -48.77
N LEU B 741 -17.88 31.34 -47.47
CA LEU B 741 -16.54 31.21 -46.91
C LEU B 741 -16.45 29.91 -46.14
N CYS B 742 -15.31 29.23 -46.22
CA CYS B 742 -15.18 27.93 -45.58
C CYS B 742 -13.72 27.69 -45.20
N LYS B 743 -13.53 27.06 -44.04
CA LYS B 743 -12.23 26.55 -43.63
C LYS B 743 -12.43 25.21 -42.95
N GLY B 744 -11.47 24.30 -43.14
CA GLY B 744 -11.60 22.98 -42.56
C GLY B 744 -10.38 22.15 -42.84
N ALA B 745 -10.50 20.85 -42.54
CA ALA B 745 -9.40 19.93 -42.74
C ALA B 745 -9.05 19.82 -44.22
N ASP B 746 -7.84 19.32 -44.49
CA ASP B 746 -7.36 19.25 -45.86
C ASP B 746 -8.22 18.32 -46.72
N ASN B 747 -8.60 17.16 -46.17
CA ASN B 747 -9.30 16.16 -46.97
C ASN B 747 -10.66 16.69 -47.45
N VAL B 748 -11.44 17.24 -46.53
CA VAL B 748 -12.79 17.69 -46.88
C VAL B 748 -12.74 18.85 -47.85
N ILE B 749 -11.85 19.82 -47.60
CA ILE B 749 -11.74 20.97 -48.49
C ILE B 749 -11.29 20.52 -49.88
N PHE B 750 -10.33 19.61 -49.94
CA PHE B 750 -9.83 19.16 -51.24
C PHE B 750 -10.88 18.36 -51.99
N GLU B 751 -11.65 17.52 -51.29
CA GLU B 751 -12.70 16.76 -51.98
C GLU B 751 -13.87 17.64 -52.37
N ARG B 752 -14.06 18.78 -51.72
CA ARG B 752 -15.12 19.71 -52.07
C ARG B 752 -14.52 20.86 -52.88
N LEU B 753 -14.38 20.62 -54.18
CA LEU B 753 -13.81 21.59 -55.11
C LEU B 753 -14.45 21.40 -56.48
N THR B 754 -13.83 21.96 -57.51
CA THR B 754 -14.31 21.84 -58.88
C THR B 754 -13.16 21.36 -59.76
N LYS B 755 -13.52 20.80 -60.92
CA LYS B 755 -12.59 20.08 -61.77
C LYS B 755 -12.61 20.63 -63.20
N ASP B 756 -12.48 21.95 -63.33
CA ASP B 756 -12.38 22.57 -64.65
C ASP B 756 -11.39 23.73 -64.59
N SER B 757 -11.18 24.32 -65.77
CA SER B 757 -10.29 25.50 -65.87
C SER B 757 -8.94 25.22 -65.23
N ASN B 758 -8.23 26.28 -64.86
CA ASN B 758 -6.92 26.17 -64.24
C ASN B 758 -7.00 25.73 -62.78
N GLN B 759 -8.19 25.40 -62.30
CA GLN B 759 -8.35 24.93 -60.94
C GLN B 759 -7.60 23.62 -60.71
N ARG B 760 -7.38 22.83 -61.76
CA ARG B 760 -6.61 21.61 -61.60
C ARG B 760 -5.15 21.93 -61.25
N GLU B 761 -4.55 22.86 -61.99
CA GLU B 761 -3.19 23.30 -61.66
C GLU B 761 -3.16 23.96 -60.29
N MET B 762 -4.18 24.74 -59.98
CA MET B 762 -4.27 25.35 -58.64
C MET B 762 -4.27 24.28 -57.56
N ARG B 763 -5.06 23.22 -57.76
CA ARG B 763 -5.16 22.15 -56.77
C ARG B 763 -3.85 21.40 -56.63
N GLU B 764 -3.18 21.10 -57.74
CA GLU B 764 -1.93 20.36 -57.64
C GLU B 764 -0.85 21.20 -56.96
N LYS B 765 -0.78 22.49 -57.27
CA LYS B 765 0.16 23.36 -56.58
C LYS B 765 -0.16 23.45 -55.09
N THR B 766 -1.45 23.54 -54.76
CA THR B 766 -1.83 23.61 -53.35
C THR B 766 -1.48 22.33 -52.63
N ASP B 767 -1.64 21.18 -53.29
CA ASP B 767 -1.29 19.90 -52.67
C ASP B 767 0.21 19.79 -52.43
N GLN B 768 1.01 20.22 -53.40
CA GLN B 768 2.46 20.23 -53.20
C GLN B 768 2.84 21.17 -52.06
N ASP B 769 2.19 22.33 -51.99
CA ASP B 769 2.44 23.27 -50.90
C ASP B 769 2.05 22.68 -49.55
N LEU B 770 0.93 21.95 -49.52
CA LEU B 770 0.48 21.32 -48.28
C LEU B 770 1.47 20.26 -47.82
N GLN B 771 1.98 19.45 -48.75
CA GLN B 771 2.98 18.46 -48.40
C GLN B 771 4.25 19.13 -47.87
N TYR B 772 4.69 20.20 -48.54
CA TYR B 772 5.87 20.92 -48.08
C TYR B 772 5.65 21.49 -46.68
N PHE B 773 4.47 22.04 -46.42
CA PHE B 773 4.16 22.57 -45.10
C PHE B 773 4.16 21.46 -44.05
N ALA B 774 3.57 20.32 -44.36
CA ALA B 774 3.54 19.22 -43.41
C ALA B 774 4.92 18.68 -43.12
N SER B 775 5.82 18.71 -44.11
CA SER B 775 7.17 18.19 -43.91
C SER B 775 7.92 18.96 -42.82
N GLU B 776 7.60 20.25 -42.65
CA GLU B 776 8.30 21.09 -41.69
C GLU B 776 7.72 20.99 -40.29
N GLY B 777 6.68 20.19 -40.08
CA GLY B 777 6.09 20.06 -38.77
C GLY B 777 5.03 21.12 -38.50
N LEU B 778 4.08 21.24 -39.42
CA LEU B 778 3.03 22.25 -39.32
C LEU B 778 1.67 21.59 -39.48
N ARG B 779 0.66 22.20 -38.86
CA ARG B 779 -0.71 21.70 -38.96
C ARG B 779 -1.41 22.40 -40.12
N THR B 780 -1.92 21.61 -41.05
CA THR B 780 -2.51 22.14 -42.27
C THR B 780 -3.96 22.52 -42.04
N LEU B 781 -4.41 23.57 -42.74
CA LEU B 781 -5.80 24.02 -42.68
C LEU B 781 -6.07 24.84 -43.93
N CYS B 782 -6.95 24.34 -44.79
CA CYS B 782 -7.19 24.95 -46.08
C CYS B 782 -8.32 25.98 -46.02
N LEU B 783 -8.53 26.66 -47.14
CA LEU B 783 -9.59 27.66 -47.28
C LEU B 783 -10.25 27.50 -48.63
N ALA B 784 -11.50 27.95 -48.73
CA ALA B 784 -12.31 27.73 -49.92
C ALA B 784 -13.04 29.01 -50.29
N TYR B 785 -13.76 28.98 -51.41
CA TYR B 785 -14.46 30.13 -51.94
C TYR B 785 -15.61 29.65 -52.82
N ARG B 786 -16.82 30.14 -52.54
CA ARG B 786 -18.00 29.72 -53.27
C ARG B 786 -18.88 30.93 -53.56
N ILE B 787 -19.47 30.97 -54.75
CA ILE B 787 -20.38 32.03 -55.16
C ILE B 787 -21.79 31.44 -55.28
N LEU B 788 -22.75 32.10 -54.68
CA LEU B 788 -24.14 31.65 -54.65
C LEU B 788 -25.02 32.59 -55.46
N ASP B 789 -25.75 32.05 -56.43
CA ASP B 789 -26.75 32.83 -57.14
C ASP B 789 -27.94 33.10 -56.22
N PRO B 790 -28.59 34.27 -56.36
CA PRO B 790 -29.66 34.61 -55.43
C PRO B 790 -30.81 33.62 -55.39
N GLN B 791 -31.21 33.07 -56.53
CA GLN B 791 -32.39 32.20 -56.56
C GLN B 791 -32.15 30.90 -55.82
N VAL B 792 -31.06 30.21 -56.14
CA VAL B 792 -30.75 28.96 -55.44
C VAL B 792 -30.43 29.26 -53.98
N TYR B 793 -29.80 30.40 -53.72
CA TYR B 793 -29.51 30.78 -52.34
C TYR B 793 -30.78 30.90 -51.52
N GLU B 794 -31.80 31.60 -52.04
CA GLU B 794 -33.02 31.78 -51.26
C GLU B 794 -33.84 30.50 -51.18
N GLN B 795 -33.84 29.69 -52.24
CA GLN B 795 -34.54 28.42 -52.17
C GLN B 795 -33.93 27.51 -51.11
N TRP B 796 -32.60 27.37 -51.13
CA TRP B 796 -31.93 26.58 -50.10
C TRP B 796 -32.10 27.21 -48.72
N ALA B 797 -32.17 28.54 -48.65
CA ALA B 797 -32.36 29.20 -47.36
C ALA B 797 -33.73 28.86 -46.77
N LYS B 798 -34.78 28.89 -47.58
CA LYS B 798 -36.09 28.54 -47.05
C LYS B 798 -36.17 27.05 -46.73
N GLU B 799 -35.50 26.21 -47.52
CA GLU B 799 -35.45 24.79 -47.19
C GLU B 799 -34.78 24.57 -45.84
N TYR B 800 -33.65 25.25 -45.60
CA TYR B 800 -32.95 25.14 -44.33
C TYR B 800 -33.80 25.69 -43.19
N HIS B 801 -34.52 26.79 -43.44
CA HIS B 801 -35.35 27.38 -42.40
C HIS B 801 -36.47 26.43 -41.98
N ASN B 802 -37.14 25.81 -42.94
CA ASN B 802 -38.19 24.87 -42.57
C ASN B 802 -37.63 23.54 -42.06
N ALA B 803 -36.38 23.21 -42.39
CA ALA B 803 -35.76 22.00 -41.86
C ALA B 803 -35.09 22.20 -40.51
N THR B 804 -34.96 23.46 -40.05
CA THR B 804 -34.38 23.69 -38.73
C THR B 804 -35.23 23.07 -37.63
N VAL B 805 -36.55 23.21 -37.73
CA VAL B 805 -37.48 22.57 -36.82
C VAL B 805 -38.21 21.50 -37.61
N ALA B 806 -38.02 20.25 -37.21
CA ALA B 806 -38.62 19.11 -37.91
C ALA B 806 -39.27 18.07 -37.01
N LEU B 807 -38.91 18.01 -35.73
CA LEU B 807 -39.43 17.02 -34.79
C LEU B 807 -39.16 15.59 -35.23
N GLN B 808 -38.14 15.39 -36.06
CA GLN B 808 -37.80 14.06 -36.54
C GLN B 808 -36.37 14.10 -37.06
N ASP B 809 -35.47 13.34 -36.41
CA ASP B 809 -34.08 13.25 -36.82
C ASP B 809 -33.42 14.63 -36.84
N ARG B 810 -33.41 15.25 -38.03
CA ARG B 810 -32.89 16.59 -38.28
C ARG B 810 -31.38 16.62 -38.25
N GLU B 811 -30.75 15.55 -37.76
CA GLU B 811 -29.29 15.50 -37.75
C GLU B 811 -28.76 15.18 -39.14
N GLU B 812 -29.16 14.03 -39.68
CA GLU B 812 -28.85 13.72 -41.07
C GLU B 812 -29.45 14.75 -42.01
N ARG B 813 -30.57 15.36 -41.63
CA ARG B 813 -31.15 16.42 -42.45
C ARG B 813 -30.22 17.61 -42.55
N ILE B 814 -29.71 18.10 -41.42
CA ILE B 814 -28.79 19.22 -41.44
C ILE B 814 -27.51 18.85 -42.18
N GLU B 815 -27.01 17.63 -41.96
CA GLU B 815 -25.79 17.20 -42.64
C GLU B 815 -25.97 17.16 -44.15
N SER B 816 -27.11 16.64 -44.61
CA SER B 816 -27.38 16.58 -46.04
C SER B 816 -27.57 17.98 -46.62
N VAL B 817 -28.20 18.87 -45.86
CA VAL B 817 -28.34 20.25 -46.29
C VAL B 817 -26.96 20.88 -46.50
N SER B 818 -26.07 20.67 -45.52
CA SER B 818 -24.71 21.21 -45.63
C SER B 818 -23.98 20.62 -46.82
N SER B 819 -24.12 19.31 -47.04
CA SER B 819 -23.46 18.68 -48.18
C SER B 819 -24.01 19.19 -49.50
N SER B 820 -25.31 19.50 -49.54
CA SER B 820 -25.93 19.96 -50.78
C SER B 820 -25.55 21.40 -51.11
N ILE B 821 -25.48 22.27 -50.10
CA ILE B 821 -25.18 23.67 -50.38
C ILE B 821 -23.76 23.83 -50.92
N GLU B 822 -22.85 22.93 -50.56
CA GLU B 822 -21.45 23.02 -50.99
C GLU B 822 -21.29 22.25 -52.29
N ARG B 823 -21.26 22.97 -53.41
CA ARG B 823 -21.09 22.34 -54.72
C ARG B 823 -20.07 23.01 -55.62
N ASP B 824 -19.72 24.27 -55.40
CA ASP B 824 -18.80 24.99 -56.29
C ASP B 824 -17.77 25.76 -55.48
N LEU B 825 -17.15 25.09 -54.51
CA LEU B 825 -16.07 25.71 -53.75
C LEU B 825 -14.84 25.92 -54.62
N ILE B 826 -14.13 27.02 -54.37
CA ILE B 826 -12.91 27.36 -55.09
C ILE B 826 -11.79 27.50 -54.06
N LEU B 827 -10.69 26.79 -54.30
CA LEU B 827 -9.57 26.80 -53.36
C LEU B 827 -8.92 28.18 -53.32
N LEU B 828 -8.60 28.64 -52.11
CA LEU B 828 -7.96 29.92 -51.92
C LEU B 828 -6.55 29.83 -51.35
N GLY B 829 -6.25 28.81 -50.55
CA GLY B 829 -4.93 28.69 -49.98
C GLY B 829 -4.89 27.57 -48.96
N ALA B 830 -3.76 27.50 -48.25
CA ALA B 830 -3.54 26.46 -47.26
C ALA B 830 -2.70 27.06 -46.14
N THR B 831 -3.32 27.29 -44.99
CA THR B 831 -2.60 27.80 -43.84
C THR B 831 -1.81 26.69 -43.16
N ALA B 832 -0.88 27.09 -42.29
CA ALA B 832 -0.04 26.14 -41.57
C ALA B 832 0.34 26.77 -40.23
N ILE B 833 -0.13 26.18 -39.15
CA ILE B 833 0.11 26.68 -37.80
C ILE B 833 0.96 25.65 -37.07
N GLU B 834 2.00 26.12 -36.39
CA GLU B 834 2.92 25.25 -35.65
C GLU B 834 2.51 25.21 -34.19
N ASP B 835 2.43 24.01 -33.63
CA ASP B 835 2.11 23.83 -32.22
C ASP B 835 3.40 23.90 -31.40
N LYS B 836 3.41 24.78 -30.40
CA LYS B 836 4.60 24.99 -29.59
C LYS B 836 4.75 23.83 -28.62
N LEU B 837 5.84 23.07 -28.78
CA LEU B 837 6.16 22.04 -27.81
C LEU B 837 6.53 22.67 -26.47
N GLN B 838 6.12 22.03 -25.39
CA GLN B 838 6.42 22.55 -24.06
C GLN B 838 7.93 22.54 -23.82
N ASP B 839 8.39 23.46 -22.98
CA ASP B 839 9.81 23.56 -22.68
C ASP B 839 10.27 22.32 -21.94
N GLY B 840 11.25 21.62 -22.50
CA GLY B 840 11.81 20.43 -21.90
C GLY B 840 11.26 19.12 -22.42
N VAL B 841 10.31 19.15 -23.36
CA VAL B 841 9.76 17.90 -23.90
C VAL B 841 10.81 17.04 -24.57
N PRO B 842 11.69 17.57 -25.44
CA PRO B 842 12.69 16.69 -26.07
C PRO B 842 13.61 16.01 -25.08
N ASP B 843 14.14 16.77 -24.12
CA ASP B 843 15.01 16.17 -23.11
C ASP B 843 14.24 15.16 -22.26
N THR B 844 12.99 15.46 -21.94
CA THR B 844 12.17 14.52 -21.17
C THR B 844 11.98 13.21 -21.91
N ILE B 845 11.66 13.28 -23.21
CA ILE B 845 11.45 12.07 -23.98
C ILE B 845 12.76 11.29 -24.13
N SER B 846 13.88 11.99 -24.32
CA SER B 846 15.16 11.31 -24.43
C SER B 846 15.51 10.60 -23.12
N ASP B 847 15.29 11.26 -21.98
CA ASP B 847 15.56 10.63 -20.69
C ASP B 847 14.65 9.44 -20.45
N LEU B 848 13.37 9.55 -20.83
CA LEU B 848 12.47 8.42 -20.70
C LEU B 848 12.92 7.25 -21.57
N LYS B 849 13.41 7.55 -22.78
CA LYS B 849 13.95 6.51 -23.65
C LYS B 849 15.15 5.84 -23.01
N ARG B 850 16.02 6.62 -22.35
CA ARG B 850 17.14 6.01 -21.64
C ARG B 850 16.69 5.53 -20.26
N ALA B 851 15.55 4.85 -20.20
CA ALA B 851 15.12 4.18 -18.98
C ALA B 851 14.40 2.87 -19.27
N GLY B 852 14.31 2.44 -20.53
CA GLY B 852 13.52 1.29 -20.89
C GLY B 852 12.03 1.55 -20.99
N ILE B 853 11.58 2.79 -20.84
CA ILE B 853 10.17 3.13 -20.87
C ILE B 853 9.77 3.40 -22.31
N LYS B 854 8.90 2.56 -22.85
CA LYS B 854 8.38 2.79 -24.20
C LYS B 854 7.44 3.99 -24.17
N VAL B 855 7.59 4.87 -25.15
CA VAL B 855 6.82 6.12 -25.20
C VAL B 855 5.99 6.08 -26.48
N TRP B 856 4.71 5.73 -26.34
CA TRP B 856 3.77 5.84 -27.45
C TRP B 856 3.15 7.23 -27.47
N VAL B 857 2.81 7.69 -28.67
CA VAL B 857 2.13 8.96 -28.86
C VAL B 857 0.97 8.73 -29.80
N ALA B 858 -0.24 9.04 -29.34
CA ALA B 858 -1.44 8.96 -30.17
C ALA B 858 -1.85 10.39 -30.52
N THR B 859 -1.23 10.92 -31.58
CA THR B 859 -1.44 12.30 -31.97
C THR B 859 -2.64 12.45 -32.88
N GLY B 860 -3.18 13.67 -32.93
CA GLY B 860 -4.32 13.96 -33.78
C GLY B 860 -3.96 14.66 -35.07
N ASP B 861 -2.67 14.66 -35.42
CA ASP B 861 -2.19 15.28 -36.64
C ASP B 861 -1.99 14.24 -37.74
N LYS B 862 -1.71 14.71 -38.94
CA LYS B 862 -1.42 13.82 -40.05
C LYS B 862 -0.12 13.07 -39.81
N LEU B 863 0.05 11.95 -40.52
CA LEU B 863 1.21 11.10 -40.31
C LEU B 863 2.50 11.86 -40.56
N GLU B 864 2.63 12.47 -41.73
CA GLU B 864 3.86 13.15 -42.11
C GLU B 864 4.17 14.31 -41.17
N THR B 865 3.16 15.14 -40.89
CA THR B 865 3.38 16.28 -40.01
C THR B 865 3.54 15.86 -38.56
N ALA B 866 3.29 14.61 -38.23
CA ALA B 866 3.47 14.11 -36.87
C ALA B 866 4.47 12.96 -36.82
N VAL B 867 5.41 12.92 -37.75
CA VAL B 867 6.55 12.01 -37.58
C VAL B 867 7.48 12.66 -36.57
N ALA B 868 7.24 12.41 -35.28
CA ALA B 868 7.92 13.09 -34.18
C ALA B 868 7.97 14.60 -34.39
N ILE B 869 6.95 15.13 -35.07
CA ILE B 869 6.89 16.53 -35.48
C ILE B 869 8.19 16.88 -36.21
N GLY B 870 8.49 16.14 -37.28
CA GLY B 870 9.74 16.36 -37.98
C GLY B 870 10.97 15.98 -37.17
N TYR B 871 10.90 14.87 -36.44
CA TYR B 871 12.01 14.34 -35.65
C TYR B 871 12.48 15.30 -34.55
N THR B 872 11.63 16.21 -34.10
CA THR B 872 12.06 17.24 -33.15
C THR B 872 11.74 16.89 -31.70
N THR B 873 10.87 15.92 -31.44
CA THR B 873 10.51 15.54 -30.09
C THR B 873 11.40 14.43 -29.52
N ASN B 874 12.43 14.03 -30.26
CA ASN B 874 13.36 12.94 -29.94
C ASN B 874 12.68 11.58 -29.92
N LEU B 875 11.40 11.49 -30.26
CA LEU B 875 10.75 10.19 -30.39
C LEU B 875 11.39 9.38 -31.51
N LEU B 876 11.64 10.02 -32.65
CA LEU B 876 12.25 9.38 -33.80
C LEU B 876 13.54 10.13 -34.11
N THR B 877 14.64 9.65 -33.54
CA THR B 877 15.95 10.27 -33.70
C THR B 877 16.59 9.79 -35.00
N LYS B 878 17.88 10.03 -35.15
CA LYS B 878 18.64 9.53 -36.29
C LYS B 878 19.11 8.10 -36.01
N ASP B 879 19.44 7.40 -37.09
CA ASP B 879 19.95 6.03 -37.03
C ASP B 879 18.96 5.10 -36.34
N THR B 880 17.68 5.25 -36.64
CA THR B 880 16.64 4.34 -36.16
C THR B 880 15.61 4.17 -37.27
N ASN B 881 15.53 2.95 -37.81
CA ASN B 881 14.57 2.66 -38.86
C ASN B 881 13.15 2.78 -38.34
N LEU B 882 12.28 3.40 -39.14
CA LEU B 882 10.88 3.56 -38.81
C LEU B 882 10.03 2.74 -39.78
N ILE B 883 9.03 2.06 -39.23
CA ILE B 883 8.12 1.22 -40.00
C ILE B 883 6.82 2.00 -40.19
N VAL B 884 6.36 2.09 -41.44
CA VAL B 884 5.18 2.87 -41.79
C VAL B 884 4.14 1.92 -42.38
N VAL B 885 2.94 1.95 -41.81
CA VAL B 885 1.80 1.18 -42.31
C VAL B 885 0.67 2.15 -42.58
N ARG B 886 0.27 2.29 -43.83
CA ARG B 886 -0.71 3.29 -44.23
C ARG B 886 -1.92 2.71 -44.96
N GLU B 887 -1.90 1.42 -45.29
CA GLU B 887 -3.00 0.76 -46.01
C GLU B 887 -3.25 1.45 -47.36
N GLY B 888 -2.23 1.38 -48.23
CA GLY B 888 -2.41 1.85 -49.59
C GLY B 888 -2.60 0.71 -50.57
N ARG B 889 -3.87 0.45 -50.94
CA ARG B 889 -4.23 -0.62 -51.86
C ARG B 889 -3.64 -1.96 -51.41
N HIS B 890 -3.60 -2.18 -50.10
CA HIS B 890 -3.04 -3.39 -49.54
C HIS B 890 -3.76 -3.72 -48.23
N SER B 891 -3.61 -4.97 -47.80
CA SER B 891 -4.19 -5.41 -46.54
C SER B 891 -3.32 -5.00 -45.37
N ILE B 892 -3.96 -4.50 -44.31
CA ILE B 892 -3.22 -4.00 -43.15
C ILE B 892 -2.46 -5.12 -42.47
N GLY B 893 -3.14 -6.25 -42.21
CA GLY B 893 -2.46 -7.37 -41.58
C GLY B 893 -1.36 -7.94 -42.45
N ASP B 894 -1.62 -8.06 -43.75
CA ASP B 894 -0.59 -8.57 -44.66
C ASP B 894 0.61 -7.64 -44.71
N GLN B 895 0.37 -6.32 -44.79
CA GLN B 895 1.48 -5.37 -44.81
C GLN B 895 2.27 -5.42 -43.51
N LEU B 896 1.59 -5.49 -42.37
CA LEU B 896 2.28 -5.56 -41.09
C LEU B 896 3.12 -6.83 -40.99
N ARG B 897 2.56 -7.97 -41.40
CA ARG B 897 3.31 -9.22 -41.36
C ARG B 897 4.50 -9.19 -42.31
N GLU B 898 4.32 -8.60 -43.50
CA GLU B 898 5.42 -8.50 -44.45
C GLU B 898 6.54 -7.63 -43.91
N ALA B 899 6.19 -6.49 -43.30
CA ALA B 899 7.20 -5.63 -42.70
C ALA B 899 7.91 -6.33 -41.56
N LEU B 900 7.17 -7.07 -40.74
CA LEU B 900 7.78 -7.81 -39.65
C LEU B 900 8.75 -8.87 -40.17
N GLU B 901 8.36 -9.56 -41.25
CA GLU B 901 9.26 -10.52 -41.87
C GLU B 901 10.51 -9.86 -42.42
N GLU B 902 10.35 -8.70 -43.06
CA GLU B 902 11.50 -8.03 -43.67
C GLU B 902 12.46 -7.51 -42.62
N PHE B 903 11.95 -7.01 -41.50
CA PHE B 903 12.80 -6.34 -40.53
C PHE B 903 13.29 -7.26 -39.40
N PHE B 904 12.54 -8.31 -39.07
CA PHE B 904 12.95 -9.23 -38.02
C PHE B 904 12.71 -10.69 -38.36
N GLY B 905 12.20 -11.01 -39.55
CA GLY B 905 11.87 -12.38 -39.89
C GLY B 905 13.07 -13.31 -39.96
N GLU B 906 14.28 -12.74 -40.08
CA GLU B 906 15.48 -13.57 -40.08
C GLU B 906 15.71 -14.25 -38.74
N ASP B 907 15.09 -13.75 -37.66
CA ASP B 907 15.24 -14.37 -36.36
C ASP B 907 14.51 -15.71 -36.32
N ALA B 908 15.20 -16.73 -35.80
CA ALA B 908 14.58 -18.05 -35.71
C ALA B 908 13.52 -18.10 -34.62
N GLY B 909 13.76 -17.43 -33.49
CA GLY B 909 12.80 -17.44 -32.41
C GLY B 909 11.50 -16.76 -32.75
N LEU B 910 11.55 -15.72 -33.59
CA LEU B 910 10.34 -15.01 -33.98
C LEU B 910 9.40 -15.90 -34.78
N ARG B 911 9.95 -16.81 -35.60
CA ARG B 911 9.12 -17.67 -36.42
C ARG B 911 8.25 -18.59 -35.58
N THR B 912 8.67 -18.90 -34.35
CA THR B 912 7.86 -19.72 -33.47
C THR B 912 6.53 -19.04 -33.14
N THR B 913 6.57 -17.74 -32.86
CA THR B 913 5.34 -17.00 -32.58
C THR B 913 4.49 -16.87 -33.83
N LEU B 914 5.10 -16.88 -35.01
CA LEU B 914 4.35 -16.76 -36.25
C LEU B 914 3.55 -18.01 -36.58
N SER B 915 3.81 -19.13 -35.92
CA SER B 915 3.07 -20.36 -36.17
C SER B 915 1.67 -20.28 -35.58
N PRO B 948 21.21 2.09 -38.62
CA PRO B 948 20.11 1.63 -37.79
C PRO B 948 20.54 1.21 -36.39
N GLY B 949 20.09 1.95 -35.38
CA GLY B 949 20.38 1.62 -33.99
C GLY B 949 19.13 1.56 -33.14
N GLY B 950 17.98 1.40 -33.79
CA GLY B 950 16.71 1.32 -33.07
C GLY B 950 15.59 1.07 -34.05
N PHE B 951 14.39 0.90 -33.48
CA PHE B 951 13.21 0.61 -34.30
C PHE B 951 12.01 1.39 -33.79
N SER B 952 11.09 1.66 -34.70
CA SER B 952 9.88 2.42 -34.39
C SER B 952 8.72 1.79 -35.14
N LEU B 953 7.56 2.46 -35.12
CA LEU B 953 6.36 1.96 -35.76
C LEU B 953 5.37 3.10 -35.93
N VAL B 954 4.77 3.20 -37.12
CA VAL B 954 3.77 4.21 -37.42
C VAL B 954 2.53 3.51 -37.95
N ILE B 955 1.39 3.76 -37.31
CA ILE B 955 0.10 3.20 -37.72
C ILE B 955 -0.96 4.24 -37.35
N GLU B 956 -1.65 4.79 -38.34
CA GLU B 956 -2.38 6.02 -38.04
C GLU B 956 -3.74 5.80 -37.39
N GLY B 957 -4.76 5.38 -38.15
CA GLY B 957 -6.02 5.02 -37.52
C GLY B 957 -6.63 3.73 -38.02
N HIS B 958 -6.39 3.42 -39.30
CA HIS B 958 -7.09 2.31 -39.94
C HIS B 958 -6.36 1.00 -39.71
N ALA B 959 -5.04 1.02 -39.67
CA ALA B 959 -4.31 -0.15 -39.23
C ALA B 959 -4.72 -0.53 -37.82
N LEU B 960 -4.86 0.46 -36.95
CA LEU B 960 -5.29 0.21 -35.58
C LEU B 960 -6.71 -0.37 -35.55
N ALA B 961 -7.62 0.24 -36.32
CA ALA B 961 -9.00 -0.25 -36.33
C ALA B 961 -9.08 -1.67 -36.84
N HIS B 962 -8.36 -1.99 -37.90
CA HIS B 962 -8.41 -3.35 -38.46
C HIS B 962 -7.71 -4.36 -37.55
N CYS B 963 -6.63 -3.96 -36.87
CA CYS B 963 -5.98 -4.86 -35.94
C CYS B 963 -6.90 -5.18 -34.76
N PHE B 964 -7.60 -4.17 -34.23
CA PHE B 964 -8.55 -4.44 -33.15
C PHE B 964 -9.81 -5.13 -33.66
N ASP B 965 -10.07 -5.09 -34.97
CA ASP B 965 -11.20 -5.83 -35.51
C ASP B 965 -10.91 -7.34 -35.54
N ASP B 966 -9.71 -7.72 -35.97
CA ASP B 966 -9.34 -9.12 -36.13
C ASP B 966 -8.51 -9.57 -34.93
N GLU B 967 -7.98 -10.80 -35.02
CA GLU B 967 -7.20 -11.39 -33.95
C GLU B 967 -5.75 -11.61 -34.31
N GLU B 968 -5.48 -12.27 -35.43
CA GLU B 968 -4.09 -12.48 -35.85
C GLU B 968 -3.39 -11.16 -36.15
N THR B 969 -4.12 -10.22 -36.75
CA THR B 969 -3.56 -8.89 -36.97
C THR B 969 -3.23 -8.21 -35.65
N GLU B 970 -4.10 -8.36 -34.66
CA GLU B 970 -3.83 -7.79 -33.34
C GLU B 970 -2.59 -8.42 -32.72
N ALA B 971 -2.44 -9.73 -32.86
CA ALA B 971 -1.26 -10.40 -32.31
C ALA B 971 0.02 -9.92 -32.99
N LEU B 972 -0.01 -9.79 -34.32
CA LEU B 972 1.16 -9.31 -35.03
C LEU B 972 1.49 -7.86 -34.64
N LEU B 973 0.46 -7.03 -34.48
CA LEU B 973 0.67 -5.65 -34.06
C LEU B 973 1.27 -5.61 -32.66
N LEU B 974 0.78 -6.46 -31.76
CA LEU B 974 1.33 -6.50 -30.41
C LEU B 974 2.80 -6.92 -30.44
N ALA B 975 3.15 -7.91 -31.27
CA ALA B 975 4.54 -8.33 -31.36
C ALA B 975 5.43 -7.20 -31.89
N LEU B 976 5.03 -6.60 -33.00
CA LEU B 976 5.86 -5.54 -33.59
C LEU B 976 5.93 -4.31 -32.70
N SER B 977 4.90 -4.07 -31.89
CA SER B 977 4.94 -2.95 -30.94
C SER B 977 5.81 -3.28 -29.74
N THR B 978 5.83 -4.56 -29.32
CA THR B 978 6.72 -4.95 -28.24
C THR B 978 8.18 -4.82 -28.66
N ARG B 979 8.49 -5.17 -29.91
CA ARG B 979 9.87 -5.08 -30.38
C ARG B 979 10.17 -3.71 -30.99
N CYS B 980 9.88 -2.66 -30.25
CA CYS B 980 10.24 -1.29 -30.60
C CYS B 980 10.02 -0.42 -29.36
N ASN B 981 10.48 0.83 -29.44
CA ASN B 981 10.44 1.70 -28.27
C ASN B 981 9.78 3.05 -28.53
N THR B 982 9.30 3.32 -29.74
CA THR B 982 8.62 4.58 -30.03
C THR B 982 7.56 4.32 -31.12
N VAL B 983 6.32 4.12 -30.68
CA VAL B 983 5.20 3.92 -31.59
C VAL B 983 4.44 5.23 -31.70
N ILE B 984 4.37 5.79 -32.90
CA ILE B 984 3.70 7.05 -33.15
C ILE B 984 2.45 6.74 -33.97
N CYS B 985 1.28 6.97 -33.36
CA CYS B 985 -0.01 6.77 -34.02
C CYS B 985 -0.65 8.13 -34.26
N CYS B 986 -1.06 8.39 -35.50
CA CYS B 986 -1.53 9.70 -35.93
C CYS B 986 -3.00 9.64 -36.31
N ARG B 987 -3.75 10.68 -35.94
CA ARG B 987 -5.17 10.80 -36.28
C ARG B 987 -5.95 9.61 -35.74
N VAL B 988 -5.99 9.55 -34.41
CA VAL B 988 -6.60 8.45 -33.69
C VAL B 988 -7.95 8.91 -33.12
N SER B 989 -8.70 7.95 -32.57
CA SER B 989 -10.01 8.18 -31.99
C SER B 989 -10.01 7.76 -30.53
N PRO B 990 -10.89 8.36 -29.71
CA PRO B 990 -10.95 7.98 -28.28
C PRO B 990 -11.03 6.49 -28.03
N LEU B 991 -11.97 5.80 -28.67
CA LEU B 991 -12.10 4.36 -28.49
C LEU B 991 -10.81 3.65 -28.92
N GLN B 992 -10.17 4.15 -29.97
CA GLN B 992 -8.92 3.54 -30.43
C GLN B 992 -7.82 3.69 -29.39
N LYS B 993 -7.72 4.85 -28.74
CA LYS B 993 -6.72 5.04 -27.70
C LYS B 993 -6.98 4.12 -26.52
N ALA B 994 -8.24 4.05 -26.09
CA ALA B 994 -8.58 3.16 -24.98
C ALA B 994 -8.27 1.71 -25.33
N GLN B 995 -8.55 1.30 -26.56
CA GLN B 995 -8.26 -0.07 -26.98
C GLN B 995 -6.76 -0.32 -27.08
N ILE B 996 -5.97 0.68 -27.46
CA ILE B 996 -4.52 0.54 -27.44
C ILE B 996 -4.04 0.24 -26.02
N VAL B 997 -4.49 1.05 -25.06
CA VAL B 997 -4.03 0.87 -23.69
C VAL B 997 -4.50 -0.48 -23.15
N HIS B 998 -5.74 -0.86 -23.46
CA HIS B 998 -6.26 -2.14 -23.02
C HIS B 998 -5.47 -3.30 -23.62
N LEU B 999 -5.15 -3.22 -24.92
CA LEU B 999 -4.39 -4.27 -25.56
C LEU B 999 -3.04 -4.46 -24.88
N ILE B 1000 -2.29 -3.37 -24.71
CA ILE B 1000 -0.97 -3.49 -24.09
C ILE B 1000 -1.10 -4.04 -22.68
N LYS B 1001 -1.97 -3.43 -21.86
CA LYS B 1001 -2.06 -3.79 -20.45
C LYS B 1001 -2.51 -5.25 -20.28
N ASP B 1002 -3.49 -5.69 -21.08
CA ASP B 1002 -4.01 -7.04 -20.93
C ASP B 1002 -3.04 -8.07 -21.49
N ASN B 1003 -2.72 -7.99 -22.78
CA ASN B 1003 -1.92 -9.03 -23.40
C ASN B 1003 -0.51 -9.07 -22.81
N LEU B 1004 0.13 -7.91 -22.67
CA LEU B 1004 1.50 -7.91 -22.15
C LEU B 1004 1.53 -8.14 -20.65
N GLY B 1005 0.59 -7.56 -19.92
CA GLY B 1005 0.57 -7.66 -18.47
C GLY B 1005 1.51 -6.71 -17.76
N VAL B 1006 2.23 -5.88 -18.49
CA VAL B 1006 3.19 -4.97 -17.87
C VAL B 1006 2.47 -3.69 -17.43
N MET B 1007 3.11 -2.96 -16.52
CA MET B 1007 2.55 -1.71 -16.03
C MET B 1007 2.45 -0.68 -17.14
N CYS B 1008 1.39 0.11 -17.13
CA CYS B 1008 1.11 1.07 -18.18
C CYS B 1008 0.76 2.42 -17.57
N LEU B 1009 1.03 3.48 -18.31
CA LEU B 1009 0.72 4.84 -17.89
C LEU B 1009 0.14 5.60 -19.07
N ALA B 1010 -0.87 6.43 -18.79
CA ALA B 1010 -1.53 7.23 -19.79
C ALA B 1010 -1.60 8.68 -19.34
N ILE B 1011 -1.40 9.61 -20.26
CA ILE B 1011 -1.37 11.03 -19.95
C ILE B 1011 -2.07 11.80 -21.06
N GLY B 1012 -2.91 12.76 -20.67
CA GLY B 1012 -3.63 13.56 -21.65
C GLY B 1012 -4.46 14.62 -20.98
N ASP B 1013 -5.26 15.32 -21.79
CA ASP B 1013 -6.08 16.41 -21.29
C ASP B 1013 -7.55 16.33 -21.72
N GLY B 1014 -7.83 15.71 -22.86
CA GLY B 1014 -9.17 15.68 -23.40
C GLY B 1014 -10.01 14.55 -22.84
N ALA B 1015 -11.25 14.45 -23.37
CA ALA B 1015 -12.16 13.39 -22.94
C ALA B 1015 -11.66 12.02 -23.36
N ASN B 1016 -11.13 11.91 -24.58
CA ASN B 1016 -10.46 10.68 -24.99
C ASN B 1016 -9.38 10.31 -23.98
N ASP B 1017 -8.69 11.32 -23.46
CA ASP B 1017 -7.68 11.09 -22.45
C ASP B 1017 -8.31 10.60 -21.14
N VAL B 1018 -9.50 11.10 -20.78
CA VAL B 1018 -10.11 10.59 -19.56
C VAL B 1018 -10.49 9.13 -19.73
N SER B 1019 -10.92 8.73 -20.92
CA SER B 1019 -11.21 7.32 -21.16
C SER B 1019 -9.94 6.47 -21.05
N MET B 1020 -8.88 6.88 -21.75
CA MET B 1020 -7.64 6.11 -21.72
C MET B 1020 -6.97 6.12 -20.36
N ILE B 1021 -7.30 7.10 -19.51
CA ILE B 1021 -6.75 7.15 -18.17
C ILE B 1021 -7.55 6.27 -17.23
N GLN B 1022 -8.87 6.24 -17.39
CA GLN B 1022 -9.67 5.30 -16.62
C GLN B 1022 -9.26 3.87 -16.94
N ALA B 1023 -9.00 3.58 -18.22
CA ALA B 1023 -8.58 2.24 -18.63
C ALA B 1023 -7.05 2.13 -18.71
N ALA B 1024 -6.40 2.40 -17.57
CA ALA B 1024 -4.94 2.31 -17.51
C ALA B 1024 -4.52 1.99 -16.08
N ASP B 1025 -3.30 1.45 -15.95
CA ASP B 1025 -2.79 1.09 -14.62
C ASP B 1025 -2.55 2.34 -13.78
N VAL B 1026 -1.86 3.34 -14.33
CA VAL B 1026 -1.65 4.62 -13.68
C VAL B 1026 -2.03 5.71 -14.66
N GLY B 1027 -2.85 6.65 -14.21
CA GLY B 1027 -3.31 7.74 -15.05
C GLY B 1027 -2.73 9.07 -14.59
N VAL B 1028 -2.32 9.89 -15.56
CA VAL B 1028 -1.76 11.20 -15.30
C VAL B 1028 -2.52 12.23 -16.13
N GLY B 1029 -2.90 13.33 -15.50
CA GLY B 1029 -3.61 14.39 -16.18
C GLY B 1029 -2.80 15.68 -16.22
N ILE B 1030 -3.04 16.48 -17.25
CA ILE B 1030 -2.39 17.78 -17.41
C ILE B 1030 -3.46 18.85 -17.42
N SER B 1031 -3.29 19.86 -16.55
CA SER B 1031 -4.25 20.95 -16.43
C SER B 1031 -4.06 21.92 -17.60
N GLY B 1032 -4.47 21.46 -18.77
CA GLY B 1032 -4.37 22.25 -19.98
C GLY B 1032 -5.56 23.17 -20.15
N GLU B 1033 -5.61 23.80 -21.33
CA GLU B 1033 -6.68 24.73 -21.67
C GLU B 1033 -7.89 24.04 -22.29
N GLU B 1034 -7.82 22.74 -22.52
CA GLU B 1034 -8.93 22.02 -23.15
C GLU B 1034 -10.04 21.66 -22.17
N GLY B 1035 -9.80 21.81 -20.87
CA GLY B 1035 -10.80 21.49 -19.87
C GLY B 1035 -10.13 21.04 -18.59
N LEU B 1036 -10.93 20.38 -17.75
CA LEU B 1036 -10.43 19.87 -16.48
C LEU B 1036 -10.93 18.46 -16.19
N GLN B 1037 -11.56 17.79 -17.15
CA GLN B 1037 -12.04 16.43 -16.92
C GLN B 1037 -10.90 15.46 -16.68
N ALA B 1038 -9.80 15.61 -17.42
CA ALA B 1038 -8.68 14.69 -17.30
C ALA B 1038 -8.05 14.78 -15.91
N VAL B 1039 -7.89 15.98 -15.38
CA VAL B 1039 -7.33 16.14 -14.05
C VAL B 1039 -8.23 15.48 -13.02
N ASN B 1040 -9.55 15.67 -13.14
CA ASN B 1040 -10.47 15.07 -12.18
C ASN B 1040 -10.44 13.55 -12.24
N SER B 1041 -10.44 12.99 -13.44
CA SER B 1041 -10.46 11.54 -13.62
C SER B 1041 -9.05 11.04 -13.93
N SER B 1042 -8.15 11.19 -12.95
CA SER B 1042 -6.79 10.71 -13.09
C SER B 1042 -6.18 10.51 -11.71
N ASP B 1043 -5.14 9.70 -11.65
CA ASP B 1043 -4.44 9.45 -10.40
C ASP B 1043 -3.53 10.61 -10.01
N TYR B 1044 -2.89 11.25 -10.99
CA TYR B 1044 -2.02 12.38 -10.74
C TYR B 1044 -2.31 13.49 -11.73
N ALA B 1045 -2.15 14.72 -11.28
CA ALA B 1045 -2.44 15.92 -12.08
C ALA B 1045 -1.18 16.77 -12.15
N ILE B 1046 -0.34 16.48 -13.15
CA ILE B 1046 0.86 17.27 -13.39
C ILE B 1046 0.51 18.46 -14.27
N ALA B 1047 1.42 19.42 -14.39
CA ALA B 1047 1.23 20.55 -15.28
C ALA B 1047 2.17 20.58 -16.47
N GLN B 1048 3.25 19.80 -16.44
CA GLN B 1048 4.22 19.77 -17.53
C GLN B 1048 4.74 18.35 -17.70
N PHE B 1049 5.30 18.09 -18.89
CA PHE B 1049 5.80 16.75 -19.20
C PHE B 1049 7.13 16.47 -18.49
N ARG B 1050 7.99 17.48 -18.38
CA ARG B 1050 9.21 17.30 -17.60
C ARG B 1050 8.89 16.97 -16.15
N TYR B 1051 7.76 17.47 -15.66
CA TYR B 1051 7.29 17.06 -14.34
C TYR B 1051 6.99 15.57 -14.33
N LEU B 1052 6.45 15.04 -15.42
CA LEU B 1052 6.25 13.60 -15.52
C LEU B 1052 7.58 12.86 -15.45
N LYS B 1053 8.59 13.35 -16.16
CA LYS B 1053 9.91 12.71 -16.11
C LYS B 1053 10.44 12.66 -14.68
N ARG B 1054 10.48 13.82 -14.02
CA ARG B 1054 11.02 13.88 -12.66
C ARG B 1054 10.21 13.02 -11.71
N LEU B 1055 8.88 13.18 -11.72
CA LEU B 1055 8.00 12.39 -10.89
C LEU B 1055 8.29 10.91 -11.07
N LEU B 1056 8.11 10.40 -12.29
CA LEU B 1056 8.38 9.00 -12.57
C LEU B 1056 9.72 8.58 -11.99
N LEU B 1057 10.82 9.16 -12.50
CA LEU B 1057 12.13 8.67 -12.11
C LEU B 1057 12.33 8.72 -10.59
N VAL B 1058 12.43 9.93 -10.01
CA VAL B 1058 12.86 10.00 -8.62
C VAL B 1058 11.78 9.45 -7.69
N HIS B 1059 10.53 9.91 -7.85
CA HIS B 1059 9.50 9.54 -6.89
C HIS B 1059 9.15 8.06 -7.00
N GLY B 1060 8.93 7.56 -8.22
CA GLY B 1060 8.62 6.14 -8.35
C GLY B 1060 9.75 5.25 -7.89
N HIS B 1061 10.99 5.59 -8.25
CA HIS B 1061 12.11 4.76 -7.82
C HIS B 1061 12.21 4.71 -6.30
N TRP B 1062 12.20 5.89 -5.67
CA TRP B 1062 12.31 5.94 -4.22
C TRP B 1062 11.13 5.25 -3.56
N SER B 1063 9.91 5.45 -4.08
CA SER B 1063 8.73 4.87 -3.46
C SER B 1063 8.76 3.34 -3.55
N TYR B 1064 9.12 2.80 -4.71
CA TYR B 1064 9.21 1.35 -4.85
C TYR B 1064 10.26 0.78 -3.91
N PHE B 1065 11.44 1.41 -3.86
CA PHE B 1065 12.49 0.93 -2.97
C PHE B 1065 12.04 0.96 -1.51
N ARG B 1066 11.45 2.07 -1.09
CA ARG B 1066 11.03 2.23 0.30
C ARG B 1066 9.94 1.22 0.66
N ASN B 1067 8.94 1.06 -0.21
CA ASN B 1067 7.85 0.14 0.10
C ASN B 1067 8.35 -1.30 0.15
N SER B 1068 9.21 -1.70 -0.78
CA SER B 1068 9.74 -3.06 -0.77
C SER B 1068 10.52 -3.32 0.52
N SER B 1069 11.45 -2.42 0.86
CA SER B 1069 12.24 -2.61 2.07
C SER B 1069 11.36 -2.63 3.30
N MET B 1070 10.34 -1.76 3.33
CA MET B 1070 9.46 -1.68 4.50
C MET B 1070 8.68 -2.97 4.69
N ILE B 1071 8.07 -3.49 3.63
CA ILE B 1071 7.30 -4.73 3.74
C ILE B 1071 8.22 -5.87 4.17
N LEU B 1072 9.40 -5.97 3.55
CA LEU B 1072 10.30 -7.07 3.88
C LEU B 1072 10.75 -7.00 5.34
N ASN B 1073 11.08 -5.80 5.83
CA ASN B 1073 11.53 -5.69 7.21
C ASN B 1073 10.39 -5.94 8.20
N PHE B 1074 9.16 -5.56 7.85
CA PHE B 1074 8.02 -5.85 8.71
C PHE B 1074 7.83 -7.36 8.85
N PHE B 1075 7.86 -8.07 7.73
CA PHE B 1075 7.78 -9.52 7.79
C PHE B 1075 8.95 -10.10 8.57
N TYR B 1076 10.13 -9.49 8.45
CA TYR B 1076 11.31 -9.97 9.16
C TYR B 1076 11.12 -9.88 10.67
N LYS B 1077 10.64 -8.74 11.17
CA LYS B 1077 10.49 -8.59 12.61
C LYS B 1077 9.40 -9.51 13.15
N ASN B 1078 8.28 -9.62 12.42
CA ASN B 1078 7.24 -10.56 12.85
C ASN B 1078 7.78 -11.98 12.91
N ILE B 1079 8.57 -12.38 11.90
CA ILE B 1079 9.17 -13.70 11.89
C ILE B 1079 10.16 -13.87 13.03
N ILE B 1080 10.88 -12.82 13.40
CA ILE B 1080 11.81 -12.91 14.52
C ILE B 1080 11.05 -13.29 15.78
N GLY B 1081 9.97 -12.56 16.08
CA GLY B 1081 9.20 -12.87 17.28
C GLY B 1081 8.61 -14.27 17.25
N ILE B 1082 7.97 -14.61 16.14
CA ILE B 1082 7.33 -15.92 16.03
C ILE B 1082 8.37 -17.03 16.12
N GLY B 1083 9.55 -16.81 15.55
CA GLY B 1083 10.58 -17.82 15.57
C GLY B 1083 11.14 -18.05 16.95
N VAL B 1084 11.35 -16.99 17.73
CA VAL B 1084 11.81 -17.19 19.10
C VAL B 1084 10.76 -18.00 19.87
N LEU B 1085 9.49 -17.65 19.71
CA LEU B 1085 8.44 -18.42 20.38
C LEU B 1085 8.46 -19.88 19.95
N PHE B 1086 8.62 -20.14 18.66
CA PHE B 1086 8.61 -21.50 18.15
C PHE B 1086 9.79 -22.31 18.70
N TRP B 1087 10.98 -21.72 18.67
CA TRP B 1087 12.16 -22.42 19.18
C TRP B 1087 12.02 -22.72 20.66
N PHE B 1088 11.31 -21.86 21.42
CA PHE B 1088 10.95 -22.27 22.77
C PHE B 1088 9.96 -23.43 22.75
N MET B 1089 9.00 -23.39 21.83
CA MET B 1089 7.99 -24.45 21.75
C MET B 1089 8.61 -25.80 21.47
N ILE B 1090 9.84 -25.83 20.98
CA ILE B 1090 10.56 -27.11 20.85
C ILE B 1090 10.73 -27.76 22.22
N TYR B 1091 10.99 -26.97 23.26
CA TYR B 1091 11.34 -27.48 24.58
C TYR B 1091 10.21 -27.37 25.60
N CYS B 1092 8.96 -27.51 25.15
CA CYS B 1092 7.84 -27.42 26.10
C CYS B 1092 6.76 -28.46 25.81
N GLY B 1093 7.08 -29.53 25.10
CA GLY B 1093 6.05 -30.48 24.72
C GLY B 1093 5.12 -29.98 23.64
N TRP B 1094 5.49 -28.89 22.97
CA TRP B 1094 4.64 -28.26 21.95
C TRP B 1094 3.27 -27.92 22.52
N SER B 1095 3.26 -27.36 23.73
CA SER B 1095 2.03 -26.99 24.41
C SER B 1095 1.58 -25.57 24.09
N THR B 1096 2.29 -24.86 23.22
CA THR B 1096 1.95 -23.51 22.79
C THR B 1096 1.87 -22.55 23.97
N THR B 1097 2.98 -22.48 24.71
CA THR B 1097 3.12 -21.58 25.84
C THR B 1097 4.13 -20.49 25.49
N TYR B 1098 3.75 -19.24 25.70
CA TYR B 1098 4.64 -18.13 25.36
C TYR B 1098 5.75 -18.03 26.40
N VAL B 1099 7.00 -18.12 25.94
CA VAL B 1099 8.13 -18.02 26.85
C VAL B 1099 8.18 -16.64 27.47
N PHE B 1100 7.98 -15.60 26.66
CA PHE B 1100 8.00 -14.23 27.15
C PHE B 1100 6.78 -13.98 28.03
N ALA B 1101 6.87 -12.93 28.85
CA ALA B 1101 5.67 -12.39 29.45
C ALA B 1101 4.78 -11.83 28.35
N TYR B 1102 3.46 -11.92 28.56
CA TYR B 1102 2.54 -11.52 27.51
C TYR B 1102 2.63 -10.03 27.19
N VAL B 1103 3.19 -9.22 28.09
CA VAL B 1103 3.35 -7.80 27.80
C VAL B 1103 4.32 -7.60 26.64
N TYR B 1104 5.44 -8.32 26.63
CA TYR B 1104 6.40 -8.18 25.54
C TYR B 1104 5.83 -8.68 24.23
N LEU B 1105 5.09 -9.79 24.27
CA LEU B 1105 4.50 -10.34 23.06
C LEU B 1105 3.39 -9.45 22.52
N LEU B 1106 2.63 -8.79 23.39
CA LEU B 1106 1.50 -7.98 22.98
C LEU B 1106 1.93 -6.67 22.34
N PHE B 1107 3.15 -6.21 22.61
CA PHE B 1107 3.64 -4.93 22.12
C PHE B 1107 4.80 -5.11 21.14
N TRP B 1108 4.70 -6.08 20.24
CA TRP B 1108 5.76 -6.27 19.25
C TRP B 1108 5.51 -5.46 17.99
N ASN B 1109 4.35 -5.63 17.36
CA ASN B 1109 4.02 -4.87 16.16
C ASN B 1109 3.85 -3.38 16.42
N VAL B 1110 3.73 -2.99 17.69
CA VAL B 1110 3.59 -1.59 18.09
C VAL B 1110 4.63 -1.34 19.18
N PHE B 1111 4.91 -0.05 19.39
CA PHE B 1111 5.88 0.38 20.41
C PHE B 1111 7.30 -0.07 20.10
N TRP B 1112 7.56 -1.38 20.11
CA TRP B 1112 8.94 -1.85 20.00
C TRP B 1112 9.50 -1.58 18.61
N THR B 1113 8.92 -2.20 17.57
CA THR B 1113 9.44 -2.10 16.21
C THR B 1113 8.32 -1.75 15.23
N LEU B 1114 8.02 -0.45 15.14
CA LEU B 1114 7.22 0.06 14.02
C LEU B 1114 7.88 1.31 13.46
N VAL B 1115 8.57 2.05 14.35
CA VAL B 1115 9.23 3.28 13.93
C VAL B 1115 10.32 3.03 12.90
N PRO B 1116 11.20 2.02 13.03
CA PRO B 1116 12.17 1.78 11.95
C PRO B 1116 11.52 1.47 10.61
N VAL B 1117 10.41 0.72 10.62
CA VAL B 1117 9.71 0.43 9.37
C VAL B 1117 9.15 1.70 8.76
N ILE B 1118 8.56 2.57 9.59
CA ILE B 1118 8.03 3.84 9.08
C ILE B 1118 9.15 4.69 8.53
N ALA B 1119 10.30 4.72 9.22
CA ALA B 1119 11.43 5.52 8.76
C ALA B 1119 11.96 5.01 7.44
N ILE B 1120 12.03 3.69 7.26
CA ILE B 1120 12.45 3.13 5.98
C ILE B 1120 11.44 3.50 4.89
N GLY B 1121 10.15 3.45 5.22
CA GLY B 1121 9.14 3.81 4.24
C GLY B 1121 9.19 5.27 3.82
N LEU B 1122 9.56 6.16 4.74
CA LEU B 1122 9.49 7.60 4.48
C LEU B 1122 10.82 8.18 3.99
N PHE B 1123 11.88 8.07 4.80
CA PHE B 1123 13.08 8.85 4.62
C PHE B 1123 14.21 8.08 3.93
N ASP B 1124 13.96 6.86 3.45
CA ASP B 1124 15.04 6.05 2.90
C ASP B 1124 15.32 6.44 1.45
N ARG B 1125 16.61 6.49 1.11
CA ARG B 1125 17.07 6.77 -0.24
C ARG B 1125 18.14 5.77 -0.63
N ASN B 1126 18.17 5.44 -1.92
CA ASN B 1126 19.25 4.62 -2.47
C ASN B 1126 20.33 5.46 -3.14
N ILE B 1127 19.98 6.63 -3.65
CA ILE B 1127 20.94 7.54 -4.25
C ILE B 1127 20.27 8.91 -4.34
N ASP B 1128 21.08 9.96 -4.31
CA ASP B 1128 20.54 11.31 -4.33
C ASP B 1128 19.81 11.58 -5.65
N ASP B 1129 18.81 12.45 -5.59
CA ASP B 1129 17.95 12.69 -6.75
C ASP B 1129 18.70 13.30 -7.92
N GLU B 1130 19.81 13.98 -7.68
CA GLU B 1130 20.60 14.54 -8.78
C GLU B 1130 21.12 13.44 -9.69
N THR B 1131 21.63 12.35 -9.09
CA THR B 1131 22.13 11.25 -9.90
C THR B 1131 21.01 10.58 -10.69
N LEU B 1132 19.84 10.42 -10.08
CA LEU B 1132 18.72 9.82 -10.78
C LEU B 1132 18.27 10.69 -11.95
N MET B 1133 18.25 12.01 -11.75
CA MET B 1133 17.84 12.91 -12.83
C MET B 1133 18.92 13.01 -13.91
N ALA B 1134 20.17 12.79 -13.55
CA ALA B 1134 21.27 12.89 -14.51
C ALA B 1134 21.47 11.63 -15.31
N LEU B 1135 21.33 10.46 -14.67
CA LEU B 1135 21.53 9.17 -15.33
C LEU B 1135 20.25 8.35 -15.19
N PRO B 1136 19.33 8.47 -16.16
CA PRO B 1136 18.08 7.69 -16.08
C PRO B 1136 18.29 6.19 -16.20
N GLU B 1137 19.48 5.73 -16.57
CA GLU B 1137 19.71 4.30 -16.75
C GLU B 1137 19.62 3.52 -15.45
N LEU B 1138 19.65 4.20 -14.30
CA LEU B 1138 19.50 3.53 -13.02
C LEU B 1138 18.07 3.06 -12.78
N TYR B 1139 17.13 3.43 -13.65
CA TYR B 1139 15.73 3.06 -13.52
C TYR B 1139 15.48 1.59 -13.81
N ARG B 1140 16.51 0.84 -14.24
CA ARG B 1140 16.32 -0.57 -14.57
C ARG B 1140 15.83 -1.37 -13.38
N ALA B 1141 16.42 -1.13 -12.21
CA ALA B 1141 16.09 -1.93 -11.03
C ALA B 1141 14.61 -1.77 -10.64
N SER B 1142 14.11 -0.53 -10.66
CA SER B 1142 12.71 -0.31 -10.31
C SER B 1142 11.77 -0.77 -11.42
N ARG B 1143 12.16 -0.52 -12.68
CA ARG B 1143 11.32 -0.90 -13.80
C ARG B 1143 11.20 -2.41 -13.93
N GLU B 1144 12.30 -3.13 -13.71
CA GLU B 1144 12.30 -4.58 -13.83
C GLU B 1144 11.79 -5.29 -12.59
N GLY B 1145 11.43 -4.56 -11.54
CA GLY B 1145 10.92 -5.17 -10.33
C GLY B 1145 11.93 -6.01 -9.59
N LYS B 1146 13.17 -5.53 -9.48
CA LYS B 1146 14.22 -6.24 -8.76
C LYS B 1146 14.18 -5.98 -7.26
N TYR B 1147 13.28 -5.13 -6.79
CA TYR B 1147 13.24 -4.76 -5.38
C TYR B 1147 12.24 -5.56 -4.56
N PHE B 1148 11.23 -6.16 -5.19
CA PHE B 1148 10.19 -6.85 -4.44
C PHE B 1148 9.68 -8.02 -5.26
N GLY B 1149 10.06 -9.23 -4.86
CA GLY B 1149 9.54 -10.44 -5.46
C GLY B 1149 9.23 -11.48 -4.40
N LEU B 1150 9.53 -12.74 -4.69
CA LEU B 1150 9.38 -13.81 -3.70
C LEU B 1150 10.70 -14.35 -3.19
N MET B 1151 11.77 -14.26 -3.98
CA MET B 1151 13.08 -14.69 -3.51
C MET B 1151 13.55 -13.81 -2.35
N ARG B 1152 13.33 -12.49 -2.46
CA ARG B 1152 13.68 -11.60 -1.35
C ARG B 1152 12.86 -11.91 -0.12
N PHE B 1153 11.57 -12.20 -0.30
CA PHE B 1153 10.73 -12.57 0.82
C PHE B 1153 11.25 -13.83 1.50
N ALA B 1154 11.63 -14.84 0.71
CA ALA B 1154 12.18 -16.07 1.28
C ALA B 1154 13.48 -15.79 2.02
N TYR B 1155 14.33 -14.93 1.44
CA TYR B 1155 15.59 -14.60 2.10
C TYR B 1155 15.36 -13.91 3.44
N TYR B 1156 14.41 -12.98 3.49
CA TYR B 1156 14.15 -12.31 4.76
C TYR B 1156 13.53 -13.25 5.78
N ILE B 1157 12.65 -14.15 5.35
CA ILE B 1157 12.08 -15.13 6.27
C ILE B 1157 13.18 -16.04 6.83
N PHE B 1158 14.09 -16.50 5.96
CA PHE B 1158 15.18 -17.35 6.41
C PHE B 1158 16.11 -16.62 7.36
N GLU B 1159 16.38 -15.34 7.07
CA GLU B 1159 17.23 -14.55 7.96
C GLU B 1159 16.59 -14.39 9.33
N GLY B 1160 15.28 -14.13 9.36
CA GLY B 1160 14.59 -14.04 10.63
C GLY B 1160 14.64 -15.35 11.40
N VAL B 1161 14.43 -16.47 10.70
CA VAL B 1161 14.48 -17.77 11.36
C VAL B 1161 15.87 -18.02 11.94
N TYR B 1162 16.91 -17.73 11.16
CA TYR B 1162 18.28 -17.95 11.61
C TYR B 1162 18.60 -17.09 12.84
N GLN B 1163 18.24 -15.81 12.79
CA GLN B 1163 18.56 -14.93 13.91
C GLN B 1163 17.78 -15.30 15.15
N SER B 1164 16.50 -15.67 14.99
CA SER B 1164 15.72 -16.11 16.13
C SER B 1164 16.31 -17.37 16.76
N ALA B 1165 16.73 -18.31 15.91
CA ALA B 1165 17.37 -19.52 16.42
C ALA B 1165 18.65 -19.18 17.18
N VAL B 1166 19.48 -18.30 16.63
CA VAL B 1166 20.72 -17.93 17.30
C VAL B 1166 20.41 -17.33 18.67
N ILE B 1167 19.52 -16.35 18.71
CA ILE B 1167 19.18 -15.69 19.97
C ILE B 1167 18.69 -16.71 20.99
N TYR B 1168 17.64 -17.45 20.63
CA TYR B 1168 17.01 -18.33 21.59
C TYR B 1168 17.98 -19.40 22.08
N PHE B 1169 18.65 -20.10 21.15
CA PHE B 1169 19.48 -21.21 21.56
C PHE B 1169 20.69 -20.74 22.37
N PHE B 1170 21.35 -19.66 21.95
CA PHE B 1170 22.50 -19.20 22.70
C PHE B 1170 22.12 -18.76 24.10
N LEU B 1171 21.04 -17.98 24.23
CA LEU B 1171 20.65 -17.54 25.57
C LEU B 1171 20.13 -18.70 26.41
N ASN B 1172 19.45 -19.67 25.78
CA ASN B 1172 18.97 -20.83 26.52
C ASN B 1172 20.12 -21.63 27.11
N TYR B 1173 21.09 -21.99 26.26
CA TYR B 1173 22.23 -22.75 26.76
C TYR B 1173 23.12 -21.93 27.68
N THR B 1174 23.08 -20.61 27.58
CA THR B 1174 23.71 -19.77 28.59
C THR B 1174 23.02 -19.93 29.94
N TYR B 1175 21.69 -19.94 29.94
CA TYR B 1175 20.93 -20.03 31.18
C TYR B 1175 20.70 -21.46 31.65
N VAL B 1176 21.23 -22.46 30.96
CA VAL B 1176 21.19 -23.82 31.49
C VAL B 1176 22.29 -23.93 32.52
N THR B 1177 21.97 -23.60 33.77
CA THR B 1177 22.94 -23.49 34.84
C THR B 1177 22.19 -23.52 36.16
N THR B 1178 22.89 -23.18 37.24
CA THR B 1178 22.27 -23.18 38.57
C THR B 1178 21.71 -21.81 38.92
N THR B 1179 22.51 -20.76 38.77
CA THR B 1179 22.08 -19.46 39.27
C THR B 1179 22.14 -18.34 38.24
N ALA B 1180 23.17 -18.33 37.38
CA ALA B 1180 23.42 -17.23 36.44
C ALA B 1180 23.60 -15.90 37.15
N ARG B 1181 23.98 -15.93 38.42
CA ARG B 1181 24.19 -14.72 39.21
C ARG B 1181 25.06 -15.08 40.42
N GLY B 1182 25.49 -14.04 41.13
CA GLY B 1182 26.30 -14.25 42.31
C GLY B 1182 25.53 -14.57 43.58
N ASP B 1183 24.21 -14.38 43.57
CA ASP B 1183 23.40 -14.58 44.76
C ASP B 1183 22.81 -15.98 44.87
N GLY B 1184 22.97 -16.82 43.83
CA GLY B 1184 22.54 -18.19 43.89
C GLY B 1184 21.08 -18.43 43.54
N TYR B 1185 20.31 -17.39 43.26
CA TYR B 1185 18.91 -17.56 42.98
C TYR B 1185 18.72 -18.32 41.67
N ASP B 1186 17.67 -19.14 41.61
CA ASP B 1186 17.45 -20.02 40.48
C ASP B 1186 17.12 -19.23 39.23
N VAL B 1187 17.46 -19.81 38.08
CA VAL B 1187 17.09 -19.26 36.79
C VAL B 1187 15.73 -19.83 36.41
N TYR B 1188 14.74 -18.97 36.33
CA TYR B 1188 13.40 -19.36 35.93
C TYR B 1188 13.10 -18.82 34.53
N MET B 1189 11.89 -19.10 34.06
CA MET B 1189 11.59 -18.90 32.64
C MET B 1189 11.69 -17.44 32.23
N TYR B 1190 11.21 -16.53 33.08
CA TYR B 1190 11.06 -15.15 32.64
C TYR B 1190 12.38 -14.39 32.55
N GLU B 1191 13.40 -14.77 33.32
CA GLU B 1191 14.70 -14.12 33.15
C GLU B 1191 15.24 -14.37 31.75
N MET B 1192 15.31 -15.64 31.35
CA MET B 1192 15.79 -15.98 30.02
C MET B 1192 14.85 -15.42 28.95
N SER B 1193 13.55 -15.42 29.22
CA SER B 1193 12.60 -14.88 28.26
C SER B 1193 12.83 -13.39 28.03
N THR B 1194 13.03 -12.63 29.10
CA THR B 1194 13.22 -11.19 28.96
C THR B 1194 14.55 -10.90 28.30
N THR B 1195 15.59 -11.66 28.63
CA THR B 1195 16.86 -11.49 27.94
C THR B 1195 16.72 -11.73 26.44
N GLN B 1196 16.01 -12.80 26.06
CA GLN B 1196 15.81 -13.10 24.66
C GLN B 1196 14.95 -12.03 23.98
N ALA B 1197 13.95 -11.51 24.68
CA ALA B 1197 13.11 -10.47 24.09
C ALA B 1197 13.89 -9.19 23.83
N ILE B 1198 14.72 -8.77 24.79
CA ILE B 1198 15.55 -7.60 24.59
C ILE B 1198 16.53 -7.83 23.45
N GLY B 1199 17.14 -9.01 23.41
CA GLY B 1199 18.05 -9.33 22.31
C GLY B 1199 17.36 -9.31 20.96
N ALA B 1200 16.14 -9.84 20.90
CA ALA B 1200 15.39 -9.86 19.64
C ALA B 1200 15.02 -8.45 19.19
N VAL B 1201 14.60 -7.60 20.13
CA VAL B 1201 14.29 -6.22 19.78
C VAL B 1201 15.54 -5.51 19.25
N MET B 1202 16.67 -5.69 19.94
CA MET B 1202 17.92 -5.09 19.46
C MET B 1202 18.28 -5.59 18.07
N VAL B 1203 18.15 -6.90 17.85
CA VAL B 1203 18.52 -7.48 16.56
C VAL B 1203 17.64 -6.94 15.45
N ALA B 1204 16.32 -6.89 15.70
CA ALA B 1204 15.39 -6.42 14.68
C ALA B 1204 15.65 -4.96 14.33
N ASN B 1205 15.82 -4.12 15.36
CA ASN B 1205 16.03 -2.70 15.11
C ASN B 1205 17.36 -2.45 14.40
N LEU B 1206 18.42 -3.13 14.84
CA LEU B 1206 19.71 -2.92 14.19
C LEU B 1206 19.74 -3.52 12.78
N PHE B 1207 18.94 -4.55 12.52
CA PHE B 1207 18.82 -5.06 11.16
C PHE B 1207 18.14 -4.04 10.26
N SER B 1208 17.04 -3.46 10.73
CA SER B 1208 16.38 -2.41 9.98
C SER B 1208 17.32 -1.23 9.73
N GLY B 1209 18.11 -0.87 10.74
CA GLY B 1209 19.09 0.19 10.55
C GLY B 1209 20.17 -0.17 9.56
N LEU B 1210 20.66 -1.41 9.61
CA LEU B 1210 21.68 -1.86 8.68
C LEU B 1210 21.17 -1.85 7.26
N ASN B 1211 19.86 -2.02 7.06
CA ASN B 1211 19.26 -1.93 5.74
C ASN B 1211 18.87 -0.50 5.37
N ILE B 1212 19.49 0.50 5.98
CA ILE B 1212 19.22 1.90 5.69
C ILE B 1212 20.49 2.54 5.15
N ASP B 1213 20.36 3.26 4.03
CA ASP B 1213 21.49 3.93 3.40
C ASP B 1213 21.30 5.44 3.38
N ALA B 1214 20.39 5.97 4.20
CA ALA B 1214 20.05 7.40 4.22
C ALA B 1214 20.00 7.91 5.66
N TRP B 1215 21.06 7.64 6.42
CA TRP B 1215 21.08 7.97 7.85
C TRP B 1215 21.12 9.47 8.04
N THR B 1216 19.96 10.08 8.30
CA THR B 1216 19.88 11.50 8.64
C THR B 1216 18.91 11.66 9.83
N GLY B 1217 19.44 11.49 11.04
CA GLY B 1217 18.74 11.89 12.24
C GLY B 1217 17.51 11.07 12.60
N TRP B 1218 16.52 11.04 11.71
CA TRP B 1218 15.25 10.40 12.03
C TRP B 1218 15.41 8.89 12.18
N VAL B 1219 16.22 8.28 11.31
CA VAL B 1219 16.45 6.84 11.42
C VAL B 1219 17.24 6.52 12.68
N TRP B 1220 18.18 7.38 13.05
CA TRP B 1220 18.86 7.25 14.33
C TRP B 1220 17.84 7.23 15.46
N PHE B 1221 16.92 8.19 15.45
CA PHE B 1221 15.90 8.28 16.49
C PHE B 1221 15.07 7.01 16.56
N ALA B 1222 14.63 6.50 15.40
CA ALA B 1222 13.81 5.30 15.39
C ALA B 1222 14.58 4.10 15.94
N ILE B 1223 15.78 3.85 15.39
CA ILE B 1223 16.55 2.65 15.70
C ILE B 1223 16.97 2.63 17.17
N TRP B 1224 17.28 3.80 17.73
CA TRP B 1224 17.67 3.84 19.13
C TRP B 1224 16.58 4.38 20.04
N PHE B 1225 15.35 4.45 19.56
CA PHE B 1225 14.19 4.72 20.39
C PHE B 1225 13.36 3.47 20.65
N GLY B 1226 13.33 2.53 19.71
CA GLY B 1226 12.68 1.26 19.96
C GLY B 1226 13.29 0.51 21.14
N PRO B 1227 14.54 0.07 20.98
CA PRO B 1227 15.23 -0.60 22.08
C PRO B 1227 15.36 0.24 23.33
N PHE B 1228 15.49 1.55 23.20
CA PHE B 1228 15.45 2.42 24.38
C PHE B 1228 14.13 2.27 25.11
N LEU B 1229 13.03 2.22 24.35
CA LEU B 1229 11.72 2.05 24.96
C LEU B 1229 11.61 0.72 25.68
N ILE B 1230 12.11 -0.36 25.07
CA ILE B 1230 11.99 -1.65 25.74
C ILE B 1230 12.87 -1.71 26.98
N TRP B 1231 14.05 -1.08 26.94
CA TRP B 1231 14.91 -1.05 28.11
C TRP B 1231 14.26 -0.28 29.25
N VAL B 1232 13.65 0.87 28.94
CA VAL B 1232 12.96 1.63 29.98
C VAL B 1232 11.77 0.84 30.52
N PHE B 1233 11.04 0.15 29.64
CA PHE B 1233 9.90 -0.64 30.08
C PHE B 1233 10.34 -1.77 31.00
N THR B 1234 11.45 -2.43 30.68
CA THR B 1234 11.94 -3.49 31.56
C THR B 1234 12.44 -2.92 32.89
N ALA B 1235 13.05 -1.74 32.85
CA ALA B 1235 13.56 -1.14 34.09
C ALA B 1235 12.43 -0.73 35.02
N VAL B 1236 11.34 -0.17 34.48
CA VAL B 1236 10.29 0.39 35.31
C VAL B 1236 9.21 -0.65 35.62
N TYR B 1237 8.84 -1.47 34.64
CA TYR B 1237 7.75 -2.43 34.81
C TYR B 1237 8.08 -3.48 35.85
N SER B 1238 9.37 -3.72 36.11
CA SER B 1238 9.78 -4.76 37.04
C SER B 1238 9.95 -4.24 38.46
N VAL B 1239 9.65 -2.97 38.73
CA VAL B 1239 9.69 -2.42 40.07
C VAL B 1239 8.31 -2.15 40.63
N ILE B 1240 7.26 -2.46 39.88
CA ILE B 1240 5.88 -2.29 40.36
C ILE B 1240 5.62 -3.34 41.42
N PRO B 1241 5.26 -2.96 42.65
CA PRO B 1241 5.11 -3.94 43.71
C PRO B 1241 3.92 -4.85 43.42
N PRO B 1242 3.93 -6.08 43.97
CA PRO B 1242 2.79 -6.98 43.74
C PRO B 1242 1.49 -6.49 44.34
N SER B 1243 1.51 -5.41 45.12
CA SER B 1243 0.27 -4.87 45.68
C SER B 1243 -0.71 -4.48 44.59
N SER B 1244 -0.22 -4.03 43.44
CA SER B 1244 -1.07 -3.76 42.30
C SER B 1244 -0.32 -4.20 41.04
N PHE B 1245 -1.09 -4.64 40.04
CA PHE B 1245 -0.51 -5.05 38.78
C PHE B 1245 0.52 -6.17 38.96
N TYR B 1246 0.04 -7.36 39.34
CA TYR B 1246 0.88 -8.51 39.67
C TYR B 1246 2.13 -8.63 38.80
N THR B 1247 1.96 -8.50 37.48
CA THR B 1247 3.04 -8.27 36.51
C THR B 1247 3.92 -9.48 36.26
N GLY B 1248 3.82 -10.50 37.10
CA GLY B 1248 4.49 -11.78 36.89
C GLY B 1248 6.00 -11.75 36.72
N VAL B 1249 6.63 -10.58 36.77
CA VAL B 1249 8.06 -10.48 36.47
C VAL B 1249 8.77 -9.67 37.52
N TYR B 1250 8.15 -9.50 38.69
CA TYR B 1250 8.75 -8.69 39.75
C TYR B 1250 10.12 -9.25 40.16
N GLY B 1251 11.18 -8.49 39.88
CA GLY B 1251 12.53 -8.89 40.22
C GLY B 1251 13.49 -8.97 39.05
N ASN B 1252 13.02 -8.81 37.81
CA ASN B 1252 13.93 -8.89 36.67
C ASN B 1252 14.92 -7.72 36.66
N ASP B 1253 14.54 -6.58 37.26
CA ASP B 1253 15.49 -5.49 37.41
C ASP B 1253 16.68 -5.88 38.28
N VAL B 1254 16.52 -6.90 39.11
CA VAL B 1254 17.62 -7.43 39.91
C VAL B 1254 18.21 -8.70 39.30
N PHE B 1255 17.45 -9.44 38.50
CA PHE B 1255 17.89 -10.72 37.98
C PHE B 1255 18.54 -10.63 36.60
N LEU B 1256 18.38 -9.52 35.90
CA LEU B 1256 18.95 -9.36 34.56
C LEU B 1256 20.05 -8.32 34.52
N PHE B 1257 19.78 -7.10 34.99
CA PHE B 1257 20.77 -6.04 34.94
C PHE B 1257 21.96 -6.31 35.84
N ARG B 1258 21.81 -7.18 36.83
CA ARG B 1258 22.90 -7.55 37.73
C ARG B 1258 23.56 -8.86 37.35
N SER B 1259 23.18 -9.46 36.23
CA SER B 1259 23.69 -10.76 35.82
C SER B 1259 24.63 -10.60 34.63
N ALA B 1260 25.81 -11.20 34.72
CA ALA B 1260 26.75 -11.14 33.62
C ALA B 1260 26.23 -11.89 32.40
N ALA B 1261 25.39 -12.90 32.60
CA ALA B 1261 24.84 -13.66 31.49
C ALA B 1261 24.04 -12.75 30.56
N TYR B 1262 23.19 -11.91 31.12
CA TYR B 1262 22.39 -10.99 30.31
C TYR B 1262 23.28 -10.00 29.55
N TRP B 1263 24.18 -9.33 30.28
CA TRP B 1263 25.01 -8.28 29.71
C TRP B 1263 26.03 -8.80 28.71
N PHE B 1264 26.38 -10.08 28.76
CA PHE B 1264 27.29 -10.68 27.79
C PHE B 1264 26.57 -11.56 26.79
N GLY B 1265 25.27 -11.75 26.93
CA GLY B 1265 24.51 -12.53 25.99
C GLY B 1265 23.81 -11.66 24.97
N TRP B 1266 23.17 -10.59 25.40
CA TRP B 1266 22.48 -9.73 24.44
C TRP B 1266 23.42 -9.13 23.40
N PRO B 1267 24.61 -8.58 23.75
CA PRO B 1267 25.49 -8.11 22.67
C PRO B 1267 26.02 -9.25 21.81
N PHE B 1268 26.29 -10.40 22.42
CA PHE B 1268 26.79 -11.53 21.66
C PHE B 1268 25.76 -12.00 20.63
N VAL B 1269 24.51 -12.15 21.06
CA VAL B 1269 23.49 -12.61 20.13
C VAL B 1269 23.22 -11.56 19.07
N THR B 1270 23.29 -10.27 19.44
CA THR B 1270 23.11 -9.22 18.45
C THR B 1270 24.20 -9.28 17.39
N ILE B 1271 25.45 -9.37 17.81
CA ILE B 1271 26.57 -9.41 16.86
C ILE B 1271 26.50 -10.64 15.98
N ILE B 1272 26.23 -11.81 16.58
CA ILE B 1272 26.21 -13.04 15.81
C ILE B 1272 25.05 -13.05 14.83
N ALA B 1273 23.87 -12.55 15.24
CA ALA B 1273 22.74 -12.47 14.34
C ALA B 1273 23.00 -11.53 13.18
N LEU B 1274 23.63 -10.39 13.45
CA LEU B 1274 23.83 -9.39 12.39
C LEU B 1274 25.05 -9.67 11.53
N LEU B 1275 25.96 -10.54 11.96
CA LEU B 1275 27.20 -10.75 11.21
C LEU B 1275 26.96 -11.31 9.81
N PRO B 1276 26.17 -12.39 9.61
CA PRO B 1276 25.96 -12.86 8.23
C PRO B 1276 25.35 -11.81 7.33
N ARG B 1277 24.40 -11.02 7.85
CA ARG B 1277 23.81 -9.96 7.04
C ARG B 1277 24.85 -8.92 6.65
N TYR B 1278 25.70 -8.52 7.60
CA TYR B 1278 26.72 -7.53 7.31
C TYR B 1278 27.70 -8.04 6.26
N LEU B 1279 28.16 -9.28 6.42
CA LEU B 1279 29.12 -9.83 5.47
C LEU B 1279 28.49 -10.00 4.09
N ILE B 1280 27.24 -10.46 4.03
CA ILE B 1280 26.57 -10.63 2.74
C ILE B 1280 26.37 -9.28 2.05
N LYS B 1281 25.97 -8.26 2.82
CA LYS B 1281 25.78 -6.93 2.25
C LYS B 1281 27.10 -6.37 1.73
N THR B 1282 28.18 -6.54 2.50
CA THR B 1282 29.48 -6.05 2.05
C THR B 1282 29.95 -6.77 0.79
N PHE B 1283 29.77 -8.09 0.75
CA PHE B 1283 30.19 -8.84 -0.43
C PHE B 1283 29.34 -8.52 -1.65
N ARG B 1284 28.05 -8.24 -1.45
CA ARG B 1284 27.22 -7.83 -2.57
C ARG B 1284 27.59 -6.43 -3.06
N GLN B 1285 28.03 -5.57 -2.15
CA GLN B 1285 28.46 -4.24 -2.57
C GLN B 1285 29.80 -4.28 -3.30
N ASN B 1286 30.71 -5.15 -2.87
CA ASN B 1286 32.07 -5.17 -3.40
C ASN B 1286 32.25 -6.16 -4.54
N ILE B 1287 32.02 -7.45 -4.29
CA ILE B 1287 32.32 -8.48 -5.26
C ILE B 1287 31.36 -8.40 -6.45
N PHE B 1288 30.07 -8.24 -6.18
CA PHE B 1288 29.04 -8.27 -7.22
C PHE B 1288 28.17 -7.03 -7.11
N PRO B 1289 28.72 -5.85 -7.41
CA PRO B 1289 27.96 -4.62 -7.21
C PRO B 1289 26.87 -4.44 -8.24
N ASN B 1290 25.93 -3.56 -7.92
CA ASN B 1290 24.89 -3.12 -8.85
C ASN B 1290 25.29 -1.77 -9.46
N ASP B 1291 24.51 -1.36 -10.46
CA ASP B 1291 24.74 -0.03 -11.04
C ASP B 1291 24.50 1.06 -10.01
N VAL B 1292 23.42 0.93 -9.23
CA VAL B 1292 23.10 1.93 -8.22
C VAL B 1292 24.18 1.95 -7.13
N ASP B 1293 24.62 0.78 -6.68
CA ASP B 1293 25.67 0.73 -5.67
C ASP B 1293 26.97 1.32 -6.19
N THR B 1294 27.33 1.00 -7.43
CA THR B 1294 28.56 1.55 -8.01
C THR B 1294 28.48 3.06 -8.13
N MET B 1295 27.33 3.59 -8.57
CA MET B 1295 27.18 5.03 -8.68
C MET B 1295 27.19 5.70 -7.32
N ARG B 1296 26.62 5.03 -6.30
CA ARG B 1296 26.69 5.57 -4.94
C ARG B 1296 28.14 5.66 -4.47
N LEU B 1297 28.93 4.63 -4.72
CA LEU B 1297 30.34 4.67 -4.35
C LEU B 1297 31.07 5.78 -5.12
N VAL B 1298 30.76 5.93 -6.41
CA VAL B 1298 31.42 6.95 -7.22
C VAL B 1298 31.10 8.34 -6.68
N ARG B 1299 29.83 8.58 -6.35
CA ARG B 1299 29.45 9.88 -5.80
C ARG B 1299 30.09 10.13 -4.44
N LYS B 1300 30.17 9.09 -3.60
CA LYS B 1300 30.70 9.29 -2.25
C LYS B 1300 32.20 9.52 -2.27
N TYR B 1301 32.94 8.75 -3.07
CA TYR B 1301 34.39 8.83 -3.04
C TYR B 1301 34.98 9.78 -4.07
N HIS B 1302 34.23 10.14 -5.11
CA HIS B 1302 34.71 11.06 -6.15
C HIS B 1302 33.67 12.15 -6.37
N PRO B 1303 33.57 13.12 -5.46
CA PRO B 1303 32.58 14.20 -5.64
C PRO B 1303 32.88 15.08 -6.84
N GLU B 1304 34.12 15.12 -7.32
CA GLU B 1304 34.49 16.00 -8.42
C GLU B 1304 34.47 15.23 -9.74
N VAL B 1305 33.27 14.78 -10.10
CA VAL B 1305 33.03 14.09 -11.36
C VAL B 1305 31.82 14.75 -12.04
N ASP B 1306 31.97 15.07 -13.32
CA ASP B 1306 30.89 15.68 -14.09
C ASP B 1306 30.09 14.57 -14.75
N LEU B 1307 28.97 14.20 -14.12
CA LEU B 1307 28.13 13.12 -14.64
C LEU B 1307 27.64 13.41 -16.05
N TYR B 1308 27.34 14.68 -16.34
CA TYR B 1308 26.78 15.03 -17.64
C TYR B 1308 27.82 15.00 -18.76
N ASN B 1309 29.10 15.17 -18.44
CA ASN B 1309 30.16 15.27 -19.44
C ASN B 1309 31.36 14.43 -19.04
N HIS B 1310 31.12 13.17 -18.68
CA HIS B 1310 32.24 12.27 -18.41
C HIS B 1310 32.28 11.17 -19.46
N PRO B 1311 33.47 10.80 -19.94
CA PRO B 1311 33.54 9.79 -21.02
C PRO B 1311 32.94 8.45 -20.67
N MET B 1312 33.03 8.01 -19.40
CA MET B 1312 32.48 6.74 -18.99
C MET B 1312 31.17 6.89 -18.22
N LEU B 1313 30.45 7.98 -18.46
CA LEU B 1313 29.20 8.29 -17.77
C LEU B 1313 28.32 9.06 -18.75
N GLY B 1314 27.34 9.79 -18.21
CA GLY B 1314 26.38 10.52 -19.02
C GLY B 1314 26.94 11.36 -20.14
N GLY B 1315 28.24 11.64 -20.11
CA GLY B 1315 28.89 12.25 -21.25
C GLY B 1315 28.79 11.39 -22.50
N LYS B 1316 28.85 10.07 -22.33
CA LYS B 1316 28.59 9.15 -23.43
C LYS B 1316 27.11 9.14 -23.83
N LEU B 1317 26.24 9.79 -23.04
CA LEU B 1317 24.80 9.77 -23.26
C LEU B 1317 24.26 8.35 -23.21
N ALA B 1318 24.81 7.55 -22.31
CA ALA B 1318 24.38 6.16 -22.13
C ALA B 1318 24.52 5.74 -20.67
C1 NAG C . 7.81 -47.58 52.26
C2 NAG C . 7.57 -47.34 50.76
C3 NAG C . 6.09 -47.05 50.51
C4 NAG C . 5.23 -48.15 51.09
C5 NAG C . 5.55 -48.34 52.56
C6 NAG C . 4.79 -49.49 53.20
C7 NAG C . 9.14 -46.34 49.15
C8 NAG C . 9.06 -47.64 48.41
N2 NAG C . 8.40 -46.26 50.26
O3 NAG C . 5.88 -46.93 49.11
O4 NAG C . 3.84 -47.81 50.94
O5 NAG C . 6.94 -48.63 52.72
O6 NAG C . 5.55 -50.68 53.16
O7 NAG C . 9.82 -45.41 48.76
C1 NAG C . 3.25 -48.67 49.95
C2 NAG C . 1.77 -48.32 49.82
C3 NAG C . 1.11 -49.16 48.73
C4 NAG C . 1.89 -49.04 47.42
C5 NAG C . 3.36 -49.38 47.64
C6 NAG C . 4.21 -49.17 46.41
C7 NAG C . 0.95 -49.63 51.76
C8 NAG C . 0.19 -49.56 53.04
N2 NAG C . 1.07 -48.47 51.09
O3 NAG C . -0.23 -48.73 48.55
O4 NAG C . 1.34 -49.94 46.45
O5 NAG C . 3.90 -48.52 48.67
O6 NAG C . 3.77 -50.00 45.35
O7 NAG C . 1.43 -50.68 51.34
C1 NAG D . 4.31 -35.80 48.24
C2 NAG D . 3.31 -36.56 49.12
C3 NAG D . 2.68 -37.70 48.34
C4 NAG D . 2.06 -37.18 47.04
C5 NAG D . 3.12 -36.43 46.25
C6 NAG D . 2.56 -35.78 44.99
C7 NAG D . 4.22 -36.32 51.39
C8 NAG D . 4.90 -37.01 52.52
N2 NAG D . 3.97 -37.06 50.31
O3 NAG D . 1.67 -38.32 49.13
O4 NAG D . 1.56 -38.27 46.28
O5 NAG D . 3.64 -35.36 47.05
O6 NAG D . 2.84 -34.39 44.97
O7 NAG D . 3.89 -35.14 51.44
C1 NAG D . 0.13 -38.09 46.04
C2 NAG D . -0.36 -39.23 45.14
C3 NAG D . -1.86 -39.10 44.90
C4 NAG D . -2.62 -38.98 46.22
C5 NAG D . -2.00 -37.88 47.09
C6 NAG D . -2.61 -37.80 48.47
C7 NAG D . 1.49 -39.92 43.68
C8 NAG D . 2.08 -39.81 42.30
N2 NAG D . 0.35 -39.25 43.87
O3 NAG D . -2.32 -40.24 44.18
O4 NAG D . -3.97 -38.65 45.94
O5 NAG D . -0.60 -38.10 47.27
O6 NAG D . -2.73 -39.09 49.05
O7 NAG D . 2.03 -40.57 44.57
C1 BMA D . -4.88 -39.67 46.36
C2 BMA D . -6.28 -39.02 46.38
C3 BMA D . -7.36 -40.07 46.67
C4 BMA D . -7.21 -41.29 45.76
C5 BMA D . -5.79 -41.85 45.90
C6 BMA D . -5.57 -43.09 45.06
O2 BMA D . -6.59 -38.48 45.10
O3 BMA D . -8.66 -39.52 46.53
O4 BMA D . -8.15 -42.28 46.12
O5 BMA D . -4.86 -40.82 45.51
O6 BMA D . -4.88 -42.72 43.88
C1 MAN D . -5.63 -43.16 42.73
C2 MAN D . -5.11 -42.31 41.55
C3 MAN D . -6.04 -42.38 40.33
C4 MAN D . -7.53 -42.23 40.71
C5 MAN D . -7.91 -43.21 41.84
C6 MAN D . -7.92 -44.68 41.44
O2 MAN D . -3.85 -42.80 41.09
O3 MAN D . -5.81 -43.54 39.54
O4 MAN D . -7.83 -40.92 41.18
O5 MAN D . -7.02 -43.02 42.97
O6 MAN D . -8.78 -45.38 42.35
C1 MAN D . -7.91 -39.88 40.16
C2 MAN D . -8.55 -40.44 38.85
C3 MAN D . -7.95 -39.70 37.64
C4 MAN D . -7.65 -38.23 37.99
C5 MAN D . -6.55 -38.17 39.07
C6 MAN D . -6.67 -36.96 39.98
O2 MAN D . -9.95 -40.17 38.80
O3 MAN D . -8.80 -39.77 36.51
O4 MAN D . -7.20 -37.55 36.84
O5 MAN D . -6.61 -39.35 39.91
O6 MAN D . -6.13 -37.31 41.25
C1 MAN D . -9.11 -39.07 47.83
C2 MAN D . -10.64 -39.23 47.87
C3 MAN D . -11.31 -38.19 46.97
C4 MAN D . -10.80 -36.78 47.26
C5 MAN D . -9.28 -36.77 47.13
C6 MAN D . -8.67 -35.42 47.46
O2 MAN D . -11.16 -38.97 49.19
O3 MAN D . -12.74 -38.23 47.08
O4 MAN D . -11.36 -35.86 46.36
O5 MAN D . -8.72 -37.72 48.05
O6 MAN D . -9.32 -34.43 46.67
C1 NAG E . 27.45 -26.04 62.36
C2 NAG E . 28.96 -25.88 62.32
C3 NAG E . 29.59 -26.59 63.52
C4 NAG E . 28.95 -26.13 64.82
C5 NAG E . 27.42 -26.21 64.73
C6 NAG E . 26.74 -25.60 65.93
C7 NAG E . 30.26 -25.66 60.25
C8 NAG E . 30.74 -26.36 59.01
N2 NAG E . 29.51 -26.40 61.08
O3 NAG E . 30.99 -26.33 63.55
O4 NAG E . 29.38 -26.97 65.88
O5 NAG E . 26.95 -25.50 63.58
O6 NAG E . 26.23 -24.31 65.63
O7 NAG E . 30.53 -24.49 60.49
C1 NAG E . 30.33 -26.28 66.72
C2 NAG E . 30.26 -26.87 68.11
C3 NAG E . 31.28 -26.22 69.02
C4 NAG E . 32.67 -26.28 68.40
C5 NAG E . 32.65 -25.71 66.98
C6 NAG E . 33.96 -25.86 66.27
C7 NAG E . 28.02 -27.74 68.64
C8 NAG E . 26.69 -27.43 69.26
N2 NAG E . 28.91 -26.75 68.67
O3 NAG E . 31.29 -26.86 70.30
O4 NAG E . 33.60 -25.54 69.20
O5 NAG E . 31.66 -26.40 66.20
O6 NAG E . 34.35 -27.22 66.17
O7 NAG E . 28.27 -28.83 68.11
C1 NAG F . 26.83 -38.00 65.56
C2 NAG F . 25.76 -39.06 65.27
C3 NAG F . 24.95 -39.34 66.53
C4 NAG F . 25.87 -39.69 67.69
C5 NAG F . 26.94 -38.63 67.87
C6 NAG F . 27.96 -38.99 68.92
C7 NAG F . 24.96 -39.16 62.95
C8 NAG F . 25.99 -40.24 62.75
N2 NAG F . 24.90 -38.64 64.18
O3 NAG F . 24.04 -40.40 66.29
O4 NAG F . 25.12 -39.81 68.89
O5 NAG F . 27.66 -38.44 66.64
O6 NAG F . 29.28 -39.00 68.38
O7 NAG F . 24.22 -38.79 62.05
MG MG G . -5.31 16.28 -26.06
#